data_5V8A
# 
_entry.id   5V8A 
# 
_audit_conform.dict_name       mmcif_pdbx.dic 
_audit_conform.dict_version    5.379 
_audit_conform.dict_location   http://mmcif.pdb.org/dictionaries/ascii/mmcif_pdbx.dic 
# 
loop_
_database_2.database_id 
_database_2.database_code 
_database_2.pdbx_database_accession 
_database_2.pdbx_DOI 
PDB   5V8A         pdb_00005v8a 10.2210/pdb5v8a/pdb 
WWPDB D_1000227032 ?            ?                   
# 
loop_
_pdbx_database_related.db_name 
_pdbx_database_related.details 
_pdbx_database_related.db_id 
_pdbx_database_related.content_type 
PDB . 5V6G unspecified 
PDB . 5V7B unspecified 
PDB . 5V7S unspecified 
# 
_pdbx_database_status.status_code                     REL 
_pdbx_database_status.status_code_sf                  REL 
_pdbx_database_status.status_code_mr                  ? 
_pdbx_database_status.entry_id                        5V8A 
_pdbx_database_status.recvd_initial_deposition_date   2017-03-21 
_pdbx_database_status.SG_entry                        N 
_pdbx_database_status.deposit_site                    RCSB 
_pdbx_database_status.process_site                    RCSB 
_pdbx_database_status.status_code_cs                  ? 
_pdbx_database_status.methods_development_category    ? 
_pdbx_database_status.pdb_format_compatible           Y 
_pdbx_database_status.status_code_nmr_data            ? 
# 
loop_
_audit_author.name 
_audit_author.pdbx_ordinal 
_audit_author.identifier_ORCID 
'Musayev, F.N.' 1 ? 
'Safo, M.K.'    2 ? 
'Desai, U.R.'   3 ? 
'Xie, H.'       4 ? 
'Mosier, P.D.'  5 ? 
'Zhou, Q.'      6 ? 
'Chiang, M.-J.' 7 ? 
'Kosikova, M.'  8 ? 
# 
_citation.abstract                  ? 
_citation.abstract_id_CAS           ? 
_citation.book_id_ISBN              ? 
_citation.book_publisher            ? 
_citation.book_publisher_city       ? 
_citation.book_title                ? 
_citation.coordinate_linkage        ? 
_citation.country                   US 
_citation.database_id_Medline       ? 
_citation.details                   ? 
_citation.id                        primary 
_citation.journal_abbrev            'Emerg Microbes Infect' 
_citation.journal_id_ASTM           ? 
_citation.journal_id_CSD            ? 
_citation.journal_id_ISSN           2222-1751 
_citation.journal_full              ? 
_citation.journal_issue             ? 
_citation.journal_volume            6 
_citation.language                  ? 
_citation.page_first                e108 
_citation.page_last                 e108 
_citation.title                     
'Maintaining pH-dependent conformational flexibility of M1 is critical for efficient influenza A virus replication.' 
_citation.year                      2017 
_citation.database_id_CSD           ? 
_citation.pdbx_database_id_DOI      10.1038/emi.2017.96 
_citation.pdbx_database_id_PubMed   29209052 
_citation.unpublished_flag          ? 
# 
loop_
_citation_author.citation_id 
_citation_author.name 
_citation_author.ordinal 
_citation_author.identifier_ORCID 
primary 'Chiang, M.J.'   1  ? 
primary 'Musayev, F.N.'  2  ? 
primary 'Kosikova, M.'   3  ? 
primary 'Lin, Z.'        4  ? 
primary 'Gao, Y.'        5  ? 
primary 'Mosier, P.D.'   6  ? 
primary 'Althufairi, B.' 7  ? 
primary 'Ye, Z.'         8  ? 
primary 'Zhou, Q.'       9  ? 
primary 'Desai, U.R.'    10 ? 
primary 'Xie, H.'        11 ? 
primary 'Safo, M.K.'     12 ? 
# 
_cell.entry_id           5V8A 
_cell.length_a           27.664 
_cell.length_b           33.341 
_cell.length_c           36.151 
_cell.angle_alpha        112.18 
_cell.angle_beta         100.38 
_cell.angle_gamma        94.21 
_cell.Z_PDB              1 
_cell.pdbx_unique_axis   ? 
# 
_symmetry.entry_id                         5V8A 
_symmetry.space_group_name_H-M             'P 1' 
_symmetry.pdbx_full_space_group_name_H-M   ? 
_symmetry.cell_setting                     ? 
_symmetry.Int_Tables_number                1 
# 
loop_
_entity.id 
_entity.type 
_entity.src_method 
_entity.pdbx_description 
_entity.formula_weight 
_entity.pdbx_number_of_molecules 
_entity.pdbx_ec 
_entity.pdbx_mutation 
_entity.pdbx_fragment 
_entity.details 
1 polymer man 'Matrix protein 1' 19098.055 1 ? 'G88R, R101S, R105S' ? ? 
2 water   nat water              18.015    2 ? ?                    ? ? 
# 
_entity_name_com.entity_id   1 
_entity_name_com.name        M1 
# 
_entity_poly.entity_id                      1 
_entity_poly.type                           'polypeptide(L)' 
_entity_poly.nstd_linkage                   no 
_entity_poly.nstd_monomer                   no 
_entity_poly.pdbx_seq_one_letter_code       
;MHHHHHHSLLTEVETYVLSIVPSGPLKAEIAQRLEDVFAGKNTDLEVLMEWLKTRPILSPLTKGILGFVFTLTVPSERGL
QRRRFVQNALNGNRDPNNMDKAVKLYSKLKSEITFHGAKEIALSYSAGALASCMGLIYNRMGAVTTEVAFGLVCATCEQI
ADSQHRSHRQM
;
_entity_poly.pdbx_seq_one_letter_code_can   
;MHHHHHHSLLTEVETYVLSIVPSGPLKAEIAQRLEDVFAGKNTDLEVLMEWLKTRPILSPLTKGILGFVFTLTVPSERGL
QRRRFVQNALNGNRDPNNMDKAVKLYSKLKSEITFHGAKEIALSYSAGALASCMGLIYNRMGAVTTEVAFGLVCATCEQI
ADSQHRSHRQM
;
_entity_poly.pdbx_strand_id                 A 
_entity_poly.pdbx_target_identifier         ? 
# 
loop_
_entity_poly_seq.entity_id 
_entity_poly_seq.num 
_entity_poly_seq.mon_id 
_entity_poly_seq.hetero 
1 1   MET n 
1 2   HIS n 
1 3   HIS n 
1 4   HIS n 
1 5   HIS n 
1 6   HIS n 
1 7   HIS n 
1 8   SER n 
1 9   LEU n 
1 10  LEU n 
1 11  THR n 
1 12  GLU n 
1 13  VAL n 
1 14  GLU n 
1 15  THR n 
1 16  TYR n 
1 17  VAL n 
1 18  LEU n 
1 19  SER n 
1 20  ILE n 
1 21  VAL n 
1 22  PRO n 
1 23  SER n 
1 24  GLY n 
1 25  PRO n 
1 26  LEU n 
1 27  LYS n 
1 28  ALA n 
1 29  GLU n 
1 30  ILE n 
1 31  ALA n 
1 32  GLN n 
1 33  ARG n 
1 34  LEU n 
1 35  GLU n 
1 36  ASP n 
1 37  VAL n 
1 38  PHE n 
1 39  ALA n 
1 40  GLY n 
1 41  LYS n 
1 42  ASN n 
1 43  THR n 
1 44  ASP n 
1 45  LEU n 
1 46  GLU n 
1 47  VAL n 
1 48  LEU n 
1 49  MET n 
1 50  GLU n 
1 51  TRP n 
1 52  LEU n 
1 53  LYS n 
1 54  THR n 
1 55  ARG n 
1 56  PRO n 
1 57  ILE n 
1 58  LEU n 
1 59  SER n 
1 60  PRO n 
1 61  LEU n 
1 62  THR n 
1 63  LYS n 
1 64  GLY n 
1 65  ILE n 
1 66  LEU n 
1 67  GLY n 
1 68  PHE n 
1 69  VAL n 
1 70  PHE n 
1 71  THR n 
1 72  LEU n 
1 73  THR n 
1 74  VAL n 
1 75  PRO n 
1 76  SER n 
1 77  GLU n 
1 78  ARG n 
1 79  GLY n 
1 80  LEU n 
1 81  GLN n 
1 82  ARG n 
1 83  ARG n 
1 84  ARG n 
1 85  PHE n 
1 86  VAL n 
1 87  GLN n 
1 88  ASN n 
1 89  ALA n 
1 90  LEU n 
1 91  ASN n 
1 92  GLY n 
1 93  ASN n 
1 94  ARG n 
1 95  ASP n 
1 96  PRO n 
1 97  ASN n 
1 98  ASN n 
1 99  MET n 
1 100 ASP n 
1 101 LYS n 
1 102 ALA n 
1 103 VAL n 
1 104 LYS n 
1 105 LEU n 
1 106 TYR n 
1 107 SER n 
1 108 LYS n 
1 109 LEU n 
1 110 LYS n 
1 111 SER n 
1 112 GLU n 
1 113 ILE n 
1 114 THR n 
1 115 PHE n 
1 116 HIS n 
1 117 GLY n 
1 118 ALA n 
1 119 LYS n 
1 120 GLU n 
1 121 ILE n 
1 122 ALA n 
1 123 LEU n 
1 124 SER n 
1 125 TYR n 
1 126 SER n 
1 127 ALA n 
1 128 GLY n 
1 129 ALA n 
1 130 LEU n 
1 131 ALA n 
1 132 SER n 
1 133 CYS n 
1 134 MET n 
1 135 GLY n 
1 136 LEU n 
1 137 ILE n 
1 138 TYR n 
1 139 ASN n 
1 140 ARG n 
1 141 MET n 
1 142 GLY n 
1 143 ALA n 
1 144 VAL n 
1 145 THR n 
1 146 THR n 
1 147 GLU n 
1 148 VAL n 
1 149 ALA n 
1 150 PHE n 
1 151 GLY n 
1 152 LEU n 
1 153 VAL n 
1 154 CYS n 
1 155 ALA n 
1 156 THR n 
1 157 CYS n 
1 158 GLU n 
1 159 GLN n 
1 160 ILE n 
1 161 ALA n 
1 162 ASP n 
1 163 SER n 
1 164 GLN n 
1 165 HIS n 
1 166 ARG n 
1 167 SER n 
1 168 HIS n 
1 169 ARG n 
1 170 GLN n 
1 171 MET n 
# 
_entity_src_gen.entity_id                          1 
_entity_src_gen.pdbx_src_id                        1 
_entity_src_gen.pdbx_alt_source_flag               sample 
_entity_src_gen.pdbx_seq_type                      'Biological sequence' 
_entity_src_gen.pdbx_beg_seq_num                   1 
_entity_src_gen.pdbx_end_seq_num                   171 
_entity_src_gen.gene_src_common_name               ? 
_entity_src_gen.gene_src_genus                     ? 
_entity_src_gen.pdbx_gene_src_gene                 ? 
_entity_src_gen.gene_src_species                   ? 
_entity_src_gen.gene_src_strain                    'A/Wilson-Smith/1933 H1N1' 
_entity_src_gen.gene_src_tissue                    ? 
_entity_src_gen.gene_src_tissue_fraction           ? 
_entity_src_gen.gene_src_details                   ? 
_entity_src_gen.pdbx_gene_src_fragment             ? 
_entity_src_gen.pdbx_gene_src_scientific_name      'Influenza A virus (strain A/Wilson-Smith/1933 H1N1)' 
_entity_src_gen.pdbx_gene_src_ncbi_taxonomy_id     381518 
_entity_src_gen.pdbx_gene_src_variant              ? 
_entity_src_gen.pdbx_gene_src_cell_line            ? 
_entity_src_gen.pdbx_gene_src_atcc                 ? 
_entity_src_gen.pdbx_gene_src_organ                ? 
_entity_src_gen.pdbx_gene_src_organelle            ? 
_entity_src_gen.pdbx_gene_src_cell                 ? 
_entity_src_gen.pdbx_gene_src_cellular_location    ? 
_entity_src_gen.host_org_common_name               ? 
_entity_src_gen.pdbx_host_org_scientific_name      'Escherichia coli' 
_entity_src_gen.pdbx_host_org_ncbi_taxonomy_id     562 
_entity_src_gen.host_org_genus                     ? 
_entity_src_gen.pdbx_host_org_gene                 ? 
_entity_src_gen.pdbx_host_org_organ                ? 
_entity_src_gen.host_org_species                   ? 
_entity_src_gen.pdbx_host_org_tissue               ? 
_entity_src_gen.pdbx_host_org_tissue_fraction      ? 
_entity_src_gen.pdbx_host_org_strain               'Nico21 (DE3)' 
_entity_src_gen.pdbx_host_org_variant              ? 
_entity_src_gen.pdbx_host_org_cell_line            ? 
_entity_src_gen.pdbx_host_org_atcc                 ? 
_entity_src_gen.pdbx_host_org_culture_collection   ? 
_entity_src_gen.pdbx_host_org_cell                 ? 
_entity_src_gen.pdbx_host_org_organelle            ? 
_entity_src_gen.pdbx_host_org_cellular_location    ? 
_entity_src_gen.pdbx_host_org_vector_type          Plazmid 
_entity_src_gen.pdbx_host_org_vector               ? 
_entity_src_gen.host_org_details                   ? 
_entity_src_gen.expression_system_id               ? 
_entity_src_gen.plasmid_name                       pET30a 
_entity_src_gen.plasmid_details                    ? 
_entity_src_gen.pdbx_description                   ? 
# 
_struct_ref.id                         1 
_struct_ref.db_name                    UNP 
_struct_ref.db_code                    M1_I33A0 
_struct_ref.pdbx_db_accession          P05777 
_struct_ref.pdbx_db_isoform            ? 
_struct_ref.entity_id                  1 
_struct_ref.pdbx_seq_one_letter_code   
;SLLTEVETYVLSIVPSGPLKAEIAQRLEDVFAGKNTDLEVLMEWLKTRPILSPLTKGILGFVFTLTVPSERGLQRRRFVQ
NALNGNGDPNNMDKAVKLYRKLKREITFHGAKEIALSYSAGALASCMGLIYNRMGAVTTEVAFGLVCATCEQIADSQHRS
HRQM
;
_struct_ref.pdbx_align_begin           2 
# 
_struct_ref_seq.align_id                      1 
_struct_ref_seq.ref_id                        1 
_struct_ref_seq.pdbx_PDB_id_code              5V8A 
_struct_ref_seq.pdbx_strand_id                A 
_struct_ref_seq.seq_align_beg                 8 
_struct_ref_seq.pdbx_seq_align_beg_ins_code   ? 
_struct_ref_seq.seq_align_end                 171 
_struct_ref_seq.pdbx_seq_align_end_ins_code   ? 
_struct_ref_seq.pdbx_db_accession             P05777 
_struct_ref_seq.db_align_beg                  2 
_struct_ref_seq.pdbx_db_align_beg_ins_code    ? 
_struct_ref_seq.db_align_end                  165 
_struct_ref_seq.pdbx_db_align_end_ins_code    ? 
_struct_ref_seq.pdbx_auth_seq_align_beg       2 
_struct_ref_seq.pdbx_auth_seq_align_end       165 
# 
loop_
_struct_ref_seq_dif.align_id 
_struct_ref_seq_dif.pdbx_pdb_id_code 
_struct_ref_seq_dif.mon_id 
_struct_ref_seq_dif.pdbx_pdb_strand_id 
_struct_ref_seq_dif.seq_num 
_struct_ref_seq_dif.pdbx_pdb_ins_code 
_struct_ref_seq_dif.pdbx_seq_db_name 
_struct_ref_seq_dif.pdbx_seq_db_accession_code 
_struct_ref_seq_dif.db_mon_id 
_struct_ref_seq_dif.pdbx_seq_db_seq_num 
_struct_ref_seq_dif.details 
_struct_ref_seq_dif.pdbx_auth_seq_num 
_struct_ref_seq_dif.pdbx_ordinal 
1 5V8A MET A 1   ? UNP P05777 ?   ?   'expression tag'      -5  1  
1 5V8A HIS A 2   ? UNP P05777 ?   ?   'expression tag'      -4  2  
1 5V8A HIS A 3   ? UNP P05777 ?   ?   'expression tag'      -3  3  
1 5V8A HIS A 4   ? UNP P05777 ?   ?   'expression tag'      -2  4  
1 5V8A HIS A 5   ? UNP P05777 ?   ?   'expression tag'      -1  5  
1 5V8A HIS A 6   ? UNP P05777 ?   ?   'expression tag'      0   6  
1 5V8A HIS A 7   ? UNP P05777 ?   ?   'expression tag'      1   7  
1 5V8A ARG A 94  ? UNP P05777 GLY 88  'engineered mutation' 88  8  
1 5V8A SER A 107 ? UNP P05777 ARG 101 'engineered mutation' 101 9  
1 5V8A SER A 111 ? UNP P05777 ARG 105 'engineered mutation' 105 10 
# 
loop_
_chem_comp.id 
_chem_comp.type 
_chem_comp.mon_nstd_flag 
_chem_comp.name 
_chem_comp.pdbx_synonyms 
_chem_comp.formula 
_chem_comp.formula_weight 
ALA 'L-peptide linking' y ALANINE         ? 'C3 H7 N O2'     89.093  
ARG 'L-peptide linking' y ARGININE        ? 'C6 H15 N4 O2 1' 175.209 
ASN 'L-peptide linking' y ASPARAGINE      ? 'C4 H8 N2 O3'    132.118 
ASP 'L-peptide linking' y 'ASPARTIC ACID' ? 'C4 H7 N O4'     133.103 
CYS 'L-peptide linking' y CYSTEINE        ? 'C3 H7 N O2 S'   121.158 
GLN 'L-peptide linking' y GLUTAMINE       ? 'C5 H10 N2 O3'   146.144 
GLU 'L-peptide linking' y 'GLUTAMIC ACID' ? 'C5 H9 N O4'     147.129 
GLY 'peptide linking'   y GLYCINE         ? 'C2 H5 N O2'     75.067  
HIS 'L-peptide linking' y HISTIDINE       ? 'C6 H10 N3 O2 1' 156.162 
HOH non-polymer         . WATER           ? 'H2 O'           18.015  
ILE 'L-peptide linking' y ISOLEUCINE      ? 'C6 H13 N O2'    131.173 
LEU 'L-peptide linking' y LEUCINE         ? 'C6 H13 N O2'    131.173 
LYS 'L-peptide linking' y LYSINE          ? 'C6 H15 N2 O2 1' 147.195 
MET 'L-peptide linking' y METHIONINE      ? 'C5 H11 N O2 S'  149.211 
PHE 'L-peptide linking' y PHENYLALANINE   ? 'C9 H11 N O2'    165.189 
PRO 'L-peptide linking' y PROLINE         ? 'C5 H9 N O2'     115.130 
SER 'L-peptide linking' y SERINE          ? 'C3 H7 N O3'     105.093 
THR 'L-peptide linking' y THREONINE       ? 'C4 H9 N O3'     119.119 
TRP 'L-peptide linking' y TRYPTOPHAN      ? 'C11 H12 N2 O2'  204.225 
TYR 'L-peptide linking' y TYROSINE        ? 'C9 H11 N O3'    181.189 
VAL 'L-peptide linking' y VALINE          ? 'C5 H11 N O2'    117.146 
# 
_exptl.absorpt_coefficient_mu     ? 
_exptl.absorpt_correction_T_max   ? 
_exptl.absorpt_correction_T_min   ? 
_exptl.absorpt_correction_type    ? 
_exptl.absorpt_process_details    ? 
_exptl.entry_id                   5V8A 
_exptl.crystals_number            1 
_exptl.details                    ? 
_exptl.method                     'X-RAY DIFFRACTION' 
_exptl.method_details             ? 
# 
_exptl_crystal.colour                      ? 
_exptl_crystal.density_diffrn              ? 
_exptl_crystal.density_Matthews            1.57 
_exptl_crystal.density_method              ? 
_exptl_crystal.density_percent_sol         21.75 
_exptl_crystal.description                 ? 
_exptl_crystal.F_000                       ? 
_exptl_crystal.id                          1 
_exptl_crystal.preparation                 ? 
_exptl_crystal.size_max                    ? 
_exptl_crystal.size_mid                    ? 
_exptl_crystal.size_min                    ? 
_exptl_crystal.size_rad                    ? 
_exptl_crystal.colour_lustre               ? 
_exptl_crystal.colour_modifier             ? 
_exptl_crystal.colour_primary              ? 
_exptl_crystal.density_meas                ? 
_exptl_crystal.density_meas_esd            ? 
_exptl_crystal.density_meas_gt             ? 
_exptl_crystal.density_meas_lt             ? 
_exptl_crystal.density_meas_temp           ? 
_exptl_crystal.density_meas_temp_esd       ? 
_exptl_crystal.density_meas_temp_gt        ? 
_exptl_crystal.density_meas_temp_lt        ? 
_exptl_crystal.pdbx_crystal_image_url      ? 
_exptl_crystal.pdbx_crystal_image_format   ? 
_exptl_crystal.pdbx_mosaicity              ? 
_exptl_crystal.pdbx_mosaicity_esd          ? 
# 
_exptl_crystal_grow.apparatus       ? 
_exptl_crystal_grow.atmosphere      ? 
_exptl_crystal_grow.crystal_id      1 
_exptl_crystal_grow.details         ? 
_exptl_crystal_grow.method          'VAPOR DIFFUSION, SITTING DROP' 
_exptl_crystal_grow.method_ref      ? 
_exptl_crystal_grow.pH              7.3 
_exptl_crystal_grow.pressure        ? 
_exptl_crystal_grow.pressure_esd    ? 
_exptl_crystal_grow.seeding         ? 
_exptl_crystal_grow.seeding_ref     ? 
_exptl_crystal_grow.temp            293 
_exptl_crystal_grow.temp_details    ? 
_exptl_crystal_grow.temp_esd        ? 
_exptl_crystal_grow.time            ? 
_exptl_crystal_grow.pdbx_details    
;Protein solution: 10 mg/ml in K2HPO4/KH2PO4, 0.2M NaCl, 10bME, pH 7.2.
Reservoir solution: 0.2M NaF, 20% PEG-3350, pH 7.3
;
_exptl_crystal_grow.pdbx_pH_range   ? 
# 
_diffrn.ambient_environment    ? 
_diffrn.ambient_temp           100 
_diffrn.ambient_temp_details   ? 
_diffrn.ambient_temp_esd       ? 
_diffrn.crystal_id             1 
_diffrn.crystal_support        ? 
_diffrn.crystal_treatment      ? 
_diffrn.details                ? 
_diffrn.id                     1 
_diffrn.ambient_pressure       ? 
_diffrn.ambient_pressure_esd   ? 
_diffrn.ambient_pressure_gt    ? 
_diffrn.ambient_pressure_lt    ? 
_diffrn.ambient_temp_gt        ? 
_diffrn.ambient_temp_lt        ? 
# 
_diffrn_detector.details                      ? 
_diffrn_detector.detector                     'IMAGE PLATE' 
_diffrn_detector.diffrn_id                    1 
_diffrn_detector.type                         'RIGAKU RAXIS IV++' 
_diffrn_detector.area_resol_mean              ? 
_diffrn_detector.dtime                        ? 
_diffrn_detector.pdbx_frames_total            ? 
_diffrn_detector.pdbx_collection_time_total   ? 
_diffrn_detector.pdbx_collection_date         2016-04-26 
# 
_diffrn_radiation.collimation                      ? 
_diffrn_radiation.diffrn_id                        1 
_diffrn_radiation.filter_edge                      ? 
_diffrn_radiation.inhomogeneity                    ? 
_diffrn_radiation.monochromator                    ? 
_diffrn_radiation.polarisn_norm                    ? 
_diffrn_radiation.polarisn_ratio                   ? 
_diffrn_radiation.probe                            ? 
_diffrn_radiation.type                             ? 
_diffrn_radiation.xray_symbol                      ? 
_diffrn_radiation.wavelength_id                    1 
_diffrn_radiation.pdbx_monochromatic_or_laue_m_l   M 
_diffrn_radiation.pdbx_wavelength_list             ? 
_diffrn_radiation.pdbx_wavelength                  ? 
_diffrn_radiation.pdbx_diffrn_protocol             'SINGLE WAVELENGTH' 
_diffrn_radiation.pdbx_analyzer                    ? 
_diffrn_radiation.pdbx_scattering_type             x-ray 
# 
_diffrn_radiation_wavelength.id           1 
_diffrn_radiation_wavelength.wavelength   1.5419 
_diffrn_radiation_wavelength.wt           1.0 
# 
_diffrn_source.current                     ? 
_diffrn_source.details                     ? 
_diffrn_source.diffrn_id                   1 
_diffrn_source.power                       ? 
_diffrn_source.size                        ? 
_diffrn_source.source                      'ROTATING ANODE' 
_diffrn_source.target                      ? 
_diffrn_source.type                        'RIGAKU MICROMAX-007' 
_diffrn_source.voltage                     ? 
_diffrn_source.take-off_angle              ? 
_diffrn_source.pdbx_wavelength_list        1.5419 
_diffrn_source.pdbx_wavelength             ? 
_diffrn_source.pdbx_synchrotron_beamline   ? 
_diffrn_source.pdbx_synchrotron_site       ? 
# 
_reflns.B_iso_Wilson_estimate            73.06 
_reflns.entry_id                         5V8A 
_reflns.data_reduction_details           ? 
_reflns.data_reduction_method            ? 
_reflns.d_resolution_high                3.00 
_reflns.d_resolution_low                 28.70 
_reflns.details                          ? 
_reflns.limit_h_max                      ? 
_reflns.limit_h_min                      ? 
_reflns.limit_k_max                      ? 
_reflns.limit_k_min                      ? 
_reflns.limit_l_max                      ? 
_reflns.limit_l_min                      ? 
_reflns.number_all                       ? 
_reflns.number_obs                       2187 
_reflns.observed_criterion               ? 
_reflns.observed_criterion_F_max         ? 
_reflns.observed_criterion_F_min         ? 
_reflns.observed_criterion_I_max         ? 
_reflns.observed_criterion_I_min         ? 
_reflns.observed_criterion_sigma_F       ? 
_reflns.observed_criterion_sigma_I       ? 
_reflns.percent_possible_obs             94.5 
_reflns.R_free_details                   ? 
_reflns.Rmerge_F_all                     ? 
_reflns.Rmerge_F_obs                     ? 
_reflns.Friedel_coverage                 ? 
_reflns.number_gt                        ? 
_reflns.threshold_expression             ? 
_reflns.pdbx_redundancy                  2.83 
_reflns.pdbx_Rmerge_I_obs                0.081 
_reflns.pdbx_Rmerge_I_all                ? 
_reflns.pdbx_Rsym_value                  ? 
_reflns.pdbx_netI_over_av_sigmaI         ? 
_reflns.pdbx_netI_over_sigmaI            10.9 
_reflns.pdbx_res_netI_over_av_sigmaI_2   ? 
_reflns.pdbx_res_netI_over_sigmaI_2      ? 
_reflns.pdbx_chi_squared                 ? 
_reflns.pdbx_scaling_rejects             ? 
_reflns.pdbx_d_res_high_opt              ? 
_reflns.pdbx_d_res_low_opt               ? 
_reflns.pdbx_d_res_opt_method            ? 
_reflns.phase_calculation_details        ? 
_reflns.pdbx_Rrim_I_all                  ? 
_reflns.pdbx_Rpim_I_all                  ? 
_reflns.pdbx_d_opt                       ? 
_reflns.pdbx_number_measured_all         ? 
_reflns.pdbx_diffrn_id                   1 
_reflns.pdbx_ordinal                     1 
_reflns.pdbx_CC_half                     ? 
_reflns.pdbx_R_split                     ? 
# 
_reflns_shell.d_res_high                  3.00 
_reflns_shell.d_res_low                   3.11 
_reflns_shell.meanI_over_sigI_all         ? 
_reflns_shell.meanI_over_sigI_obs         ? 
_reflns_shell.number_measured_all         ? 
_reflns_shell.number_measured_obs         ? 
_reflns_shell.number_possible             ? 
_reflns_shell.number_unique_all           204 
_reflns_shell.number_unique_obs           269 
_reflns_shell.percent_possible_all        93.2 
_reflns_shell.percent_possible_obs        ? 
_reflns_shell.Rmerge_F_all                ? 
_reflns_shell.Rmerge_F_obs                ? 
_reflns_shell.Rmerge_I_all                ? 
_reflns_shell.Rmerge_I_obs                0.512 
_reflns_shell.meanI_over_sigI_gt          ? 
_reflns_shell.meanI_over_uI_all           ? 
_reflns_shell.meanI_over_uI_gt            ? 
_reflns_shell.number_measured_gt          ? 
_reflns_shell.number_unique_gt            ? 
_reflns_shell.percent_possible_gt         ? 
_reflns_shell.Rmerge_F_gt                 ? 
_reflns_shell.Rmerge_I_gt                 ? 
_reflns_shell.pdbx_redundancy             2.97 
_reflns_shell.pdbx_Rsym_value             ? 
_reflns_shell.pdbx_chi_squared            ? 
_reflns_shell.pdbx_netI_over_sigmaI_all   ? 
_reflns_shell.pdbx_netI_over_sigmaI_obs   ? 
_reflns_shell.pdbx_Rrim_I_all             ? 
_reflns_shell.pdbx_Rpim_I_all             ? 
_reflns_shell.pdbx_rejects                ? 
_reflns_shell.pdbx_ordinal                1 
_reflns_shell.pdbx_diffrn_id              1 
_reflns_shell.pdbx_CC_half                ? 
_reflns_shell.pdbx_R_split                ? 
# 
_refine.pdbx_refine_id                           'X-RAY DIFFRACTION' 
_refine.entry_id                                 5V8A 
_refine.pdbx_diffrn_id                           1 
_refine.pdbx_TLS_residual_ADP_flag               ? 
_refine.ls_number_reflns_obs                     2177 
_refine.ls_number_reflns_all                     ? 
_refine.pdbx_ls_sigma_I                          ? 
_refine.pdbx_ls_sigma_F                          1.99 
_refine.pdbx_data_cutoff_high_absF               ? 
_refine.pdbx_data_cutoff_low_absF                ? 
_refine.pdbx_data_cutoff_high_rms_absF           ? 
_refine.ls_d_res_low                             21.926 
_refine.ls_d_res_high                            3.000 
_refine.ls_percent_reflns_obs                    94.12 
_refine.ls_R_factor_obs                          0.2751 
_refine.ls_R_factor_all                          ? 
_refine.ls_R_factor_R_work                       0.2719 
_refine.ls_R_factor_R_free                       0.3213 
_refine.ls_R_factor_R_free_error                 ? 
_refine.ls_R_factor_R_free_error_details         ? 
_refine.ls_percent_reflns_R_free                 5.47 
_refine.ls_number_reflns_R_free                  119 
_refine.ls_number_parameters                     ? 
_refine.ls_number_restraints                     ? 
_refine.occupancy_min                            ? 
_refine.occupancy_max                            ? 
_refine.correlation_coeff_Fo_to_Fc               ? 
_refine.correlation_coeff_Fo_to_Fc_free          ? 
_refine.B_iso_mean                               ? 
_refine.aniso_B[1][1]                            ? 
_refine.aniso_B[2][2]                            ? 
_refine.aniso_B[3][3]                            ? 
_refine.aniso_B[1][2]                            ? 
_refine.aniso_B[1][3]                            ? 
_refine.aniso_B[2][3]                            ? 
_refine.solvent_model_details                    'FLAT BULK SOLVENT MODEL' 
_refine.solvent_model_param_ksol                 ? 
_refine.solvent_model_param_bsol                 ? 
_refine.pdbx_solvent_vdw_probe_radii             1.11 
_refine.pdbx_solvent_ion_probe_radii             ? 
_refine.pdbx_solvent_shrinkage_radii             0.90 
_refine.pdbx_ls_cross_valid_method               THROUGHOUT 
_refine.details                                  ? 
_refine.pdbx_starting_model                      1EA3 
_refine.pdbx_method_to_determine_struct          'MOLECULAR REPLACEMENT' 
_refine.pdbx_isotropic_thermal_model             ? 
_refine.pdbx_stereochemistry_target_values       ML 
_refine.pdbx_stereochem_target_val_spec_case     ? 
_refine.pdbx_R_Free_selection_details            ? 
_refine.pdbx_overall_ESU_R                       ? 
_refine.pdbx_overall_ESU_R_Free                  ? 
_refine.overall_SU_ML                            0.52 
_refine.pdbx_overall_phase_error                 42.26 
_refine.overall_SU_B                             ? 
_refine.overall_SU_R_Cruickshank_DPI             ? 
_refine.pdbx_overall_SU_R_free_Cruickshank_DPI   ? 
_refine.pdbx_overall_SU_R_Blow_DPI               ? 
_refine.pdbx_overall_SU_R_free_Blow_DPI          ? 
# 
_refine_hist.pdbx_refine_id                   'X-RAY DIFFRACTION' 
_refine_hist.cycle_id                         LAST 
_refine_hist.pdbx_number_atoms_protein        1129 
_refine_hist.pdbx_number_atoms_nucleic_acid   0 
_refine_hist.pdbx_number_atoms_ligand         0 
_refine_hist.number_atoms_solvent             2 
_refine_hist.number_atoms_total               1131 
_refine_hist.d_res_high                       3.000 
_refine_hist.d_res_low                        21.926 
# 
loop_
_refine_ls_restr.type 
_refine_ls_restr.dev_ideal 
_refine_ls_restr.dev_ideal_target 
_refine_ls_restr.weight 
_refine_ls_restr.number 
_refine_ls_restr.pdbx_refine_id 
_refine_ls_restr.pdbx_restraint_function 
f_bond_d           0.003  ? ? 1145 'X-RAY DIFFRACTION' ? 
f_angle_d          0.595  ? ? 1549 'X-RAY DIFFRACTION' ? 
f_dihedral_angle_d 13.517 ? ? 419  'X-RAY DIFFRACTION' ? 
f_chiral_restr     0.023  ? ? 189  'X-RAY DIFFRACTION' ? 
f_plane_restr      0.005  ? ? 193  'X-RAY DIFFRACTION' ? 
# 
loop_
_refine_ls_shell.pdbx_refine_id 
_refine_ls_shell.pdbx_total_number_of_bins_used 
_refine_ls_shell.d_res_high 
_refine_ls_shell.d_res_low 
_refine_ls_shell.number_reflns_R_work 
_refine_ls_shell.R_factor_R_work 
_refine_ls_shell.percent_reflns_obs 
_refine_ls_shell.R_factor_R_free 
_refine_ls_shell.R_factor_R_free_error 
_refine_ls_shell.percent_reflns_R_free 
_refine_ls_shell.number_reflns_R_free 
_refine_ls_shell.number_reflns_all 
_refine_ls_shell.R_factor_all 
'X-RAY DIFFRACTION' . 3.0003 3.2313  407 0.3974 94.00 0.4339 . . 20 . . 
'X-RAY DIFFRACTION' . 3.2313 3.5552  414 0.3730 95.00 0.4895 . . 24 . . 
'X-RAY DIFFRACTION' . 3.5552 4.0668  419 0.2918 95.00 0.3895 . . 21 . . 
'X-RAY DIFFRACTION' . 4.0668 5.1130  413 0.2506 94.00 0.2526 . . 25 . . 
'X-RAY DIFFRACTION' . 5.1130 21.9263 405 0.2083 94.00 0.2771 . . 29 . . 
# 
_struct.entry_id                     5V8A 
_struct.title                        'Crystal structure of Influenza A virus matrix protein M1 (NLS-88R, pH 7.3)' 
_struct.pdbx_model_details           ? 
_struct.pdbx_formula_weight          ? 
_struct.pdbx_formula_weight_method   ? 
_struct.pdbx_model_type_details      ? 
_struct.pdbx_CASP_flag               N 
# 
_struct_keywords.entry_id        5V8A 
_struct_keywords.text            'Influenza A, Matrix protein, NLS-88R mutant, pH 7.3, VIRAL PROTEIN' 
_struct_keywords.pdbx_keywords   'VIRAL PROTEIN' 
# 
loop_
_struct_asym.id 
_struct_asym.pdbx_blank_PDB_chainid_flag 
_struct_asym.pdbx_modified 
_struct_asym.entity_id 
_struct_asym.details 
A N N 1 ? 
B N N 2 ? 
# 
loop_
_struct_conf.conf_type_id 
_struct_conf.id 
_struct_conf.pdbx_PDB_helix_id 
_struct_conf.beg_label_comp_id 
_struct_conf.beg_label_asym_id 
_struct_conf.beg_label_seq_id 
_struct_conf.pdbx_beg_PDB_ins_code 
_struct_conf.end_label_comp_id 
_struct_conf.end_label_asym_id 
_struct_conf.end_label_seq_id 
_struct_conf.pdbx_end_PDB_ins_code 
_struct_conf.beg_auth_comp_id 
_struct_conf.beg_auth_asym_id 
_struct_conf.beg_auth_seq_id 
_struct_conf.end_auth_comp_id 
_struct_conf.end_auth_asym_id 
_struct_conf.end_auth_seq_id 
_struct_conf.pdbx_PDB_helix_class 
_struct_conf.details 
_struct_conf.pdbx_PDB_helix_length 
HELX_P HELX_P1 AA1 LEU A 9   ? LEU A 18  ? LEU A 3   LEU A 12  1 ? 10 
HELX_P HELX_P2 AA2 PRO A 25  ? PHE A 38  ? PRO A 19  PHE A 32  1 ? 14 
HELX_P HELX_P3 AA3 ASP A 44  ? THR A 54  ? ASP A 38  THR A 48  1 ? 11 
HELX_P HELX_P4 AA4 SER A 59  ? VAL A 74  ? SER A 53  VAL A 68  1 ? 16 
HELX_P HELX_P5 AA5 ARG A 84  ? ASN A 91  ? ARG A 78  ASN A 85  1 ? 8  
HELX_P HELX_P6 AA6 ASN A 97  ? LYS A 110 ? ASN A 91  LYS A 104 1 ? 14 
HELX_P HELX_P7 AA7 THR A 114 ? LEU A 123 ? THR A 108 LEU A 117 1 ? 10 
HELX_P HELX_P8 AA8 SER A 126 ? ASN A 139 ? SER A 120 ASN A 133 1 ? 14 
HELX_P HELX_P9 AA9 THR A 145 ? ALA A 161 ? THR A 139 ALA A 155 1 ? 17 
# 
_struct_conf_type.id          HELX_P 
_struct_conf_type.criteria    ? 
_struct_conf_type.reference   ? 
# 
_atom_sites.entry_id                    5V8A 
_atom_sites.fract_transf_matrix[1][1]   0.01662297 
_atom_sites.fract_transf_matrix[1][2]   0.00220775 
_atom_sites.fract_transf_matrix[1][3]   -0.03320629 
_atom_sites.fract_transf_matrix[2][1]   0.00015395 
_atom_sites.fract_transf_matrix[2][2]   0.03260494 
_atom_sites.fract_transf_matrix[2][3]   -0.00345884 
_atom_sites.fract_transf_matrix[3][1]   0.02702503 
_atom_sites.fract_transf_matrix[3][2]   0.01285881 
_atom_sites.fract_transf_matrix[3][3]   0.00665380 
_atom_sites.fract_transf_vector[1]      0.319305 
_atom_sites.fract_transf_vector[2]      1.300500 
_atom_sites.fract_transf_vector[3]      0.111153 
# 
loop_
_atom_type.symbol 
C 
N 
O 
S 
# 
loop_
_atom_site.group_PDB 
_atom_site.id 
_atom_site.type_symbol 
_atom_site.label_atom_id 
_atom_site.label_alt_id 
_atom_site.label_comp_id 
_atom_site.label_asym_id 
_atom_site.label_entity_id 
_atom_site.label_seq_id 
_atom_site.pdbx_PDB_ins_code 
_atom_site.Cartn_x 
_atom_site.Cartn_y 
_atom_site.Cartn_z 
_atom_site.occupancy 
_atom_site.B_iso_or_equiv 
_atom_site.pdbx_formal_charge 
_atom_site.auth_seq_id 
_atom_site.auth_comp_id 
_atom_site.auth_asym_id 
_atom_site.auth_atom_id 
_atom_site.pdbx_PDB_model_num 
ATOM   1    N N   . SER A 1 8   ? -13.591 6.586   9.497   1.00 82.49  ? 2   SER A N   1 
ATOM   2    C CA  . SER A 1 8   ? -14.071 7.238   8.283   1.00 82.17  ? 2   SER A CA  1 
ATOM   3    C C   . SER A 1 8   ? -12.933 7.478   7.295   1.00 80.88  ? 2   SER A C   1 
ATOM   4    O O   . SER A 1 8   ? -13.146 8.020   6.211   1.00 83.55  ? 2   SER A O   1 
ATOM   5    C CB  . SER A 1 8   ? -14.759 8.563   8.624   1.00 81.64  ? 2   SER A CB  1 
ATOM   6    O OG  . SER A 1 8   ? -13.881 9.433   9.321   1.00 78.35  ? 2   SER A OG  1 
ATOM   7    N N   . LEU A 1 9   ? -11.727 7.065   7.678   1.00 81.27  ? 3   LEU A N   1 
ATOM   8    C CA  . LEU A 1 9   ? -10.538 7.288   6.859   1.00 80.91  ? 3   LEU A CA  1 
ATOM   9    C C   . LEU A 1 9   ? -10.309 6.167   5.848   1.00 76.63  ? 3   LEU A C   1 
ATOM   10   O O   . LEU A 1 9   ? -9.496  6.298   4.935   1.00 77.61  ? 3   LEU A O   1 
ATOM   11   C CB  . LEU A 1 9   ? -9.300  7.450   7.752   1.00 80.49  ? 3   LEU A CB  1 
ATOM   12   C CG  . LEU A 1 9   ? -9.028  6.426   8.863   1.00 79.47  ? 3   LEU A CG  1 
ATOM   13   C CD1 . LEU A 1 9   ? -8.349  5.162   8.342   1.00 79.60  ? 3   LEU A CD1 1 
ATOM   14   C CD2 . LEU A 1 9   ? -8.202  7.058   9.977   1.00 78.40  ? 3   LEU A CD2 1 
ATOM   15   N N   . LEU A 1 10  ? -11.034 5.067   6.017   1.00 74.13  ? 4   LEU A N   1 
ATOM   16   C CA  . LEU A 1 10  ? -10.879 3.900   5.156   1.00 72.02  ? 4   LEU A CA  1 
ATOM   17   C C   . LEU A 1 10  ? -11.254 4.189   3.703   1.00 73.97  ? 4   LEU A C   1 
ATOM   18   O O   . LEU A 1 10  ? -10.843 3.465   2.795   1.00 74.63  ? 4   LEU A O   1 
ATOM   19   C CB  . LEU A 1 10  ? -11.719 2.736   5.683   1.00 73.63  ? 4   LEU A CB  1 
ATOM   20   C CG  . LEU A 1 10  ? -10.943 1.514   6.178   1.00 73.20  ? 4   LEU A CG  1 
ATOM   21   C CD1 . LEU A 1 10  ? -10.157 0.888   5.037   1.00 77.88  ? 4   LEU A CD1 1 
ATOM   22   C CD2 . LEU A 1 10  ? -10.021 1.889   7.327   1.00 73.72  ? 4   LEU A CD2 1 
ATOM   23   N N   . THR A 1 11  ? -12.034 5.242   3.486   1.00 75.69  ? 5   THR A N   1 
ATOM   24   C CA  . THR A 1 11  ? -12.436 5.621   2.138   1.00 72.64  ? 5   THR A CA  1 
ATOM   25   C C   . THR A 1 11  ? -11.323 6.396   1.437   1.00 76.16  ? 5   THR A C   1 
ATOM   26   O O   . THR A 1 11  ? -11.290 6.473   0.210   1.00 77.03  ? 5   THR A O   1 
ATOM   27   C CB  . THR A 1 11  ? -13.727 6.470   2.146   1.00 72.32  ? 5   THR A CB  1 
ATOM   28   O OG1 . THR A 1 11  ? -14.091 6.807   0.802   1.00 78.88  ? 5   THR A OG1 1 
ATOM   29   C CG2 . THR A 1 11  ? -13.527 7.748   2.951   1.00 72.61  ? 5   THR A CG2 1 
ATOM   30   N N   . GLU A 1 12  ? -10.409 6.960   2.223   1.00 75.50  ? 6   GLU A N   1 
ATOM   31   C CA  . GLU A 1 12  ? -9.298  7.729   1.673   1.00 72.86  ? 6   GLU A CA  1 
ATOM   32   C C   . GLU A 1 12  ? -8.221  6.803   1.113   1.00 73.46  ? 6   GLU A C   1 
ATOM   33   O O   . GLU A 1 12  ? -7.413  7.207   0.276   1.00 76.93  ? 6   GLU A O   1 
ATOM   34   C CB  . GLU A 1 12  ? -8.706  8.658   2.737   1.00 75.73  ? 6   GLU A CB  1 
ATOM   35   C CG  . GLU A 1 12  ? -7.819  9.772   2.189   1.00 79.48  ? 6   GLU A CG  1 
ATOM   36   C CD  . GLU A 1 12  ? -8.607  10.911  1.556   1.00 87.34  ? 6   GLU A CD  1 
ATOM   37   O OE1 . GLU A 1 12  ? -9.466  10.649  0.686   1.00 91.14  ? 6   GLU A OE1 1 
ATOM   38   O OE2 . GLU A 1 12  ? -8.366  12.076  1.934   1.00 90.38  ? 6   GLU A OE2 1 
ATOM   39   N N   . VAL A 1 13  ? -8.213  5.562   1.587   1.00 71.08  ? 7   VAL A N   1 
ATOM   40   C CA  . VAL A 1 13  ? -7.335  4.535   1.042   1.00 68.69  ? 7   VAL A CA  1 
ATOM   41   C C   . VAL A 1 13  ? -7.963  3.942   -0.217  1.00 72.87  ? 7   VAL A C   1 
ATOM   42   O O   . VAL A 1 13  ? -7.273  3.656   -1.197  1.00 73.57  ? 7   VAL A O   1 
ATOM   43   C CB  . VAL A 1 13  ? -7.066  3.416   2.069   1.00 66.14  ? 7   VAL A CB  1 
ATOM   44   C CG1 . VAL A 1 13  ? -6.241  2.297   1.448   1.00 69.20  ? 7   VAL A CG1 1 
ATOM   45   C CG2 . VAL A 1 13  ? -6.370  3.981   3.294   1.00 68.67  ? 7   VAL A CG2 1 
ATOM   46   N N   . GLU A 1 14  ? -9.282  3.781   -0.180  1.00 73.96  ? 8   GLU A N   1 
ATOM   47   C CA  . GLU A 1 14  ? -10.034 3.186   -1.279  1.00 74.49  ? 8   GLU A CA  1 
ATOM   48   C C   . GLU A 1 14  ? -9.886  3.960   -2.586  1.00 72.90  ? 8   GLU A C   1 
ATOM   49   O O   . GLU A 1 14  ? -9.520  3.391   -3.616  1.00 72.08  ? 8   GLU A O   1 
ATOM   50   C CB  . GLU A 1 14  ? -11.515 3.086   -0.904  1.00 76.80  ? 8   GLU A CB  1 
ATOM   51   C CG  . GLU A 1 14  ? -12.403 2.541   -2.007  1.00 77.00  ? 8   GLU A CG  1 
ATOM   52   C CD  . GLU A 1 14  ? -13.865 2.518   -1.613  1.00 82.51  ? 8   GLU A CD  1 
ATOM   53   O OE1 . GLU A 1 14  ? -14.529 3.570   -1.728  1.00 87.97  ? 8   GLU A OE1 1 
ATOM   54   O OE2 . GLU A 1 14  ? -14.348 1.449   -1.186  1.00 82.21  ? 8   GLU A OE2 1 
ATOM   55   N N   . THR A 1 15  ? -10.173 5.256   -2.539  1.00 73.62  ? 9   THR A N   1 
ATOM   56   C CA  . THR A 1 15  ? -10.150 6.089   -3.737  1.00 72.33  ? 9   THR A CA  1 
ATOM   57   C C   . THR A 1 15  ? -8.734  6.271   -4.270  1.00 73.60  ? 9   THR A C   1 
ATOM   58   O O   . THR A 1 15  ? -8.526  6.371   -5.479  1.00 74.83  ? 9   THR A O   1 
ATOM   59   C CB  . THR A 1 15  ? -10.767 7.473   -3.472  1.00 72.78  ? 9   THR A CB  1 
ATOM   60   O OG1 . THR A 1 15  ? -9.974  8.174   -2.506  1.00 75.10  ? 9   THR A OG1 1 
ATOM   61   C CG2 . THR A 1 15  ? -12.188 7.334   -2.950  1.00 73.40  ? 9   THR A CG2 1 
ATOM   62   N N   . TYR A 1 16  ? -7.765  6.312   -3.360  1.00 76.61  ? 10  TYR A N   1 
ATOM   63   C CA  . TYR A 1 16  ? -6.368  6.493   -3.739  1.00 75.15  ? 10  TYR A CA  1 
ATOM   64   C C   . TYR A 1 16  ? -5.808  5.262   -4.450  1.00 74.01  ? 10  TYR A C   1 
ATOM   65   O O   . TYR A 1 16  ? -5.074  5.383   -5.430  1.00 76.42  ? 10  TYR A O   1 
ATOM   66   C CB  . TYR A 1 16  ? -5.518  6.824   -2.509  1.00 72.63  ? 10  TYR A CB  1 
ATOM   67   C CG  . TYR A 1 16  ? -5.413  8.305   -2.212  1.00 73.43  ? 10  TYR A CG  1 
ATOM   68   C CD1 . TYR A 1 16  ? -5.893  9.252   -3.106  1.00 78.41  ? 10  TYR A CD1 1 
ATOM   69   C CD2 . TYR A 1 16  ? -4.822  8.757   -1.041  1.00 73.77  ? 10  TYR A CD2 1 
ATOM   70   C CE1 . TYR A 1 16  ? -5.793  10.606  -2.839  1.00 85.64  ? 10  TYR A CE1 1 
ATOM   71   C CE2 . TYR A 1 16  ? -4.716  10.109  -0.765  1.00 77.64  ? 10  TYR A CE2 1 
ATOM   72   C CZ  . TYR A 1 16  ? -5.203  11.030  -1.667  1.00 85.30  ? 10  TYR A CZ  1 
ATOM   73   O OH  . TYR A 1 16  ? -5.101  12.375  -1.397  1.00 87.77  ? 10  TYR A OH  1 
ATOM   74   N N   . VAL A 1 17  ? -6.155  4.079   -3.952  1.00 72.62  ? 11  VAL A N   1 
ATOM   75   C CA  . VAL A 1 17  ? -5.724  2.831   -4.575  1.00 70.72  ? 11  VAL A CA  1 
ATOM   76   C C   . VAL A 1 17  ? -6.356  2.676   -5.957  1.00 69.87  ? 11  VAL A C   1 
ATOM   77   O O   . VAL A 1 17  ? -5.714  2.206   -6.899  1.00 72.38  ? 11  VAL A O   1 
ATOM   78   C CB  . VAL A 1 17  ? -6.079  1.612   -3.695  1.00 70.18  ? 11  VAL A CB  1 
ATOM   79   C CG1 . VAL A 1 17  ? -5.933  0.315   -4.476  1.00 65.25  ? 11  VAL A CG1 1 
ATOM   80   C CG2 . VAL A 1 17  ? -5.204  1.588   -2.449  1.00 70.55  ? 11  VAL A CG2 1 
ATOM   81   N N   . LEU A 1 18  ? -7.608  3.102   -6.082  1.00 71.96  ? 12  LEU A N   1 
ATOM   82   C CA  . LEU A 1 18  ? -8.332  3.016   -7.347  1.00 72.71  ? 12  LEU A CA  1 
ATOM   83   C C   . LEU A 1 18  ? -7.888  4.081   -8.343  1.00 74.23  ? 12  LEU A C   1 
ATOM   84   O O   . LEU A 1 18  ? -8.557  4.312   -9.351  1.00 75.96  ? 12  LEU A O   1 
ATOM   85   C CB  . LEU A 1 18  ? -9.838  3.138   -7.108  1.00 75.77  ? 12  LEU A CB  1 
ATOM   86   C CG  . LEU A 1 18  ? -10.636 1.845   -6.942  1.00 76.67  ? 12  LEU A CG  1 
ATOM   87   C CD1 . LEU A 1 18  ? -10.005 0.949   -5.897  1.00 79.36  ? 12  LEU A CD1 1 
ATOM   88   C CD2 . LEU A 1 18  ? -12.076 2.164   -6.574  1.00 79.35  ? 12  LEU A CD2 1 
ATOM   89   N N   . SER A 1 19  ? -6.766  4.730   -8.057  1.00 73.04  ? 13  SER A N   1 
ATOM   90   C CA  . SER A 1 19  ? -6.254  5.782   -8.923  1.00 75.31  ? 13  SER A CA  1 
ATOM   91   C C   . SER A 1 19  ? -5.093  5.277   -9.768  1.00 77.02  ? 13  SER A C   1 
ATOM   92   O O   . SER A 1 19  ? -4.829  5.798   -10.852 1.00 77.77  ? 13  SER A O   1 
ATOM   93   C CB  . SER A 1 19  ? -5.819  6.991   -8.094  1.00 76.97  ? 13  SER A CB  1 
ATOM   94   O OG  . SER A 1 19  ? -6.889  7.474   -7.301  1.00 83.72  ? 13  SER A OG  1 
ATOM   95   N N   . ILE A 1 20  ? -4.406  4.255   -9.266  1.00 80.39  ? 14  ILE A N   1 
ATOM   96   C CA  . ILE A 1 20  ? -3.225  3.727   -9.938  1.00 80.18  ? 14  ILE A CA  1 
ATOM   97   C C   . ILE A 1 20  ? -3.546  2.527   -10.824 1.00 80.34  ? 14  ILE A C   1 
ATOM   98   O O   . ILE A 1 20  ? -2.809  2.231   -11.765 1.00 82.93  ? 14  ILE A O   1 
ATOM   99   C CB  . ILE A 1 20  ? -2.143  3.318   -8.922  1.00 77.56  ? 14  ILE A CB  1 
ATOM   100  C CG1 . ILE A 1 20  ? -2.602  2.106   -8.109  1.00 72.83  ? 14  ILE A CG1 1 
ATOM   101  C CG2 . ILE A 1 20  ? -1.816  4.485   -8.004  1.00 78.66  ? 14  ILE A CG2 1 
ATOM   102  C CD1 . ILE A 1 20  ? -1.479  1.365   -7.439  1.00 69.83  ? 14  ILE A CD1 1 
ATOM   103  N N   . VAL A 1 21  ? -4.642  1.838   -10.522 1.00 81.77  ? 15  VAL A N   1 
ATOM   104  C CA  . VAL A 1 21  ? -5.040  0.673   -11.303 1.00 82.57  ? 15  VAL A CA  1 
ATOM   105  C C   . VAL A 1 21  ? -5.500  1.104   -12.690 1.00 81.71  ? 15  VAL A C   1 
ATOM   106  O O   . VAL A 1 21  ? -6.353  1.981   -12.814 1.00 82.18  ? 15  VAL A O   1 
ATOM   107  C CB  . VAL A 1 21  ? -6.165  -0.123  -10.613 1.00 76.72  ? 15  VAL A CB  1 
ATOM   108  C CG1 . VAL A 1 21  ? -6.510  -1.363  -11.420 1.00 76.16  ? 15  VAL A CG1 1 
ATOM   109  C CG2 . VAL A 1 21  ? -5.755  -0.501  -9.200  1.00 77.83  ? 15  VAL A CG2 1 
ATOM   110  N N   . PRO A 1 22  ? -4.916  0.500   -13.738 1.00 83.27  ? 16  PRO A N   1 
ATOM   111  C CA  . PRO A 1 22  ? -5.300  0.801   -15.121 1.00 87.48  ? 16  PRO A CA  1 
ATOM   112  C C   . PRO A 1 22  ? -6.785  0.561   -15.360 1.00 90.17  ? 16  PRO A C   1 
ATOM   113  O O   . PRO A 1 22  ? -7.324  -0.447  -14.906 1.00 89.63  ? 16  PRO A O   1 
ATOM   114  C CB  . PRO A 1 22  ? -4.447  -0.169  -15.941 1.00 87.89  ? 16  PRO A CB  1 
ATOM   115  C CG  . PRO A 1 22  ? -3.263  -0.444  -15.077 1.00 82.72  ? 16  PRO A CG  1 
ATOM   116  C CD  . PRO A 1 22  ? -3.794  -0.451  -13.673 1.00 81.08  ? 16  PRO A CD  1 
ATOM   117  N N   . SER A 1 23  ? -7.431  1.487   -16.060 1.00 94.38  ? 17  SER A N   1 
ATOM   118  C CA  . SER A 1 23  ? -8.867  1.406   -16.308 1.00 93.68  ? 17  SER A CA  1 
ATOM   119  C C   . SER A 1 23  ? -9.220  0.196   -17.167 1.00 93.66  ? 17  SER A C   1 
ATOM   120  O O   . SER A 1 23  ? -8.394  -0.294  -17.938 1.00 98.27  ? 17  SER A O   1 
ATOM   121  C CB  . SER A 1 23  ? -9.364  2.691   -16.973 1.00 20.00  ? 17  SER A CB  1 
ATOM   122  O OG  . SER A 1 23  ? -8.983  3.829   -16.212 1.00 20.00  ? 17  SER A OG  1 
ATOM   123  N N   . GLY A 1 24  ? -10.449 -0.287  -17.020 1.00 85.38  ? 18  GLY A N   1 
ATOM   124  C CA  . GLY A 1 24  ? -10.900 -1.457  -17.746 1.00 83.86  ? 18  GLY A CA  1 
ATOM   125  C C   . GLY A 1 24  ? -11.729 -2.382  -16.880 1.00 83.68  ? 18  GLY A C   1 
ATOM   126  O O   . GLY A 1 24  ? -12.336 -1.943  -15.903 1.00 86.64  ? 18  GLY A O   1 
ATOM   127  N N   . PRO A 1 25  ? -11.759 -3.678  -17.228 1.00 82.96  ? 19  PRO A N   1 
ATOM   128  C CA  . PRO A 1 25  ? -12.545 -4.670  -16.490 1.00 85.52  ? 19  PRO A CA  1 
ATOM   129  C C   . PRO A 1 25  ? -11.831 -5.117  -15.220 1.00 83.38  ? 19  PRO A C   1 
ATOM   130  O O   . PRO A 1 25  ? -12.279 -6.036  -14.537 1.00 85.75  ? 19  PRO A O   1 
ATOM   131  C CB  . PRO A 1 25  ? -12.678 -5.834  -17.488 1.00 86.03  ? 19  PRO A CB  1 
ATOM   132  C CG  . PRO A 1 25  ? -11.863 -5.434  -18.722 1.00 83.42  ? 19  PRO A CG  1 
ATOM   133  C CD  . PRO A 1 25  ? -10.989 -4.297  -18.316 1.00 83.15  ? 19  PRO A CD  1 
ATOM   134  N N   . LEU A 1 26  ? -10.721 -4.455  -14.913 1.00 79.83  ? 20  LEU A N   1 
ATOM   135  C CA  . LEU A 1 26  ? -9.908  -4.807  -13.761 1.00 81.45  ? 20  LEU A CA  1 
ATOM   136  C C   . LEU A 1 26  ? -10.204 -3.898  -12.574 1.00 81.36  ? 20  LEU A C   1 
ATOM   137  O O   . LEU A 1 26  ? -10.209 -4.345  -11.428 1.00 81.25  ? 20  LEU A O   1 
ATOM   138  C CB  . LEU A 1 26  ? -8.430  -4.738  -14.125 1.00 84.11  ? 20  LEU A CB  1 
ATOM   139  C CG  . LEU A 1 26  ? -7.456  -5.244  -13.066 1.00 81.99  ? 20  LEU A CG  1 
ATOM   140  C CD1 . LEU A 1 26  ? -7.669  -6.729  -12.807 1.00 82.08  ? 20  LEU A CD1 1 
ATOM   141  C CD2 . LEU A 1 26  ? -6.042  -4.966  -13.518 1.00 81.92  ? 20  LEU A CD2 1 
ATOM   142  N N   . LYS A 1 27  ? -10.449 -2.620  -12.853 1.00 81.52  ? 21  LYS A N   1 
ATOM   143  C CA  . LYS A 1 27  ? -10.845 -1.678  -11.811 1.00 79.45  ? 21  LYS A CA  1 
ATOM   144  C C   . LYS A 1 27  ? -12.215 -2.048  -11.262 1.00 84.11  ? 21  LYS A C   1 
ATOM   145  O O   . LYS A 1 27  ? -12.591 -1.631  -10.169 1.00 86.36  ? 21  LYS A O   1 
ATOM   146  C CB  . LYS A 1 27  ? -10.866 -0.242  -12.340 1.00 80.76  ? 21  LYS A CB  1 
ATOM   147  C CG  . LYS A 1 27  ? -9.499  0.361   -12.596 1.00 82.35  ? 21  LYS A CG  1 
ATOM   148  C CD  . LYS A 1 27  ? -9.601  1.859   -12.824 1.00 82.14  ? 21  LYS A CD  1 
ATOM   149  C CE  . LYS A 1 27  ? -10.178 2.567   -11.609 1.00 85.14  ? 21  LYS A CE  1 
ATOM   150  N NZ  . LYS A 1 27  ? -10.174 4.048   -11.776 1.00 89.33  ? 21  LYS A NZ  1 
ATOM   151  N N   . ALA A 1 28  ? -12.961 -2.828  -12.036 1.00 82.91  ? 22  ALA A N   1 
ATOM   152  C CA  . ALA A 1 28  ? -14.272 -3.295  -11.616 1.00 80.92  ? 22  ALA A CA  1 
ATOM   153  C C   . ALA A 1 28  ? -14.143 -4.438  -10.616 1.00 83.27  ? 22  ALA A C   1 
ATOM   154  O O   . ALA A 1 28  ? -14.795 -4.438  -9.573  1.00 87.06  ? 22  ALA A O   1 
ATOM   155  C CB  . ALA A 1 28  ? -15.089 -3.731  -12.822 1.00 81.43  ? 22  ALA A CB  1 
ATOM   156  N N   . GLU A 1 29  ? -13.292 -5.408  -10.939 1.00 82.10  ? 23  GLU A N   1 
ATOM   157  C CA  . GLU A 1 29  ? -13.070 -6.557  -10.066 1.00 83.22  ? 23  GLU A CA  1 
ATOM   158  C C   . GLU A 1 29  ? -12.448 -6.143  -8.734  1.00 85.81  ? 23  GLU A C   1 
ATOM   159  O O   . GLU A 1 29  ? -12.892 -6.577  -7.670  1.00 88.00  ? 23  GLU A O   1 
ATOM   160  C CB  . GLU A 1 29  ? -12.178 -7.593  -10.755 1.00 83.60  ? 23  GLU A CB  1 
ATOM   161  C CG  . GLU A 1 29  ? -12.820 -8.293  -11.941 1.00 83.55  ? 23  GLU A CG  1 
ATOM   162  C CD  . GLU A 1 29  ? -12.017 -9.491  -12.412 1.00 89.40  ? 23  GLU A CD  1 
ATOM   163  O OE1 . GLU A 1 29  ? -11.110 -9.929  -11.671 1.00 89.86  ? 23  GLU A OE1 1 
ATOM   164  O OE2 . GLU A 1 29  ? -12.292 -9.997  -13.520 1.00 92.78  ? 23  GLU A OE2 1 
ATOM   165  N N   . ILE A 1 30  ? -11.420 -5.302  -8.801  1.00 85.49  ? 24  ILE A N   1 
ATOM   166  C CA  . ILE A 1 30  ? -10.714 -4.852  -7.605  1.00 85.62  ? 24  ILE A CA  1 
ATOM   167  C C   . ILE A 1 30  ? -11.634 -4.038  -6.694  1.00 85.64  ? 24  ILE A C   1 
ATOM   168  O O   . ILE A 1 30  ? -11.548 -4.129  -5.467  1.00 84.92  ? 24  ILE A O   1 
ATOM   169  C CB  . ILE A 1 30  ? -9.468  -4.014  -7.977  1.00 82.82  ? 24  ILE A CB  1 
ATOM   170  C CG1 . ILE A 1 30  ? -8.458  -4.877  -8.737  1.00 82.43  ? 24  ILE A CG1 1 
ATOM   171  C CG2 . ILE A 1 30  ? -8.813  -3.427  -6.739  1.00 79.20  ? 24  ILE A CG2 1 
ATOM   172  C CD1 . ILE A 1 30  ? -7.208  -4.135  -9.148  1.00 81.42  ? 24  ILE A CD1 1 
ATOM   173  N N   . ALA A 1 31  ? -12.526 -3.259  -7.300  1.00 87.66  ? 25  ALA A N   1 
ATOM   174  C CA  . ALA A 1 31  ? -13.437 -2.400  -6.549  1.00 87.05  ? 25  ALA A CA  1 
ATOM   175  C C   . ALA A 1 31  ? -14.299 -3.198  -5.582  1.00 86.86  ? 25  ALA A C   1 
ATOM   176  O O   . ALA A 1 31  ? -14.450 -2.823  -4.421  1.00 88.04  ? 25  ALA A O   1 
ATOM   177  C CB  . ALA A 1 31  ? -14.317 -1.602  -7.499  1.00 89.00  ? 25  ALA A CB  1 
ATOM   178  N N   . GLN A 1 32  ? -14.860 -4.304  -6.063  1.00 85.66  ? 26  GLN A N   1 
ATOM   179  C CA  . GLN A 1 32  ? -15.735 -5.126  -5.236  1.00 85.40  ? 26  GLN A CA  1 
ATOM   180  C C   . GLN A 1 32  ? -14.960 -5.862  -4.150  1.00 84.00  ? 26  GLN A C   1 
ATOM   181  O O   . GLN A 1 32  ? -15.362 -5.859  -2.989  1.00 85.40  ? 26  GLN A O   1 
ATOM   182  C CB  . GLN A 1 32  ? -16.503 -6.136  -6.090  1.00 87.70  ? 26  GLN A CB  1 
ATOM   183  C CG  . GLN A 1 32  ? -17.574 -6.879  -5.309  1.00 89.50  ? 26  GLN A CG  1 
ATOM   184  C CD  . GLN A 1 32  ? -17.772 -8.307  -5.779  1.00 93.06  ? 26  GLN A CD  1 
ATOM   185  O OE1 . GLN A 1 32  ? -17.176 -8.738  -6.768  1.00 91.67  ? 26  GLN A OE1 1 
ATOM   186  N NE2 . GLN A 1 32  ? -18.609 -9.053  -5.066  1.00 90.62  ? 26  GLN A NE2 1 
ATOM   187  N N   . ARG A 1 33  ? -13.853 -6.491  -4.532  1.00 86.59  ? 27  ARG A N   1 
ATOM   188  C CA  . ARG A 1 33  ? -13.028 -7.243  -3.588  1.00 89.83  ? 27  ARG A CA  1 
ATOM   189  C C   . ARG A 1 33  ? -12.572 -6.367  -2.421  1.00 85.64  ? 27  ARG A C   1 
ATOM   190  O O   . ARG A 1 33  ? -12.382 -6.850  -1.305  1.00 83.66  ? 27  ARG A O   1 
ATOM   191  C CB  . ARG A 1 33  ? -11.807 -7.848  -4.296  1.00 88.17  ? 27  ARG A CB  1 
ATOM   192  C CG  . ARG A 1 33  ? -12.135 -8.862  -5.391  1.00 88.67  ? 27  ARG A CG  1 
ATOM   193  C CD  . ARG A 1 33  ? -12.860 -10.090 -4.843  1.00 87.22  ? 27  ARG A CD  1 
ATOM   194  N NE  . ARG A 1 33  ? -13.027 -11.129 -5.861  1.00 86.84  ? 27  ARG A NE  1 
ATOM   195  C CZ  . ARG A 1 33  ? -13.698 -12.262 -5.676  1.00 86.94  ? 27  ARG A CZ  1 
ATOM   196  N NH1 . ARG A 1 33  ? -14.276 -12.515 -4.508  1.00 89.28  ? 27  ARG A NH1 1 
ATOM   197  N NH2 . ARG A 1 33  ? -13.797 -13.147 -6.661  1.00 89.98  ? 27  ARG A NH2 1 
ATOM   198  N N   . LEU A 1 34  ? -12.406 -5.075  -2.687  1.00 84.80  ? 28  LEU A N   1 
ATOM   199  C CA  . LEU A 1 34  ? -11.983 -4.122  -1.667  1.00 85.13  ? 28  LEU A CA  1 
ATOM   200  C C   . LEU A 1 34  ? -13.109 -3.778  -0.700  1.00 86.07  ? 28  LEU A C   1 
ATOM   201  O O   . LEU A 1 34  ? -12.925 -3.810  0.516   1.00 86.75  ? 28  LEU A O   1 
ATOM   202  C CB  . LEU A 1 34  ? -11.452 -2.845  -2.320  1.00 82.53  ? 28  LEU A CB  1 
ATOM   203  C CG  . LEU A 1 34  ? -9.941  -2.789  -2.541  1.00 84.60  ? 28  LEU A CG  1 
ATOM   204  C CD1 . LEU A 1 34  ? -9.567  -1.590  -3.390  1.00 82.17  ? 28  LEU A CD1 1 
ATOM   205  C CD2 . LEU A 1 34  ? -9.227  -2.731  -1.205  1.00 82.20  ? 28  LEU A CD2 1 
ATOM   206  N N   . GLU A 1 35  ? -14.279 -3.457  -1.242  1.00 86.64  ? 29  GLU A N   1 
ATOM   207  C CA  . GLU A 1 35  ? -15.411 -3.050  -0.417  1.00 87.58  ? 29  GLU A CA  1 
ATOM   208  C C   . GLU A 1 35  ? -16.106 -4.238  0.248   1.00 88.06  ? 29  GLU A C   1 
ATOM   209  O O   . GLU A 1 35  ? -17.187 -4.094  0.821   1.00 91.19  ? 29  GLU A O   1 
ATOM   210  C CB  . GLU A 1 35  ? -16.418 -2.257  -1.253  1.00 86.63  ? 29  GLU A CB  1 
ATOM   211  C CG  . GLU A 1 35  ? -16.988 -3.030  -2.427  1.00 89.14  ? 29  GLU A CG  1 
ATOM   212  C CD  . GLU A 1 35  ? -18.037 -2.247  -3.192  1.00 94.67  ? 29  GLU A CD  1 
ATOM   213  O OE1 . GLU A 1 35  ? -18.908 -2.884  -3.823  1.00 97.13  ? 29  GLU A OE1 1 
ATOM   214  O OE2 . GLU A 1 35  ? -17.994 -0.997  -3.161  1.00 94.40  ? 29  GLU A OE2 1 
ATOM   215  N N   . ASP A 1 36  ? -15.484 -5.412  0.165   1.00 87.32  ? 30  ASP A N   1 
ATOM   216  C CA  . ASP A 1 36  ? -15.960 -6.585  0.888   1.00 87.20  ? 30  ASP A CA  1 
ATOM   217  C C   . ASP A 1 36  ? -15.170 -6.751  2.182   1.00 86.71  ? 30  ASP A C   1 
ATOM   218  O O   . ASP A 1 36  ? -15.740 -6.996  3.243   1.00 88.14  ? 30  ASP A O   1 
ATOM   219  C CB  . ASP A 1 36  ? -15.846 -7.847  0.030   1.00 86.92  ? 30  ASP A CB  1 
ATOM   220  C CG  . ASP A 1 36  ? -16.805 -7.844  -1.146  1.00 90.13  ? 30  ASP A CG  1 
ATOM   221  O OD1 . ASP A 1 36  ? -17.908 -7.268  -1.019  1.00 89.58  ? 30  ASP A OD1 1 
ATOM   222  O OD2 . ASP A 1 36  ? -16.455 -8.418  -2.199  1.00 89.31  ? 30  ASP A OD2 1 
ATOM   223  N N   . VAL A 1 37  ? -13.851 -6.612  2.087   1.00 85.87  ? 31  VAL A N   1 
ATOM   224  C CA  . VAL A 1 37  ? -13.000 -6.697  3.265   1.00 87.90  ? 31  VAL A CA  1 
ATOM   225  C C   . VAL A 1 37  ? -13.061 -5.398  4.053   1.00 87.95  ? 31  VAL A C   1 
ATOM   226  O O   . VAL A 1 37  ? -12.690 -5.358  5.223   1.00 87.55  ? 31  VAL A O   1 
ATOM   227  C CB  . VAL A 1 37  ? -11.536 -7.007  2.898   1.00 89.76  ? 31  VAL A CB  1 
ATOM   228  C CG1 . VAL A 1 37  ? -11.458 -8.295  2.104   1.00 84.31  ? 31  VAL A CG1 1 
ATOM   229  C CG2 . VAL A 1 37  ? -10.922 -5.856  2.119   1.00 90.52  ? 31  VAL A CG2 1 
ATOM   230  N N   . PHE A 1 38  ? -13.535 -4.337  3.408   1.00 87.53  ? 32  PHE A N   1 
ATOM   231  C CA  . PHE A 1 38  ? -13.737 -3.066  4.091   1.00 85.99  ? 32  PHE A CA  1 
ATOM   232  C C   . PHE A 1 38  ? -15.115 -3.042  4.741   1.00 85.36  ? 32  PHE A C   1 
ATOM   233  O O   . PHE A 1 38  ? -15.571 -2.006  5.226   1.00 86.21  ? 32  PHE A O   1 
ATOM   234  C CB  . PHE A 1 38  ? -13.573 -1.892  3.120   1.00 84.53  ? 32  PHE A CB  1 
ATOM   235  C CG  . PHE A 1 38  ? -12.147 -1.632  2.714   1.00 83.84  ? 32  PHE A CG  1 
ATOM   236  C CD1 . PHE A 1 38  ? -11.098 -2.244  3.382   1.00 81.80  ? 32  PHE A CD1 1 
ATOM   237  C CD2 . PHE A 1 38  ? -11.854 -0.770  1.669   1.00 84.50  ? 32  PHE A CD2 1 
ATOM   238  C CE1 . PHE A 1 38  ? -9.786  -2.006  3.013   1.00 80.80  ? 32  PHE A CE1 1 
ATOM   239  C CE2 . PHE A 1 38  ? -10.543 -0.525  1.296   1.00 85.92  ? 32  PHE A CE2 1 
ATOM   240  C CZ  . PHE A 1 38  ? -9.508  -1.144  1.968   1.00 82.36  ? 32  PHE A CZ  1 
ATOM   241  N N   . ALA A 1 39  ? -15.775 -4.198  4.735   1.00 85.31  ? 33  ALA A N   1 
ATOM   242  C CA  . ALA A 1 39  ? -17.061 -4.372  5.402   1.00 84.29  ? 33  ALA A CA  1 
ATOM   243  C C   . ALA A 1 39  ? -16.937 -5.438  6.485   1.00 84.04  ? 33  ALA A C   1 
ATOM   244  O O   . ALA A 1 39  ? -17.750 -5.491  7.407   1.00 83.58  ? 33  ALA A O   1 
ATOM   245  C CB  . ALA A 1 39  ? -18.149 -4.740  4.399   1.00 87.23  ? 33  ALA A CB  1 
ATOM   246  N N   . GLY A 1 40  ? -15.910 -6.278  6.363   1.00 86.13  ? 34  GLY A N   1 
ATOM   247  C CA  . GLY A 1 40  ? -15.541 -7.208  7.415   1.00 89.97  ? 34  GLY A CA  1 
ATOM   248  C C   . GLY A 1 40  ? -16.055 -8.632  7.290   1.00 90.53  ? 34  GLY A C   1 
ATOM   249  O O   . GLY A 1 40  ? -16.407 -9.249  8.296   1.00 93.38  ? 34  GLY A O   1 
ATOM   250  N N   . LYS A 1 41  ? -16.086 -9.167  6.070   1.00 91.93  ? 35  LYS A N   1 
ATOM   251  C CA  . LYS A 1 41  ? -16.573 -10.528 5.856   1.00 94.00  ? 35  LYS A CA  1 
ATOM   252  C C   . LYS A 1 41  ? -15.439 -11.518 5.586   1.00 99.41  ? 35  LYS A C   1 
ATOM   253  O O   . LYS A 1 41  ? -15.388 -12.584 6.204   1.00 102.68 ? 35  LYS A O   1 
ATOM   254  C CB  . LYS A 1 41  ? -17.591 -10.559 4.709   1.00 94.70  ? 35  LYS A CB  1 
ATOM   255  C CG  . LYS A 1 41  ? -19.034 -10.683 5.190   1.00 95.69  ? 35  LYS A CG  1 
ATOM   256  C CD  . LYS A 1 41  ? -20.015 -10.464 4.054   1.00 90.09  ? 35  LYS A CD  1 
ATOM   257  C CE  . LYS A 1 41  ? -21.438 -10.712 4.510   1.00 87.10  ? 35  LYS A CE  1 
ATOM   258  N NZ  . LYS A 1 41  ? -21.764 -10.005 5.778   1.00 92.84  ? 35  LYS A NZ  1 
ATOM   259  N N   . ASN A 1 42  ? -14.536 -11.172 4.674   1.00 99.21  ? 36  ASN A N   1 
ATOM   260  C CA  . ASN A 1 42  ? -13.429 -12.059 4.330   1.00 98.04  ? 36  ASN A CA  1 
ATOM   261  C C   . ASN A 1 42  ? -12.460 -12.261 5.493   1.00 99.37  ? 36  ASN A C   1 
ATOM   262  O O   . ASN A 1 42  ? -12.131 -11.317 6.209   1.00 99.57  ? 36  ASN A O   1 
ATOM   263  C CB  . ASN A 1 42  ? -12.679 -11.518 3.113   1.00 92.75  ? 36  ASN A CB  1 
ATOM   264  C CG  . ASN A 1 42  ? -12.791 -12.436 1.905   1.00 95.01  ? 36  ASN A CG  1 
ATOM   265  O OD1 . ASN A 1 42  ? -11.946 -13.307 1.689   1.00 96.01  ? 36  ASN A OD1 1 
ATOM   266  N ND2 . ASN A 1 42  ? -13.842 -12.245 1.113   1.00 95.81  ? 36  ASN A ND2 1 
ATOM   267  N N   . THR A 1 43  ? -12.000 -13.497 5.667   1.00 100.98 ? 37  THR A N   1 
ATOM   268  C CA  . THR A 1 43  ? -11.087 -13.830 6.756   1.00 102.58 ? 37  THR A CA  1 
ATOM   269  C C   . THR A 1 43  ? -9.839  -14.553 6.252   1.00 104.13 ? 37  THR A C   1 
ATOM   270  O O   . THR A 1 43  ? -8.719  -14.229 6.655   1.00 104.70 ? 37  THR A O   1 
ATOM   271  C CB  . THR A 1 43  ? -11.777 -14.710 7.820   1.00 104.33 ? 37  THR A CB  1 
ATOM   272  O OG1 . THR A 1 43  ? -12.980 -14.070 8.266   1.00 105.44 ? 37  THR A OG1 1 
ATOM   273  C CG2 . THR A 1 43  ? -10.853 -14.931 9.008   1.00 101.30 ? 37  THR A CG2 1 
ATOM   274  N N   . ASP A 1 44  ? -10.037 -15.529 5.371   1.00 105.49 ? 38  ASP A N   1 
ATOM   275  C CA  . ASP A 1 44  ? -8.930  -16.287 4.794   1.00 101.59 ? 38  ASP A CA  1 
ATOM   276  C C   . ASP A 1 44  ? -8.026  -15.393 3.951   1.00 96.86  ? 38  ASP A C   1 
ATOM   277  O O   . ASP A 1 44  ? -8.276  -15.174 2.764   1.00 94.86  ? 38  ASP A O   1 
ATOM   278  C CB  . ASP A 1 44  ? -9.460  -17.452 3.956   1.00 99.77  ? 38  ASP A CB  1 
ATOM   279  C CG  . ASP A 1 44  ? -10.753 -17.115 3.237   1.00 101.28 ? 38  ASP A CG  1 
ATOM   280  O OD1 . ASP A 1 44  ? -10.907 -15.959 2.785   1.00 101.44 ? 38  ASP A OD1 1 
ATOM   281  O OD2 . ASP A 1 44  ? -11.622 -18.007 3.130   1.00 101.06 ? 38  ASP A OD2 1 
ATOM   282  N N   . LEU A 1 45  ? -6.971  -14.885 4.583   1.00 95.12  ? 39  LEU A N   1 
ATOM   283  C CA  . LEU A 1 45  ? -6.056  -13.934 3.962   1.00 92.30  ? 39  LEU A CA  1 
ATOM   284  C C   . LEU A 1 45  ? -5.413  -14.468 2.686   1.00 91.38  ? 39  LEU A C   1 
ATOM   285  O O   . LEU A 1 45  ? -5.254  -13.736 1.711   1.00 93.27  ? 39  LEU A O   1 
ATOM   286  C CB  . LEU A 1 45  ? -4.962  -13.537 4.956   1.00 88.41  ? 39  LEU A CB  1 
ATOM   287  C CG  . LEU A 1 45  ? -3.835  -12.626 4.460   1.00 85.39  ? 39  LEU A CG  1 
ATOM   288  C CD1 . LEU A 1 45  ? -4.380  -11.306 3.932   1.00 79.73  ? 39  LEU A CD1 1 
ATOM   289  C CD2 . LEU A 1 45  ? -2.820  -12.386 5.568   1.00 88.69  ? 39  LEU A CD2 1 
ATOM   290  N N   . GLU A 1 46  ? -5.051  -15.746 2.692   1.00 89.21  ? 40  GLU A N   1 
ATOM   291  C CA  . GLU A 1 46  ? -4.287  -16.319 1.589   1.00 87.93  ? 40  GLU A CA  1 
ATOM   292  C C   . GLU A 1 46  ? -5.155  -16.687 0.385   1.00 85.75  ? 40  GLU A C   1 
ATOM   293  O O   . GLU A 1 46  ? -4.751  -17.489 -0.456  1.00 86.12  ? 40  GLU A O   1 
ATOM   294  C CB  . GLU A 1 46  ? -3.512  -17.545 2.071   1.00 88.53  ? 40  GLU A CB  1 
ATOM   295  C CG  . GLU A 1 46  ? -2.528  -17.235 3.191   1.00 89.09  ? 40  GLU A CG  1 
ATOM   296  C CD  . GLU A 1 46  ? -1.518  -16.168 2.802   1.00 94.00  ? 40  GLU A CD  1 
ATOM   297  O OE1 . GLU A 1 46  ? -1.407  -15.156 3.528   1.00 91.34  ? 40  GLU A OE1 1 
ATOM   298  O OE2 . GLU A 1 46  ? -0.831  -16.344 1.773   1.00 97.88  ? 40  GLU A OE2 1 
ATOM   299  N N   . VAL A 1 47  ? -6.343  -16.095 0.300   1.00 84.27  ? 41  VAL A N   1 
ATOM   300  C CA  . VAL A 1 47  ? -7.199  -16.269 -0.868  1.00 82.29  ? 41  VAL A CA  1 
ATOM   301  C C   . VAL A 1 47  ? -7.069  -15.069 -1.803  1.00 83.94  ? 41  VAL A C   1 
ATOM   302  O O   . VAL A 1 47  ? -6.794  -15.225 -2.994  1.00 86.72  ? 41  VAL A O   1 
ATOM   303  C CB  . VAL A 1 47  ? -8.676  -16.458 -0.473  1.00 87.05  ? 41  VAL A CB  1 
ATOM   304  C CG1 . VAL A 1 47  ? -9.567  -16.428 -1.707  1.00 87.45  ? 41  VAL A CG1 1 
ATOM   305  C CG2 . VAL A 1 47  ? -8.857  -17.763 0.288   1.00 88.05  ? 41  VAL A CG2 1 
ATOM   306  N N   . LEU A 1 48  ? -7.256  -13.871 -1.258  1.00 83.50  ? 42  LEU A N   1 
ATOM   307  C CA  . LEU A 1 48  ? -7.124  -12.646 -2.039  1.00 83.33  ? 42  LEU A CA  1 
ATOM   308  C C   . LEU A 1 48  ? -5.665  -12.368 -2.385  1.00 85.61  ? 42  LEU A C   1 
ATOM   309  O O   . LEU A 1 48  ? -5.372  -11.629 -3.326  1.00 85.18  ? 42  LEU A O   1 
ATOM   310  C CB  . LEU A 1 48  ? -7.723  -11.463 -1.281  1.00 83.99  ? 42  LEU A CB  1 
ATOM   311  C CG  . LEU A 1 48  ? -9.219  -11.585 -0.983  1.00 92.16  ? 42  LEU A CG  1 
ATOM   312  C CD1 . LEU A 1 48  ? -9.657  -10.487 -0.037  1.00 91.52  ? 42  LEU A CD1 1 
ATOM   313  C CD2 . LEU A 1 48  ? -10.042 -11.553 -2.268  1.00 93.50  ? 42  LEU A CD2 1 
ATOM   314  N N   . MET A 1 49  ? -4.753  -12.959 -1.617  1.00 85.73  ? 43  MET A N   1 
ATOM   315  C CA  . MET A 1 49  ? -3.331  -12.895 -1.936  1.00 82.72  ? 43  MET A CA  1 
ATOM   316  C C   . MET A 1 49  ? -3.061  -13.632 -3.242  1.00 82.05  ? 43  MET A C   1 
ATOM   317  O O   . MET A 1 49  ? -2.448  -13.089 -4.161  1.00 83.89  ? 43  MET A O   1 
ATOM   318  C CB  . MET A 1 49  ? -2.489  -13.491 -0.804  1.00 83.02  ? 43  MET A CB  1 
ATOM   319  C CG  . MET A 1 49  ? -2.413  -12.644 0.460   1.00 84.32  ? 43  MET A CG  1 
ATOM   320  S SD  . MET A 1 49  ? -1.429  -11.139 0.280   1.00 77.40  ? 43  MET A SD  1 
ATOM   321  C CE  . MET A 1 49  ? -2.705  -9.927  -0.037  1.00 79.50  ? 43  MET A CE  1 
ATOM   322  N N   . GLU A 1 50  ? -3.533  -14.873 -3.319  1.00 82.20  ? 44  GLU A N   1 
ATOM   323  C CA  . GLU A 1 50  ? -3.391  -15.687 -4.522  1.00 80.91  ? 44  GLU A CA  1 
ATOM   324  C C   . GLU A 1 50  ? -4.153  -15.073 -5.691  1.00 81.94  ? 44  GLU A C   1 
ATOM   325  O O   . GLU A 1 50  ? -3.690  -15.107 -6.832  1.00 86.11  ? 44  GLU A O   1 
ATOM   326  C CB  . GLU A 1 50  ? -3.883  -17.112 -4.260  1.00 80.57  ? 44  GLU A CB  1 
ATOM   327  C CG  . GLU A 1 50  ? -3.891  -18.017 -5.485  1.00 87.28  ? 44  GLU A CG  1 
ATOM   328  C CD  . GLU A 1 50  ? -2.742  -19.006 -5.494  1.00 90.27  ? 44  GLU A CD  1 
ATOM   329  O OE1 . GLU A 1 50  ? -1.858  -18.907 -4.617  1.00 89.17  ? 44  GLU A OE1 1 
ATOM   330  O OE2 . GLU A 1 50  ? -2.726  -19.888 -6.379  1.00 92.71  ? 44  GLU A OE2 1 
ATOM   331  N N   . TRP A 1 51  ? -5.320  -14.511 -5.395  1.00 79.78  ? 45  TRP A N   1 
ATOM   332  C CA  . TRP A 1 51  ? -6.153  -13.863 -6.403  1.00 81.44  ? 45  TRP A CA  1 
ATOM   333  C C   . TRP A 1 51  ? -5.409  -12.722 -7.093  1.00 83.29  ? 45  TRP A C   1 
ATOM   334  O O   . TRP A 1 51  ? -5.525  -12.538 -8.303  1.00 86.63  ? 45  TRP A O   1 
ATOM   335  C CB  . TRP A 1 51  ? -7.445  -13.342 -5.769  1.00 81.68  ? 45  TRP A CB  1 
ATOM   336  C CG  . TRP A 1 51  ? -8.327  -12.588 -6.715  1.00 83.01  ? 45  TRP A CG  1 
ATOM   337  C CD1 . TRP A 1 51  ? -9.201  -13.119 -7.618  1.00 83.93  ? 45  TRP A CD1 1 
ATOM   338  C CD2 . TRP A 1 51  ? -8.430  -11.168 -6.844  1.00 83.32  ? 45  TRP A CD2 1 
ATOM   339  N NE1 . TRP A 1 51  ? -9.839  -12.117 -8.307  1.00 86.18  ? 45  TRP A NE1 1 
ATOM   340  C CE2 . TRP A 1 51  ? -9.383  -10.903 -7.851  1.00 85.48  ? 45  TRP A CE2 1 
ATOM   341  C CE3 . TRP A 1 51  ? -7.810  -10.084 -6.212  1.00 81.83  ? 45  TRP A CE3 1 
ATOM   342  C CZ2 . TRP A 1 51  ? -9.728  -9.613  -8.238  1.00 87.82  ? 45  TRP A CZ2 1 
ATOM   343  C CZ3 . TRP A 1 51  ? -8.153  -8.800  -6.595  1.00 79.03  ? 45  TRP A CZ3 1 
ATOM   344  C CH2 . TRP A 1 51  ? -9.102  -8.576  -7.599  1.00 83.79  ? 45  TRP A CH2 1 
ATOM   345  N N   . LEU A 1 52  ? -4.647  -11.964 -6.311  1.00 80.22  ? 46  LEU A N   1 
ATOM   346  C CA  . LEU A 1 52  ? -3.847  -10.862 -6.833  1.00 76.82  ? 46  LEU A CA  1 
ATOM   347  C C   . LEU A 1 52  ? -2.724  -11.347 -7.744  1.00 83.20  ? 46  LEU A C   1 
ATOM   348  O O   . LEU A 1 52  ? -2.534  -10.828 -8.846  1.00 85.35  ? 46  LEU A O   1 
ATOM   349  C CB  . LEU A 1 52  ? -3.249  -10.048 -5.685  1.00 73.43  ? 46  LEU A CB  1 
ATOM   350  C CG  . LEU A 1 52  ? -4.117  -8.982  -5.024  1.00 68.38  ? 46  LEU A CG  1 
ATOM   351  C CD1 . LEU A 1 52  ? -3.371  -8.339  -3.866  1.00 66.87  ? 46  LEU A CD1 1 
ATOM   352  C CD2 . LEU A 1 52  ? -4.512  -7.938  -6.050  1.00 64.68  ? 46  LEU A CD2 1 
ATOM   353  N N   . LYS A 1 53  ? -1.983  -12.345 -7.270  1.00 84.78  ? 47  LYS A N   1 
ATOM   354  C CA  . LYS A 1 53  ? -0.780  -12.832 -7.943  1.00 82.01  ? 47  LYS A CA  1 
ATOM   355  C C   . LYS A 1 53  ? -1.054  -13.349 -9.354  1.00 84.84  ? 47  LYS A C   1 
ATOM   356  O O   . LYS A 1 53  ? -0.181  -13.300 -10.219 1.00 85.64  ? 47  LYS A O   1 
ATOM   357  C CB  . LYS A 1 53  ? -0.130  -13.933 -7.097  1.00 80.26  ? 47  LYS A CB  1 
ATOM   358  C CG  . LYS A 1 53  ? 1.207   -14.443 -7.618  1.00 82.18  ? 47  LYS A CG  1 
ATOM   359  C CD  . LYS A 1 53  ? 1.771   -15.533 -6.712  1.00 81.07  ? 47  LYS A CD  1 
ATOM   360  C CE  . LYS A 1 53  ? 3.080   -16.088 -7.251  1.00 77.87  ? 47  LYS A CE  1 
ATOM   361  N NZ  . LYS A 1 53  ? 3.610   -17.180 -6.388  1.00 72.88  ? 47  LYS A NZ  1 
ATOM   362  N N   . THR A 1 54  ? -2.274  -13.825 -9.585  1.00 86.33  ? 48  THR A N   1 
ATOM   363  C CA  . THR A 1 54  ? -2.617  -14.453 -10.854 1.00 85.87  ? 48  THR A CA  1 
ATOM   364  C C   . THR A 1 54  ? -3.344  -13.514 -11.808 1.00 83.27  ? 48  THR A C   1 
ATOM   365  O O   . THR A 1 54  ? -3.588  -13.862 -12.966 1.00 84.81  ? 48  THR A O   1 
ATOM   366  C CB  . THR A 1 54  ? -3.485  -15.705 -10.633 1.00 87.93  ? 48  THR A CB  1 
ATOM   367  O OG1 . THR A 1 54  ? -4.699  -15.335 -9.970  1.00 87.37  ? 48  THR A OG1 1 
ATOM   368  C CG2 . THR A 1 54  ? -2.741  -16.727 -9.780  1.00 88.36  ? 48  THR A CG2 1 
ATOM   369  N N   . ARG A 1 55  ? -3.686  -12.321 -11.336 1.00 81.46  ? 49  ARG A N   1 
ATOM   370  C CA  . ARG A 1 55  ? -4.408  -11.372 -12.179 1.00 82.26  ? 49  ARG A CA  1 
ATOM   371  C C   . ARG A 1 55  ? -3.507  -10.828 -13.283 1.00 80.56  ? 49  ARG A C   1 
ATOM   372  O O   . ARG A 1 55  ? -2.335  -10.520 -13.041 1.00 79.48  ? 49  ARG A O   1 
ATOM   373  C CB  . ARG A 1 55  ? -4.987  -10.238 -11.332 1.00 83.90  ? 49  ARG A CB  1 
ATOM   374  C CG  . ARG A 1 55  ? -6.324  -10.588 -10.693 1.00 86.05  ? 49  ARG A CG  1 
ATOM   375  C CD  . ARG A 1 55  ? -7.355  -10.957 -11.748 1.00 87.47  ? 49  ARG A CD  1 
ATOM   376  N NE  . ARG A 1 55  ? -8.407  -11.828 -11.229 1.00 86.01  ? 49  ARG A NE  1 
ATOM   377  C CZ  . ARG A 1 55  ? -8.328  -13.154 -11.194 1.00 89.70  ? 49  ARG A CZ  1 
ATOM   378  N NH1 . ARG A 1 55  ? -7.243  -13.770 -11.640 1.00 90.01  ? 49  ARG A NH1 1 
ATOM   379  N NH2 . ARG A 1 55  ? -9.334  -13.868 -10.711 1.00 91.33  ? 49  ARG A NH2 1 
ATOM   380  N N   . PRO A 1 56  ? -4.064  -10.698 -14.497 1.00 80.75  ? 50  PRO A N   1 
ATOM   381  C CA  . PRO A 1 56  ? -3.309  -10.477 -15.732 1.00 81.94  ? 50  PRO A CA  1 
ATOM   382  C C   . PRO A 1 56  ? -3.005  -9.037  -16.132 1.00 80.15  ? 50  PRO A C   1 
ATOM   383  O O   . PRO A 1 56  ? -2.048  -8.828  -16.857 1.00 80.16  ? 50  PRO A O   1 
ATOM   384  C CB  . PRO A 1 56  ? -4.210  -11.117 -16.785 1.00 80.26  ? 50  PRO A CB  1 
ATOM   385  C CG  . PRO A 1 56  ? -5.567  -10.848 -16.272 1.00 77.84  ? 50  PRO A CG  1 
ATOM   386  C CD  . PRO A 1 56  ? -5.491  -10.925 -14.774 1.00 78.98  ? 50  PRO A CD  1 
ATOM   387  N N   . ILE A 1 57  ? -3.775  -8.057  -15.692 1.00 80.15  ? 51  ILE A N   1 
ATOM   388  C CA  . ILE A 1 57  ? -3.513  -6.697  -16.142 1.00 79.25  ? 51  ILE A CA  1 
ATOM   389  C C   . ILE A 1 57  ? -2.933  -5.840  -15.013 1.00 80.21  ? 51  ILE A C   1 
ATOM   390  O O   . ILE A 1 57  ? -2.869  -4.617  -15.114 1.00 79.95  ? 51  ILE A O   1 
ATOM   391  C CB  . ILE A 1 57  ? -4.786  -6.038  -16.719 1.00 78.79  ? 51  ILE A CB  1 
ATOM   392  C CG1 . ILE A 1 57  ? -5.741  -7.094  -17.276 1.00 81.85  ? 51  ILE A CG1 1 
ATOM   393  C CG2 . ILE A 1 57  ? -4.408  -5.059  -17.838 1.00 82.41  ? 51  ILE A CG2 1 
ATOM   394  C CD1 . ILE A 1 57  ? -7.067  -6.542  -17.754 1.00 87.54  ? 51  ILE A CD1 1 
ATOM   395  N N   . LEU A 1 58  ? -2.472  -6.500  -13.957 1.00 78.10  ? 52  LEU A N   1 
ATOM   396  C CA  . LEU A 1 58  ? -1.883  -5.802  -12.820 1.00 73.67  ? 52  LEU A CA  1 
ATOM   397  C C   . LEU A 1 58  ? -0.363  -5.742  -12.878 1.00 72.35  ? 52  LEU A C   1 
ATOM   398  O O   . LEU A 1 58  ? 0.306   -6.770  -12.994 1.00 72.13  ? 52  LEU A O   1 
ATOM   399  C CB  . LEU A 1 58  ? -2.310  -6.465  -11.511 1.00 71.20  ? 52  LEU A CB  1 
ATOM   400  C CG  . LEU A 1 58  ? -3.739  -6.184  -11.063 1.00 70.21  ? 52  LEU A CG  1 
ATOM   401  C CD1 . LEU A 1 58  ? -4.086  -7.009  -9.844  1.00 70.29  ? 52  LEU A CD1 1 
ATOM   402  C CD2 . LEU A 1 58  ? -3.881  -4.706  -10.768 1.00 70.36  ? 52  LEU A CD2 1 
ATOM   403  N N   . SER A 1 59  ? 0.175   -4.532  -12.775 1.00 70.53  ? 53  SER A N   1 
ATOM   404  C CA  . SER A 1 59  ? 1.617   -4.351  -12.653 1.00 69.83  ? 53  SER A CA  1 
ATOM   405  C C   . SER A 1 59  ? 2.074   -4.904  -11.305 1.00 69.51  ? 53  SER A C   1 
ATOM   406  O O   . SER A 1 59  ? 1.279   -4.984  -10.370 1.00 70.03  ? 53  SER A O   1 
ATOM   407  C CB  . SER A 1 59  ? 2.008   -2.874  -12.789 1.00 71.76  ? 53  SER A CB  1 
ATOM   408  O OG  . SER A 1 59  ? 1.504   -2.113  -11.704 1.00 73.89  ? 53  SER A OG  1 
ATOM   409  N N   . PRO A 1 60  ? 3.346   -5.320  -11.210 1.00 70.57  ? 54  PRO A N   1 
ATOM   410  C CA  . PRO A 1 60  ? 3.921   -5.797  -9.946  1.00 69.37  ? 54  PRO A CA  1 
ATOM   411  C C   . PRO A 1 60  ? 3.775   -4.777  -8.822  1.00 69.18  ? 54  PRO A C   1 
ATOM   412  O O   . PRO A 1 60  ? 3.585   -5.158  -7.668  1.00 68.95  ? 54  PRO A O   1 
ATOM   413  C CB  . PRO A 1 60  ? 5.394   -6.016  -10.295 1.00 72.44  ? 54  PRO A CB  1 
ATOM   414  C CG  . PRO A 1 60  ? 5.383   -6.320  -11.745 1.00 75.64  ? 54  PRO A CG  1 
ATOM   415  C CD  . PRO A 1 60  ? 4.288   -5.475  -12.331 1.00 73.72  ? 54  PRO A CD  1 
ATOM   416  N N   . LEU A 1 61  ? 3.857   -3.495  -9.165  1.00 68.57  ? 55  LEU A N   1 
ATOM   417  C CA  . LEU A 1 61  ? 3.728   -2.430  -8.177  1.00 67.35  ? 55  LEU A CA  1 
ATOM   418  C C   . LEU A 1 61  ? 2.326   -2.391  -7.577  1.00 67.32  ? 55  LEU A C   1 
ATOM   419  O O   . LEU A 1 61  ? 2.170   -2.269  -6.361  1.00 67.92  ? 55  LEU A O   1 
ATOM   420  C CB  . LEU A 1 61  ? 4.069   -1.076  -8.800  1.00 68.51  ? 55  LEU A CB  1 
ATOM   421  C CG  . LEU A 1 61  ? 4.045   0.120   -7.847  1.00 66.12  ? 55  LEU A CG  1 
ATOM   422  C CD1 . LEU A 1 61  ? 4.975   -0.122  -6.668  1.00 61.70  ? 55  LEU A CD1 1 
ATOM   423  C CD2 . LEU A 1 61  ? 4.421   1.400   -8.577  1.00 67.66  ? 55  LEU A CD2 1 
ATOM   424  N N   . THR A 1 62  ? 1.310   -2.498  -8.429  1.00 68.28  ? 56  THR A N   1 
ATOM   425  C CA  . THR A 1 62  ? -0.075  -2.483  -7.964  1.00 64.81  ? 56  THR A CA  1 
ATOM   426  C C   . THR A 1 62  ? -0.368  -3.712  -7.112  1.00 62.29  ? 56  THR A C   1 
ATOM   427  O O   . THR A 1 62  ? -1.070  -3.629  -6.106  1.00 65.85  ? 56  THR A O   1 
ATOM   428  C CB  . THR A 1 62  ? -1.075  -2.426  -9.133  1.00 65.59  ? 56  THR A CB  1 
ATOM   429  O OG1 . THR A 1 62  ? -0.699  -1.385  -10.042 1.00 71.68  ? 56  THR A OG1 1 
ATOM   430  C CG2 . THR A 1 62  ? -2.481  -2.156  -8.616  1.00 67.43  ? 56  THR A CG2 1 
ATOM   431  N N   . LYS A 1 63  ? 0.181   -4.853  -7.517  1.00 64.06  ? 57  LYS A N   1 
ATOM   432  C CA  . LYS A 1 63  ? 0.044   -6.082  -6.746  1.00 63.29  ? 57  LYS A CA  1 
ATOM   433  C C   . LYS A 1 63  ? 0.718   -5.936  -5.386  1.00 65.45  ? 57  LYS A C   1 
ATOM   434  O O   . LYS A 1 63  ? 0.342   -6.601  -4.423  1.00 68.10  ? 57  LYS A O   1 
ATOM   435  C CB  . LYS A 1 63  ? 0.640   -7.270  -7.507  1.00 65.45  ? 57  LYS A CB  1 
ATOM   436  C CG  . LYS A 1 63  ? -0.074  -7.617  -8.807  1.00 67.10  ? 57  LYS A CG  1 
ATOM   437  C CD  . LYS A 1 63  ? 0.534   -8.858  -9.445  1.00 71.49  ? 57  LYS A CD  1 
ATOM   438  C CE  . LYS A 1 63  ? -0.193  -9.258  -10.719 1.00 70.58  ? 57  LYS A CE  1 
ATOM   439  N NZ  . LYS A 1 63  ? 0.431   -10.445 -11.366 1.00 76.27  ? 57  LYS A NZ  1 
ATOM   440  N N   . GLY A 1 64  ? 1.717   -5.063  -5.320  1.00 64.54  ? 58  GLY A N   1 
ATOM   441  C CA  . GLY A 1 64  ? 2.428   -4.810  -4.082  1.00 64.86  ? 58  GLY A CA  1 
ATOM   442  C C   . GLY A 1 64  ? 1.619   -3.959  -3.124  1.00 64.80  ? 58  GLY A C   1 
ATOM   443  O O   . GLY A 1 64  ? 1.528   -4.261  -1.936  1.00 68.92  ? 58  GLY A O   1 
ATOM   444  N N   . ILE A 1 65  ? 1.027   -2.891  -3.649  1.00 62.46  ? 59  ILE A N   1 
ATOM   445  C CA  . ILE A 1 65  ? 0.241   -1.966  -2.840  1.00 59.35  ? 59  ILE A CA  1 
ATOM   446  C C   . ILE A 1 65  ? -1.067  -2.603  -2.372  1.00 60.80  ? 59  ILE A C   1 
ATOM   447  O O   . ILE A 1 65  ? -1.429  -2.504  -1.200  1.00 61.20  ? 59  ILE A O   1 
ATOM   448  C CB  . ILE A 1 65  ? -0.061  -0.677  -3.620  1.00 57.98  ? 59  ILE A CB  1 
ATOM   449  C CG1 . ILE A 1 65  ? 1.244   0.052   -3.941  1.00 56.31  ? 59  ILE A CG1 1 
ATOM   450  C CG2 . ILE A 1 65  ? -1.004  0.222   -2.829  1.00 55.21  ? 59  ILE A CG2 1 
ATOM   451  C CD1 . ILE A 1 65  ? 1.136   1.056   -5.058  1.00 57.41  ? 59  ILE A CD1 1 
ATOM   452  N N   . LEU A 1 66  ? -1.768  -3.259  -3.293  1.00 62.79  ? 60  LEU A N   1 
ATOM   453  C CA  . LEU A 1 66  ? -2.997  -3.970  -2.966  1.00 60.92  ? 60  LEU A CA  1 
ATOM   454  C C   . LEU A 1 66  ? -2.740  -5.049  -1.921  1.00 60.65  ? 60  LEU A C   1 
ATOM   455  O O   . LEU A 1 66  ? -3.507  -5.207  -0.973  1.00 62.93  ? 60  LEU A O   1 
ATOM   456  C CB  . LEU A 1 66  ? -3.612  -4.589  -4.222  1.00 63.35  ? 60  LEU A CB  1 
ATOM   457  C CG  . LEU A 1 66  ? -4.425  -3.651  -5.112  1.00 60.87  ? 60  LEU A CG  1 
ATOM   458  C CD1 . LEU A 1 66  ? -4.702  -4.297  -6.458  1.00 57.23  ? 60  LEU A CD1 1 
ATOM   459  C CD2 . LEU A 1 66  ? -5.724  -3.287  -4.419  1.00 59.66  ? 60  LEU A CD2 1 
ATOM   460  N N   . GLY A 1 67  ? -1.651  -5.786  -2.099  1.00 62.55  ? 61  GLY A N   1 
ATOM   461  C CA  . GLY A 1 67  ? -1.267  -6.815  -1.152  1.00 64.69  ? 61  GLY A CA  1 
ATOM   462  C C   . GLY A 1 67  ? -0.901  -6.220  0.192   1.00 65.55  ? 61  GLY A C   1 
ATOM   463  O O   . GLY A 1 67  ? -1.107  -6.838  1.237   1.00 67.64  ? 61  GLY A O   1 
ATOM   464  N N   . PHE A 1 68  ? -0.352  -5.010  0.159   1.00 63.65  ? 62  PHE A N   1 
ATOM   465  C CA  . PHE A 1 68  ? 0.032   -4.310  1.375   1.00 65.12  ? 62  PHE A CA  1 
ATOM   466  C C   . PHE A 1 68  ? -1.207  -3.891  2.157   1.00 67.87  ? 62  PHE A C   1 
ATOM   467  O O   . PHE A 1 68  ? -1.256  -4.016  3.381   1.00 69.88  ? 62  PHE A O   1 
ATOM   468  C CB  . PHE A 1 68  ? 0.888   -3.086  1.042   1.00 67.59  ? 62  PHE A CB  1 
ATOM   469  C CG  . PHE A 1 68  ? 1.700   -2.578  2.198   1.00 65.80  ? 62  PHE A CG  1 
ATOM   470  C CD1 . PHE A 1 68  ? 1.128   -1.776  3.172   1.00 65.06  ? 62  PHE A CD1 1 
ATOM   471  C CD2 . PHE A 1 68  ? 3.043   -2.900  2.305   1.00 67.67  ? 62  PHE A CD2 1 
ATOM   472  C CE1 . PHE A 1 68  ? 1.877   -1.311  4.235   1.00 65.45  ? 62  PHE A CE1 1 
ATOM   473  C CE2 . PHE A 1 68  ? 3.797   -2.438  3.367   1.00 68.08  ? 62  PHE A CE2 1 
ATOM   474  C CZ  . PHE A 1 68  ? 3.214   -1.641  4.332   1.00 63.87  ? 62  PHE A CZ  1 
ATOM   475  N N   . VAL A 1 69  ? -2.208  -3.398  1.437   1.00 66.83  ? 63  VAL A N   1 
ATOM   476  C CA  . VAL A 1 69  ? -3.447  -2.943  2.054   1.00 65.40  ? 63  VAL A CA  1 
ATOM   477  C C   . VAL A 1 69  ? -4.236  -4.106  2.650   1.00 66.60  ? 63  VAL A C   1 
ATOM   478  O O   . VAL A 1 69  ? -4.667  -4.040  3.800   1.00 69.95  ? 63  VAL A O   1 
ATOM   479  C CB  . VAL A 1 69  ? -4.331  -2.189  1.041   1.00 64.48  ? 63  VAL A CB  1 
ATOM   480  C CG1 . VAL A 1 69  ? -5.676  -1.842  1.660   1.00 69.91  ? 63  VAL A CG1 1 
ATOM   481  C CG2 . VAL A 1 69  ? -3.622  -0.931  0.560   1.00 64.86  ? 63  VAL A CG2 1 
ATOM   482  N N   . PHE A 1 70  ? -4.415  -5.170  1.871   1.00 65.97  ? 64  PHE A N   1 
ATOM   483  C CA  . PHE A 1 70  ? -5.170  -6.338  2.324   1.00 67.67  ? 64  PHE A CA  1 
ATOM   484  C C   . PHE A 1 70  ? -4.622  -6.901  3.631   1.00 69.67  ? 64  PHE A C   1 
ATOM   485  O O   . PHE A 1 70  ? -5.380  -7.265  4.527   1.00 73.56  ? 64  PHE A O   1 
ATOM   486  C CB  . PHE A 1 70  ? -5.166  -7.438  1.256   1.00 69.14  ? 64  PHE A CB  1 
ATOM   487  C CG  . PHE A 1 70  ? -5.950  -7.095  0.020   1.00 71.70  ? 64  PHE A CG  1 
ATOM   488  C CD1 . PHE A 1 70  ? -6.892  -6.080  0.034   1.00 75.47  ? 64  PHE A CD1 1 
ATOM   489  C CD2 . PHE A 1 70  ? -5.748  -7.795  -1.160  1.00 72.18  ? 64  PHE A CD2 1 
ATOM   490  C CE1 . PHE A 1 70  ? -7.611  -5.767  -1.105  1.00 76.53  ? 64  PHE A CE1 1 
ATOM   491  C CE2 . PHE A 1 70  ? -6.465  -7.485  -2.301  1.00 68.45  ? 64  PHE A CE2 1 
ATOM   492  C CZ  . PHE A 1 70  ? -7.396  -6.470  -2.272  1.00 69.87  ? 64  PHE A CZ  1 
ATOM   493  N N   . THR A 1 71  ? -3.300  -6.961  3.734   1.00 67.49  ? 65  THR A N   1 
ATOM   494  C CA  . THR A 1 71  ? -2.647  -7.521  4.909   1.00 70.15  ? 65  THR A CA  1 
ATOM   495  C C   . THR A 1 71  ? -2.939  -6.707  6.166   1.00 71.61  ? 65  THR A C   1 
ATOM   496  O O   . THR A 1 71  ? -3.112  -7.265  7.252   1.00 73.13  ? 65  THR A O   1 
ATOM   497  C CB  . THR A 1 71  ? -1.123  -7.608  4.700   1.00 74.02  ? 65  THR A CB  1 
ATOM   498  O OG1 . THR A 1 71  ? -0.847  -8.311  3.482   1.00 73.77  ? 65  THR A OG1 1 
ATOM   499  C CG2 . THR A 1 71  ? -0.460  -8.330  5.866   1.00 77.40  ? 65  THR A CG2 1 
ATOM   500  N N   . LEU A 1 72  ? -3.005  -5.389  6.012   1.00 68.39  ? 66  LEU A N   1 
ATOM   501  C CA  . LEU A 1 72  ? -3.229  -4.497  7.146   1.00 67.01  ? 66  LEU A CA  1 
ATOM   502  C C   . LEU A 1 72  ? -4.655  -4.588  7.680   1.00 72.52  ? 66  LEU A C   1 
ATOM   503  O O   . LEU A 1 72  ? -4.924  -4.207  8.817   1.00 72.31  ? 66  LEU A O   1 
ATOM   504  C CB  . LEU A 1 72  ? -2.910  -3.054  6.756   1.00 66.31  ? 66  LEU A CB  1 
ATOM   505  C CG  . LEU A 1 72  ? -1.428  -2.758  6.524   1.00 65.37  ? 66  LEU A CG  1 
ATOM   506  C CD1 . LEU A 1 72  ? -1.246  -1.366  5.946   1.00 63.41  ? 66  LEU A CD1 1 
ATOM   507  C CD2 . LEU A 1 72  ? -0.651  -2.911  7.824   1.00 69.20  ? 66  LEU A CD2 1 
ATOM   508  N N   . THR A 1 73  ? -5.567  -5.099  6.860   1.00 76.48  ? 67  THR A N   1 
ATOM   509  C CA  . THR A 1 73  ? -6.958  -5.243  7.273   1.00 75.36  ? 67  THR A CA  1 
ATOM   510  C C   . THR A 1 73  ? -7.175  -6.574  7.995   1.00 77.46  ? 67  THR A C   1 
ATOM   511  O O   . THR A 1 73  ? -7.282  -6.601  9.216   1.00 82.66  ? 67  THR A O   1 
ATOM   512  C CB  . THR A 1 73  ? -7.911  -5.140  6.070   1.00 73.68  ? 67  THR A CB  1 
ATOM   513  O OG1 . THR A 1 73  ? -7.627  -6.193  5.143   1.00 73.20  ? 67  THR A OG1 1 
ATOM   514  C CG2 . THR A 1 73  ? -7.739  -3.797  5.369   1.00 72.40  ? 67  THR A CG2 1 
ATOM   515  N N   . VAL A 1 74  ? -7.216  -7.658  7.217   1.00 78.15  ? 68  VAL A N   1 
ATOM   516  C CA  . VAL A 1 74  ? -7.392  -9.043  7.683   1.00 80.87  ? 68  VAL A CA  1 
ATOM   517  C C   . VAL A 1 74  ? -6.850  -9.304  9.091   1.00 83.19  ? 68  VAL A C   1 
ATOM   518  O O   . VAL A 1 74  ? -5.686  -9.013  9.369   1.00 85.55  ? 68  VAL A O   1 
ATOM   519  C CB  . VAL A 1 74  ? -6.715  -10.041 6.698   1.00 80.70  ? 68  VAL A CB  1 
ATOM   520  C CG1 . VAL A 1 74  ? -6.528  -11.417 7.347   1.00 83.67  ? 68  VAL A CG1 1 
ATOM   521  C CG2 . VAL A 1 74  ? -7.515  -10.155 5.409   1.00 81.94  ? 68  VAL A CG2 1 
ATOM   522  N N   . PRO A 1 75  ? -7.705  -9.845  9.978   1.00 82.63  ? 69  PRO A N   1 
ATOM   523  C CA  . PRO A 1 75  ? -7.458  -10.108 11.403  1.00 83.05  ? 69  PRO A CA  1 
ATOM   524  C C   . PRO A 1 75  ? -6.052  -10.628 11.718  1.00 84.39  ? 69  PRO A C   1 
ATOM   525  O O   . PRO A 1 75  ? -5.284  -9.917  12.369  1.00 86.00  ? 69  PRO A O   1 
ATOM   526  C CB  . PRO A 1 75  ? -8.521  -11.167 11.754  1.00 83.19  ? 69  PRO A CB  1 
ATOM   527  C CG  . PRO A 1 75  ? -9.247  -11.486 10.454  1.00 83.97  ? 69  PRO A CG  1 
ATOM   528  C CD  . PRO A 1 75  ? -9.045  -10.302 9.578   1.00 83.38  ? 69  PRO A CD  1 
ATOM   529  N N   . SER A 1 76  ? -5.731  -11.834 11.261  1.00 84.61  ? 70  SER A N   1 
ATOM   530  C CA  . SER A 1 76  ? -4.413  -12.411 11.481  1.00 86.95  ? 70  SER A CA  1 
ATOM   531  C C   . SER A 1 76  ? -4.158  -13.570 10.524  1.00 84.62  ? 70  SER A C   1 
ATOM   532  O O   . SER A 1 76  ? -5.092  -14.141 9.961   1.00 78.21  ? 70  SER A O   1 
ATOM   533  C CB  . SER A 1 76  ? -4.265  -12.882 12.929  1.00 86.44  ? 70  SER A CB  1 
ATOM   534  O OG  . SER A 1 76  ? -2.941  -13.322 13.184  1.00 86.73  ? 70  SER A OG  1 
ATOM   535  N N   . ARG A 1 83  ? 4.780   -12.939 2.106   1.00 90.59  ? 77  ARG A N   1 
ATOM   536  C CA  . ARG A 1 83  ? 4.818   -13.305 0.695   1.00 89.74  ? 77  ARG A CA  1 
ATOM   537  C C   . ARG A 1 83  ? 5.996   -12.642 -0.015  1.00 85.95  ? 77  ARG A C   1 
ATOM   538  O O   . ARG A 1 83  ? 6.398   -11.530 0.330   1.00 84.49  ? 77  ARG A O   1 
ATOM   539  C CB  . ARG A 1 83  ? 3.505   -12.930 0.006   1.00 86.48  ? 77  ARG A CB  1 
ATOM   540  C CG  . ARG A 1 83  ? 2.272   -13.616 0.585   1.00 86.41  ? 77  ARG A CG  1 
ATOM   541  C CD  . ARG A 1 83  ? 2.305   -15.124 0.366   1.00 84.66  ? 77  ARG A CD  1 
ATOM   542  N NE  . ARG A 1 83  ? 2.008   -15.495 -1.016  1.00 80.26  ? 77  ARG A NE  1 
ATOM   543  C CZ  . ARG A 1 83  ? 0.802   -15.850 -1.449  1.00 83.23  ? 77  ARG A CZ  1 
ATOM   544  N NH1 . ARG A 1 83  ? -0.221  -15.885 -0.608  1.00 84.60  ? 77  ARG A NH1 1 
ATOM   545  N NH2 . ARG A 1 83  ? 0.621   -16.174 -2.723  1.00 85.42  ? 77  ARG A NH2 1 
ATOM   546  N N   . ARG A 1 84  ? 6.534   -13.335 -1.014  1.00 86.06  ? 78  ARG A N   1 
ATOM   547  C CA  . ARG A 1 84  ? 7.739   -12.902 -1.715  1.00 85.81  ? 78  ARG A CA  1 
ATOM   548  C C   . ARG A 1 84  ? 7.412   -12.129 -2.992  1.00 83.45  ? 78  ARG A C   1 
ATOM   549  O O   . ARG A 1 84  ? 8.231   -11.354 -3.488  1.00 82.23  ? 78  ARG A O   1 
ATOM   550  C CB  . ARG A 1 84  ? 8.614   -14.120 -2.039  1.00 88.58  ? 78  ARG A CB  1 
ATOM   551  C CG  . ARG A 1 84  ? 9.963   -13.816 -2.681  1.00 91.69  ? 78  ARG A CG  1 
ATOM   552  C CD  . ARG A 1 84  ? 10.852  -12.978 -1.776  1.00 91.97  ? 78  ARG A CD  1 
ATOM   553  N NE  . ARG A 1 84  ? 12.261  -13.083 -2.150  1.00 92.46  ? 78  ARG A NE  1 
ATOM   554  C CZ  . ARG A 1 84  ? 13.203  -12.228 -1.764  1.00 93.20  ? 78  ARG A CZ  1 
ATOM   555  N NH1 . ARG A 1 84  ? 12.889  -11.190 -1.001  1.00 91.86  ? 78  ARG A NH1 1 
ATOM   556  N NH2 . ARG A 1 84  ? 14.460  -12.403 -2.149  1.00 94.11  ? 78  ARG A NH2 1 
ATOM   557  N N   . PHE A 1 85  ? 6.208   -12.331 -3.518  1.00 79.96  ? 79  PHE A N   1 
ATOM   558  C CA  . PHE A 1 85  ? 5.822   -11.687 -4.769  1.00 78.83  ? 79  PHE A CA  1 
ATOM   559  C C   . PHE A 1 85  ? 5.497   -10.211 -4.559  1.00 78.52  ? 79  PHE A C   1 
ATOM   560  O O   . PHE A 1 85  ? 5.349   -9.459  -5.522  1.00 79.58  ? 79  PHE A O   1 
ATOM   561  C CB  . PHE A 1 85  ? 4.632   -12.412 -5.411  1.00 75.42  ? 79  PHE A CB  1 
ATOM   562  C CG  . PHE A 1 85  ? 3.317   -12.178 -4.717  1.00 76.65  ? 79  PHE A CG  1 
ATOM   563  C CD1 . PHE A 1 85  ? 2.443   -11.200 -5.168  1.00 73.21  ? 79  PHE A CD1 1 
ATOM   564  C CD2 . PHE A 1 85  ? 2.944   -12.948 -3.628  1.00 78.97  ? 79  PHE A CD2 1 
ATOM   565  C CE1 . PHE A 1 85  ? 1.229   -10.985 -4.538  1.00 66.71  ? 79  PHE A CE1 1 
ATOM   566  C CE2 . PHE A 1 85  ? 1.728   -12.738 -2.994  1.00 73.74  ? 79  PHE A CE2 1 
ATOM   567  C CZ  . PHE A 1 85  ? 0.873   -11.755 -3.449  1.00 67.63  ? 79  PHE A CZ  1 
ATOM   568  N N   . VAL A 1 86  ? 5.394   -9.803  -3.296  1.00 78.91  ? 80  VAL A N   1 
ATOM   569  C CA  . VAL A 1 86  ? 5.102   -8.414  -2.951  1.00 77.68  ? 80  VAL A CA  1 
ATOM   570  C C   . VAL A 1 86  ? 6.370   -7.708  -2.478  1.00 77.07  ? 80  VAL A C   1 
ATOM   571  O O   . VAL A 1 86  ? 6.581   -6.528  -2.761  1.00 77.27  ? 80  VAL A O   1 
ATOM   572  C CB  . VAL A 1 86  ? 3.998   -8.326  -1.866  1.00 75.21  ? 80  VAL A CB  1 
ATOM   573  C CG1 . VAL A 1 86  ? 4.282   -9.301  -0.736  1.00 75.90  ? 80  VAL A CG1 1 
ATOM   574  C CG2 . VAL A 1 86  ? 3.850   -6.902  -1.341  1.00 71.46  ? 80  VAL A CG2 1 
ATOM   575  N N   . GLN A 1 87  ? 7.221   -8.446  -1.772  1.00 79.81  ? 81  GLN A N   1 
ATOM   576  C CA  . GLN A 1 87  ? 8.491   -7.912  -1.295  1.00 81.37  ? 81  GLN A CA  1 
ATOM   577  C C   . GLN A 1 87  ? 9.402   -7.543  -2.461  1.00 82.43  ? 81  GLN A C   1 
ATOM   578  O O   . GLN A 1 87  ? 10.099  -6.528  -2.420  1.00 86.19  ? 81  GLN A O   1 
ATOM   579  C CB  . GLN A 1 87  ? 9.187   -8.924  -0.382  1.00 84.18  ? 81  GLN A CB  1 
ATOM   580  C CG  . GLN A 1 87  ? 10.486  -8.421  0.234   1.00 85.83  ? 81  GLN A CG  1 
ATOM   581  C CD  . GLN A 1 87  ? 10.260  -7.360  1.293   1.00 90.37  ? 81  GLN A CD  1 
ATOM   582  O OE1 . GLN A 1 87  ? 9.708   -7.637  2.359   1.00 93.34  ? 81  GLN A OE1 1 
ATOM   583  N NE2 . GLN A 1 87  ? 10.683  -6.134  1.003   1.00 89.03  ? 81  GLN A NE2 1 
ATOM   584  N N   . ASN A 1 88  ? 9.388   -8.372  -3.501  1.00 81.13  ? 82  ASN A N   1 
ATOM   585  C CA  . ASN A 1 88  ? 10.215  -8.141  -4.680  1.00 82.26  ? 82  ASN A CA  1 
ATOM   586  C C   . ASN A 1 88  ? 9.615   -7.088  -5.603  1.00 82.72  ? 82  ASN A C   1 
ATOM   587  O O   . ASN A 1 88  ? 10.233  -6.682  -6.587  1.00 86.48  ? 82  ASN A O   1 
ATOM   588  C CB  . ASN A 1 88  ? 10.430  -9.449  -5.448  1.00 84.03  ? 82  ASN A CB  1 
ATOM   589  C CG  . ASN A 1 88  ? 11.214  -10.474 -4.648  1.00 86.08  ? 82  ASN A CG  1 
ATOM   590  O OD1 . ASN A 1 88  ? 11.925  -10.129 -3.702  1.00 85.07  ? 82  ASN A OD1 1 
ATOM   591  N ND2 . ASN A 1 88  ? 11.094  -11.740 -5.029  1.00 87.92  ? 82  ASN A ND2 1 
ATOM   592  N N   . ALA A 1 89  ? 8.405   -6.650  -5.279  1.00 78.19  ? 83  ALA A N   1 
ATOM   593  C CA  . ALA A 1 89  ? 7.746   -5.601  -6.044  1.00 77.92  ? 83  ALA A CA  1 
ATOM   594  C C   . ALA A 1 89  ? 8.009   -4.245  -5.406  1.00 77.74  ? 83  ALA A C   1 
ATOM   595  O O   . ALA A 1 89  ? 8.171   -3.240  -6.096  1.00 78.96  ? 83  ALA A O   1 
ATOM   596  C CB  . ALA A 1 89  ? 6.259   -5.866  -6.138  1.00 76.07  ? 83  ALA A CB  1 
ATOM   597  N N   . LEU A 1 90  ? 8.054   -4.229  -4.079  1.00 76.29  ? 84  LEU A N   1 
ATOM   598  C CA  . LEU A 1 90  ? 8.318   -3.007  -3.336  1.00 76.88  ? 84  LEU A CA  1 
ATOM   599  C C   . LEU A 1 90  ? 9.817   -2.759  -3.237  1.00 78.58  ? 84  LEU A C   1 
ATOM   600  O O   . LEU A 1 90  ? 10.259  -1.621  -3.076  1.00 78.41  ? 84  LEU A O   1 
ATOM   601  C CB  . LEU A 1 90  ? 7.696   -3.086  -1.941  1.00 75.01  ? 84  LEU A CB  1 
ATOM   602  C CG  . LEU A 1 90  ? 6.182   -3.296  -1.876  1.00 70.80  ? 84  LEU A CG  1 
ATOM   603  C CD1 . LEU A 1 90  ? 5.737   -3.526  -0.440  1.00 70.20  ? 84  LEU A CD1 1 
ATOM   604  C CD2 . LEU A 1 90  ? 5.444   -2.112  -2.484  1.00 67.87  ? 84  LEU A CD2 1 
ATOM   605  N N   . ASN A 1 91  ? 10.594  -3.834  -3.335  1.00 82.51  ? 85  ASN A N   1 
ATOM   606  C CA  . ASN A 1 91  ? 12.051  -3.738  -3.304  1.00 83.66  ? 85  ASN A CA  1 
ATOM   607  C C   . ASN A 1 91  ? 12.721  -4.996  -3.852  1.00 83.30  ? 85  ASN A C   1 
ATOM   608  O O   . ASN A 1 91  ? 13.894  -4.973  -4.224  1.00 78.75  ? 85  ASN A O   1 
ATOM   609  C CB  . ASN A 1 91  ? 12.536  -3.471  -1.880  1.00 79.13  ? 85  ASN A CB  1 
ATOM   610  C CG  . ASN A 1 91  ? 13.876  -2.768  -1.848  1.00 86.85  ? 85  ASN A CG  1 
ATOM   611  O OD1 . ASN A 1 91  ? 13.947  -1.543  -1.948  1.00 91.07  ? 85  ASN A OD1 1 
ATOM   612  N ND2 . ASN A 1 91  ? 14.949  -3.539  -1.706  1.00 91.61  ? 85  ASN A ND2 1 
ATOM   613  N N   . ASP A 1 95  ? 15.890  1.683   -8.631  1.00 86.88  ? 89  ASP A N   1 
ATOM   614  C CA  . ASP A 1 95  ? 16.740  0.983   -7.676  1.00 89.64  ? 89  ASP A CA  1 
ATOM   615  C C   . ASP A 1 95  ? 18.129  1.624   -7.518  1.00 89.82  ? 89  ASP A C   1 
ATOM   616  O O   . ASP A 1 95  ? 19.140  0.964   -7.757  1.00 92.33  ? 89  ASP A O   1 
ATOM   617  C CB  . ASP A 1 95  ? 16.885  -0.481  -8.110  1.00 89.74  ? 89  ASP A CB  1 
ATOM   618  C CG  . ASP A 1 95  ? 17.234  -1.407  -6.960  1.00 92.87  ? 89  ASP A CG  1 
ATOM   619  O OD1 . ASP A 1 95  ? 18.137  -1.069  -6.168  1.00 89.09  ? 89  ASP A OD1 1 
ATOM   620  O OD2 . ASP A 1 95  ? 16.601  -2.479  -6.851  1.00 95.08  ? 89  ASP A OD2 1 
ATOM   621  N N   . PRO A 1 96  ? 18.191  2.912   -7.128  1.00 90.87  ? 90  PRO A N   1 
ATOM   622  C CA  . PRO A 1 96  ? 19.517  3.472   -6.878  1.00 93.66  ? 90  PRO A CA  1 
ATOM   623  C C   . PRO A 1 96  ? 19.731  3.850   -5.413  1.00 92.33  ? 90  PRO A C   1 
ATOM   624  O O   . PRO A 1 96  ? 20.109  3.007   -4.600  1.00 88.56  ? 90  PRO A O   1 
ATOM   625  C CB  . PRO A 1 96  ? 19.525  4.720   -7.765  1.00 92.55  ? 90  PRO A CB  1 
ATOM   626  C CG  . PRO A 1 96  ? 18.031  5.104   -7.906  1.00 89.07  ? 90  PRO A CG  1 
ATOM   627  C CD  . PRO A 1 96  ? 17.209  3.999   -7.261  1.00 88.50  ? 90  PRO A CD  1 
ATOM   628  N N   . ASN A 1 97  ? 19.492  5.117   -5.092  1.00 92.17  ? 91  ASN A N   1 
ATOM   629  C CA  . ASN A 1 97  ? 19.657  5.617   -3.735  1.00 89.73  ? 91  ASN A CA  1 
ATOM   630  C C   . ASN A 1 97  ? 18.329  5.999   -3.096  1.00 88.82  ? 91  ASN A C   1 
ATOM   631  O O   . ASN A 1 97  ? 18.302  6.670   -2.064  1.00 88.49  ? 91  ASN A O   1 
ATOM   632  C CB  . ASN A 1 97  ? 20.595  6.824   -3.721  1.00 90.54  ? 91  ASN A CB  1 
ATOM   633  C CG  . ASN A 1 97  ? 21.939  6.527   -4.352  1.00 91.48  ? 91  ASN A CG  1 
ATOM   634  O OD1 . ASN A 1 97  ? 22.040  5.726   -5.282  1.00 91.72  ? 91  ASN A OD1 1 
ATOM   635  N ND2 . ASN A 1 97  ? 22.983  7.172   -3.846  1.00 92.96  ? 91  ASN A ND2 1 
ATOM   636  N N   . ASN A 1 98  ? 17.225  5.578   -3.705  1.00 90.03  ? 92  ASN A N   1 
ATOM   637  C CA  . ASN A 1 98  ? 15.913  5.871   -3.143  1.00 88.94  ? 92  ASN A CA  1 
ATOM   638  C C   . ASN A 1 98  ? 15.689  5.092   -1.850  1.00 86.45  ? 92  ASN A C   1 
ATOM   639  O O   . ASN A 1 98  ? 14.799  5.420   -1.065  1.00 85.19  ? 92  ASN A O   1 
ATOM   640  C CB  . ASN A 1 98  ? 14.796  5.575   -4.157  1.00 86.01  ? 92  ASN A CB  1 
ATOM   641  C CG  . ASN A 1 98  ? 14.848  4.158   -4.708  1.00 87.22  ? 92  ASN A CG  1 
ATOM   642  O OD1 . ASN A 1 98  ? 15.460  3.265   -4.123  1.00 89.59  ? 92  ASN A OD1 1 
ATOM   643  N ND2 . ASN A 1 98  ? 14.193  3.949   -5.848  1.00 83.82  ? 92  ASN A ND2 1 
ATOM   644  N N   . MET A 1 99  ? 16.510  4.070   -1.630  1.00 87.20  ? 93  MET A N   1 
ATOM   645  C CA  . MET A 1 99  ? 16.457  3.294   -0.397  1.00 85.60  ? 93  MET A CA  1 
ATOM   646  C C   . MET A 1 99  ? 17.076  4.071   0.754   1.00 83.58  ? 93  MET A C   1 
ATOM   647  O O   . MET A 1 99  ? 16.773  3.818   1.918   1.00 80.13  ? 93  MET A O   1 
ATOM   648  C CB  . MET A 1 99  ? 17.176  1.954   -0.566  1.00 86.27  ? 93  MET A CB  1 
ATOM   649  C CG  . MET A 1 99  ? 16.693  1.129   -1.744  1.00 90.81  ? 93  MET A CG  1 
ATOM   650  S SD  . MET A 1 99  ? 17.391  -0.533  -1.754  1.00 113.14 ? 93  MET A SD  1 
ATOM   651  C CE  . MET A 1 99  ? 16.764  -1.154  -3.310  1.00 92.03  ? 93  MET A CE  1 
ATOM   652  N N   . ASP A 1 100 ? 17.948  5.018   0.422   1.00 85.56  ? 94  ASP A N   1 
ATOM   653  C CA  . ASP A 1 100 ? 18.662  5.789   1.429   1.00 88.99  ? 94  ASP A CA  1 
ATOM   654  C C   . ASP A 1 100 ? 17.715  6.735   2.157   1.00 87.30  ? 94  ASP A C   1 
ATOM   655  O O   . ASP A 1 100 ? 17.800  6.905   3.372   1.00 86.37  ? 94  ASP A O   1 
ATOM   656  C CB  . ASP A 1 100 ? 19.814  6.568   0.788   1.00 89.58  ? 94  ASP A CB  1 
ATOM   657  C CG  . ASP A 1 100 ? 20.857  7.012   1.798   1.00 87.55  ? 94  ASP A CG  1 
ATOM   658  O OD1 . ASP A 1 100 ? 21.809  6.244   2.051   1.00 89.46  ? 94  ASP A OD1 1 
ATOM   659  O OD2 . ASP A 1 100 ? 20.728  8.130   2.336   1.00 87.65  ? 94  ASP A OD2 1 
ATOM   660  N N   . LYS A 1 101 ? 16.804  7.345   1.406   1.00 88.19  ? 95  LYS A N   1 
ATOM   661  C CA  . LYS A 1 101 ? 15.806  8.233   1.990   1.00 92.35  ? 95  LYS A CA  1 
ATOM   662  C C   . LYS A 1 101 ? 14.712  7.442   2.704   1.00 90.21  ? 95  LYS A C   1 
ATOM   663  O O   . LYS A 1 101 ? 14.071  7.944   3.628   1.00 89.48  ? 95  LYS A O   1 
ATOM   664  C CB  . LYS A 1 101 ? 15.185  9.126   0.915   1.00 94.62  ? 95  LYS A CB  1 
ATOM   665  C CG  . LYS A 1 101 ? 16.170  10.048  0.217   1.00 99.58  ? 95  LYS A CG  1 
ATOM   666  C CD  . LYS A 1 101 ? 15.472  10.891  -0.840  1.00 99.89  ? 95  LYS A CD  1 
ATOM   667  C CE  . LYS A 1 101 ? 16.440  11.838  -1.528  1.00 98.85  ? 95  LYS A CE  1 
ATOM   668  N NZ  . LYS A 1 101 ? 15.769  12.647  -2.583  1.00 99.27  ? 95  LYS A NZ  1 
ATOM   669  N N   . ALA A 1 102 ? 14.505  6.202   2.269   1.00 86.83  ? 96  ALA A N   1 
ATOM   670  C CA  . ALA A 1 102 ? 13.468  5.347   2.834   1.00 79.17  ? 96  ALA A CA  1 
ATOM   671  C C   . ALA A 1 102 ? 13.799  4.918   4.260   1.00 79.10  ? 96  ALA A C   1 
ATOM   672  O O   . ALA A 1 102 ? 12.919  4.865   5.115   1.00 74.77  ? 96  ALA A O   1 
ATOM   673  C CB  . ALA A 1 102 ? 13.257  4.124   1.954   1.00 80.18  ? 96  ALA A CB  1 
ATOM   674  N N   . VAL A 1 103 ? 15.070  4.611   4.504   1.00 84.24  ? 97  VAL A N   1 
ATOM   675  C CA  . VAL A 1 103 ? 15.523  4.155   5.815   1.00 81.73  ? 97  VAL A CA  1 
ATOM   676  C C   . VAL A 1 103 ? 15.304  5.224   6.881   1.00 82.92  ? 97  VAL A C   1 
ATOM   677  O O   . VAL A 1 103 ? 14.858  4.930   7.991   1.00 85.29  ? 97  VAL A O   1 
ATOM   678  C CB  . VAL A 1 103 ? 17.014  3.761   5.788   1.00 80.54  ? 97  VAL A CB  1 
ATOM   679  C CG1 . VAL A 1 103 ? 17.500  3.398   7.182   1.00 86.72  ? 97  VAL A CG1 1 
ATOM   680  C CG2 . VAL A 1 103 ? 17.239  2.602   4.832   1.00 81.16  ? 97  VAL A CG2 1 
ATOM   681  N N   . LYS A 1 104 ? 15.612  6.467   6.532   1.00 80.95  ? 98  LYS A N   1 
ATOM   682  C CA  . LYS A 1 104 ? 15.457  7.576   7.462   1.00 80.81  ? 98  LYS A CA  1 
ATOM   683  C C   . LYS A 1 104 ? 13.985  7.906   7.683   1.00 84.88  ? 98  LYS A C   1 
ATOM   684  O O   . LYS A 1 104 ? 13.566  8.169   8.811   1.00 86.46  ? 98  LYS A O   1 
ATOM   685  C CB  . LYS A 1 104 ? 16.214  8.802   6.956   1.00 81.94  ? 98  LYS A CB  1 
ATOM   686  C CG  . LYS A 1 104 ? 17.711  8.575   6.850   1.00 83.18  ? 98  LYS A CG  1 
ATOM   687  C CD  . LYS A 1 104 ? 18.427  9.802   6.326   1.00 85.27  ? 98  LYS A CD  1 
ATOM   688  C CE  . LYS A 1 104 ? 19.919  9.547   6.195   1.00 88.02  ? 98  LYS A CE  1 
ATOM   689  N NZ  . LYS A 1 104 ? 20.644  10.743  5.684   1.00 92.92  ? 98  LYS A NZ  1 
ATOM   690  N N   . LEU A 1 105 ? 13.206  7.886   6.605   1.00 85.73  ? 99  LEU A N   1 
ATOM   691  C CA  . LEU A 1 105 ? 11.762  8.088   6.691   1.00 80.49  ? 99  LEU A CA  1 
ATOM   692  C C   . LEU A 1 105 ? 11.119  7.006   7.551   1.00 77.93  ? 99  LEU A C   1 
ATOM   693  O O   . LEU A 1 105 ? 10.226  7.281   8.350   1.00 81.20  ? 99  LEU A O   1 
ATOM   694  C CB  . LEU A 1 105 ? 11.134  8.099   5.296   1.00 79.15  ? 99  LEU A CB  1 
ATOM   695  C CG  . LEU A 1 105 ? 9.611   7.957   5.209   1.00 79.36  ? 99  LEU A CG  1 
ATOM   696  C CD1 . LEU A 1 105 ? 8.899   9.112   5.902   1.00 70.36  ? 99  LEU A CD1 1 
ATOM   697  C CD2 . LEU A 1 105 ? 9.171   7.846   3.759   1.00 84.80  ? 99  LEU A CD2 1 
ATOM   698  N N   . TYR A 1 106 ? 11.591  5.776   7.381   1.00 79.37  ? 100 TYR A N   1 
ATOM   699  C CA  . TYR A 1 106 ? 11.109  4.641   8.159   1.00 80.54  ? 100 TYR A CA  1 
ATOM   700  C C   . TYR A 1 106 ? 11.355  4.845   9.652   1.00 83.55  ? 100 TYR A C   1 
ATOM   701  O O   . TYR A 1 106 ? 10.531  4.463   10.483  1.00 85.65  ? 100 TYR A O   1 
ATOM   702  C CB  . TYR A 1 106 ? 11.781  3.352   7.673   1.00 80.78  ? 100 TYR A CB  1 
ATOM   703  C CG  . TYR A 1 106 ? 11.566  2.146   8.561   1.00 80.76  ? 100 TYR A CG  1 
ATOM   704  C CD1 . TYR A 1 106 ? 10.369  1.438   8.531   1.00 83.13  ? 100 TYR A CD1 1 
ATOM   705  C CD2 . TYR A 1 106 ? 12.565  1.705   9.415   1.00 78.75  ? 100 TYR A CD2 1 
ATOM   706  C CE1 . TYR A 1 106 ? 10.173  0.331   9.339   1.00 83.15  ? 100 TYR A CE1 1 
ATOM   707  C CE2 . TYR A 1 106 ? 12.380  0.603   10.223  1.00 78.59  ? 100 TYR A CE2 1 
ATOM   708  C CZ  . TYR A 1 106 ? 11.183  -0.081  10.182  1.00 80.79  ? 100 TYR A CZ  1 
ATOM   709  O OH  . TYR A 1 106 ? 11.001  -1.178  10.988  1.00 83.13  ? 100 TYR A OH  1 
ATOM   710  N N   . SER A 1 107 ? 12.487  5.458   9.982   1.00 84.25  ? 101 SER A N   1 
ATOM   711  C CA  . SER A 1 107 ? 12.839  5.726   11.376  1.00 82.37  ? 101 SER A CA  1 
ATOM   712  C C   . SER A 1 107 ? 12.021  6.880   11.953  1.00 84.19  ? 101 SER A C   1 
ATOM   713  O O   . SER A 1 107 ? 11.962  7.061   13.169  1.00 86.59  ? 101 SER A O   1 
ATOM   714  C CB  . SER A 1 107 ? 14.333  6.027   11.499  1.00 79.58  ? 101 SER A CB  1 
ATOM   715  O OG  . SER A 1 107 ? 15.108  4.924   11.065  1.00 83.64  ? 101 SER A OG  1 
ATOM   716  N N   . LYS A 1 108 ? 11.387  7.652   11.077  1.00 83.99  ? 102 LYS A N   1 
ATOM   717  C CA  . LYS A 1 108 ? 10.560  8.775   11.502  1.00 81.93  ? 102 LYS A CA  1 
ATOM   718  C C   . LYS A 1 108 ? 9.113   8.355   11.711  1.00 79.57  ? 102 LYS A C   1 
ATOM   719  O O   . LYS A 1 108 ? 8.442   8.843   12.618  1.00 77.44  ? 102 LYS A O   1 
ATOM   720  C CB  . LYS A 1 108 ? 10.629  9.907   10.478  1.00 79.16  ? 102 LYS A CB  1 
ATOM   721  C CG  . LYS A 1 108 ? 12.007  10.524  10.339  1.00 84.06  ? 102 LYS A CG  1 
ATOM   722  C CD  . LYS A 1 108 ? 12.038  11.546  9.220   1.00 91.59  ? 102 LYS A CD  1 
ATOM   723  C CE  . LYS A 1 108 ? 13.430  12.124  9.058   1.00 94.34  ? 102 LYS A CE  1 
ATOM   724  N NZ  . LYS A 1 108 ? 14.444  11.076  8.765   1.00 88.74  ? 102 LYS A NZ  1 
ATOM   725  N N   . LEU A 1 109 ? 8.637   7.446   10.867  1.00 81.90  ? 103 LEU A N   1 
ATOM   726  C CA  . LEU A 1 109 ? 7.258   6.981   10.940  1.00 81.20  ? 103 LEU A CA  1 
ATOM   727  C C   . LEU A 1 109 ? 7.011   6.209   12.230  1.00 82.78  ? 103 LEU A C   1 
ATOM   728  O O   . LEU A 1 109 ? 5.867   6.048   12.661  1.00 82.79  ? 103 LEU A O   1 
ATOM   729  C CB  . LEU A 1 109 ? 6.917   6.114   9.728   1.00 78.35  ? 103 LEU A CB  1 
ATOM   730  C CG  . LEU A 1 109 ? 7.039   6.817   8.376   1.00 74.41  ? 103 LEU A CG  1 
ATOM   731  C CD1 . LEU A 1 109 ? 6.544   5.918   7.257   1.00 75.82  ? 103 LEU A CD1 1 
ATOM   732  C CD2 . LEU A 1 109 ? 6.286   8.140   8.386   1.00 73.59  ? 103 LEU A CD2 1 
ATOM   733  N N   . LYS A 1 110 ? 8.092   5.730   12.837  1.00 79.80  ? 104 LYS A N   1 
ATOM   734  C CA  . LYS A 1 110 ? 8.007   5.089   14.139  1.00 80.40  ? 104 LYS A CA  1 
ATOM   735  C C   . LYS A 1 110 ? 7.547   6.088   15.194  1.00 79.04  ? 104 LYS A C   1 
ATOM   736  O O   . LYS A 1 110 ? 6.823   5.733   16.124  1.00 80.49  ? 104 LYS A O   1 
ATOM   737  C CB  . LYS A 1 110 ? 9.355   4.482   14.536  1.00 85.74  ? 104 LYS A CB  1 
ATOM   738  C CG  . LYS A 1 110 ? 9.746   3.237   13.754  1.00 85.68  ? 104 LYS A CG  1 
ATOM   739  C CD  . LYS A 1 110 ? 10.860  2.488   14.470  1.00 87.60  ? 104 LYS A CD  1 
ATOM   740  C CE  . LYS A 1 110 ? 11.061  1.096   13.900  1.00 86.49  ? 104 LYS A CE  1 
ATOM   741  N NZ  . LYS A 1 110 ? 11.890  0.255   14.809  1.00 85.65  ? 104 LYS A NZ  1 
ATOM   742  N N   . SER A 1 111 ? 7.971   7.339   15.046  1.00 78.27  ? 105 SER A N   1 
ATOM   743  C CA  . SER A 1 111 ? 7.608   8.383   15.998  1.00 81.95  ? 105 SER A CA  1 
ATOM   744  C C   . SER A 1 111 ? 6.135   8.743   15.881  1.00 82.05  ? 105 SER A C   1 
ATOM   745  O O   . SER A 1 111 ? 5.461   8.976   16.886  1.00 83.07  ? 105 SER A O   1 
ATOM   746  C CB  . SER A 1 111 ? 8.468   9.632   15.786  1.00 84.55  ? 105 SER A CB  1 
ATOM   747  O OG  . SER A 1 111 ? 8.218   10.219  14.521  1.00 89.18  ? 105 SER A OG  1 
ATOM   748  N N   . GLU A 1 112 ? 5.643   8.780   14.647  1.00 82.70  ? 106 GLU A N   1 
ATOM   749  C CA  . GLU A 1 112 ? 4.263   9.164   14.378  1.00 79.39  ? 106 GLU A CA  1 
ATOM   750  C C   . GLU A 1 112 ? 3.302   8.017   14.651  1.00 76.12  ? 106 GLU A C   1 
ATOM   751  O O   . GLU A 1 112 ? 3.643   6.849   14.468  1.00 71.87  ? 106 GLU A O   1 
ATOM   752  C CB  . GLU A 1 112 ? 4.111   9.638   12.934  1.00 75.46  ? 106 GLU A CB  1 
ATOM   753  C CG  . GLU A 1 112 ? 2.967   10.611  12.732  1.00 76.55  ? 106 GLU A CG  1 
ATOM   754  C CD  . GLU A 1 112 ? 3.129   11.858  13.578  1.00 81.49  ? 106 GLU A CD  1 
ATOM   755  O OE1 . GLU A 1 112 ? 4.045   12.658  13.287  1.00 80.71  ? 106 GLU A OE1 1 
ATOM   756  O OE2 . GLU A 1 112 ? 2.351   12.030  14.541  1.00 85.10  ? 106 GLU A OE2 1 
ATOM   757  N N   . ILE A 1 113 ? 2.094   8.362   15.084  1.00 79.12  ? 107 ILE A N   1 
ATOM   758  C CA  . ILE A 1 113 ? 1.080   7.363   15.393  1.00 77.85  ? 107 ILE A CA  1 
ATOM   759  C C   . ILE A 1 113 ? -0.155  7.521   14.505  1.00 77.90  ? 107 ILE A C   1 
ATOM   760  O O   . ILE A 1 113 ? -0.723  6.535   14.034  1.00 78.33  ? 107 ILE A O   1 
ATOM   761  C CB  . ILE A 1 113 ? 0.668   7.429   16.882  1.00 74.59  ? 107 ILE A CB  1 
ATOM   762  C CG1 . ILE A 1 113 ? 1.751   6.786   17.753  1.00 74.23  ? 107 ILE A CG1 1 
ATOM   763  C CG2 . ILE A 1 113 ? -0.675  6.748   17.110  1.00 76.31  ? 107 ILE A CG2 1 
ATOM   764  C CD1 . ILE A 1 113 ? 1.277   6.390   19.136  1.00 67.32  ? 107 ILE A CD1 1 
ATOM   765  N N   . THR A 1 114 ? -0.559  8.763   14.259  1.00 79.20  ? 108 THR A N   1 
ATOM   766  C CA  . THR A 1 114 ? -1.780  9.017   13.503  1.00 85.76  ? 108 THR A CA  1 
ATOM   767  C C   . THR A 1 114 ? -1.580  8.919   11.987  1.00 82.40  ? 108 THR A C   1 
ATOM   768  O O   . THR A 1 114 ? -0.455  8.963   11.488  1.00 79.82  ? 108 THR A O   1 
ATOM   769  C CB  . THR A 1 114 ? -2.366  10.403  13.832  1.00 88.07  ? 108 THR A CB  1 
ATOM   770  O OG1 . THR A 1 114 ? -3.608  10.575  13.134  1.00 87.11  ? 108 THR A OG1 1 
ATOM   771  C CG2 . THR A 1 114 ? -1.394  11.506  13.429  1.00 86.52  ? 108 THR A CG2 1 
ATOM   772  N N   . PHE A 1 115 ? -2.694  8.787   11.272  1.00 79.26  ? 109 PHE A N   1 
ATOM   773  C CA  . PHE A 1 115 ? -2.704  8.644   9.819   1.00 74.74  ? 109 PHE A CA  1 
ATOM   774  C C   . PHE A 1 115 ? -2.248  9.913   9.110   1.00 74.74  ? 109 PHE A C   1 
ATOM   775  O O   . PHE A 1 115 ? -1.337  9.880   8.283   1.00 75.49  ? 109 PHE A O   1 
ATOM   776  C CB  . PHE A 1 115 ? -4.113  8.250   9.355   1.00 81.51  ? 109 PHE A CB  1 
ATOM   777  C CG  . PHE A 1 115 ? -4.379  8.502   7.892   1.00 79.39  ? 109 PHE A CG  1 
ATOM   778  C CD1 . PHE A 1 115 ? -4.003  7.576   6.933   1.00 76.86  ? 109 PHE A CD1 1 
ATOM   779  C CD2 . PHE A 1 115 ? -5.039  9.652   7.481   1.00 78.06  ? 109 PHE A CD2 1 
ATOM   780  C CE1 . PHE A 1 115 ? -4.260  7.802   5.591   1.00 77.15  ? 109 PHE A CE1 1 
ATOM   781  C CE2 . PHE A 1 115 ? -5.295  9.883   6.142   1.00 76.70  ? 109 PHE A CE2 1 
ATOM   782  C CZ  . PHE A 1 115 ? -4.906  8.957   5.196   1.00 76.76  ? 109 PHE A CZ  1 
ATOM   783  N N   . HIS A 1 116 ? -2.881  11.032  9.443   1.00 77.91  ? 110 HIS A N   1 
ATOM   784  C CA  . HIS A 1 116 ? -2.629  12.289  8.747   1.00 77.38  ? 110 HIS A CA  1 
ATOM   785  C C   . HIS A 1 116 ? -1.243  12.851  9.045   1.00 77.24  ? 110 HIS A C   1 
ATOM   786  O O   . HIS A 1 116 ? -0.687  13.608  8.247   1.00 80.23  ? 110 HIS A O   1 
ATOM   787  C CB  . HIS A 1 116 ? -3.694  13.323  9.114   1.00 84.12  ? 110 HIS A CB  1 
ATOM   788  C CG  . HIS A 1 116 ? -3.579  14.603  8.344   1.00 89.85  ? 110 HIS A CG  1 
ATOM   789  N ND1 . HIS A 1 116 ? -3.759  14.664  6.977   1.00 98.32  ? 110 HIS A ND1 1 
ATOM   790  C CD2 . HIS A 1 116 ? -3.295  15.860  8.742   1.00 87.45  ? 110 HIS A CD2 1 
ATOM   791  C CE1 . HIS A 1 116 ? -3.595  15.905  6.570   1.00 95.62  ? 110 HIS A CE1 1 
ATOM   792  N NE2 . HIS A 1 116 ? -3.310  16.659  7.623   1.00 91.09  ? 110 HIS A NE2 1 
ATOM   793  N N   . GLY A 1 117 ? -0.690  12.482  10.195  1.00 77.65  ? 111 GLY A N   1 
ATOM   794  C CA  . GLY A 1 117 ? 0.625   12.950  10.591  1.00 79.10  ? 111 GLY A CA  1 
ATOM   795  C C   . GLY A 1 117 ? 1.724   12.405  9.700   1.00 78.64  ? 111 GLY A C   1 
ATOM   796  O O   . GLY A 1 117 ? 2.633   13.133  9.299   1.00 82.03  ? 111 GLY A O   1 
ATOM   797  N N   . ALA A 1 118 ? 1.638   11.118  9.385   1.00 77.02  ? 112 ALA A N   1 
ATOM   798  C CA  . ALA A 1 118 ? 2.629   10.470  8.534   1.00 74.98  ? 112 ALA A CA  1 
ATOM   799  C C   . ALA A 1 118 ? 2.431   10.836  7.066   1.00 78.07  ? 112 ALA A C   1 
ATOM   800  O O   . ALA A 1 118 ? 3.400   11.065  6.343   1.00 79.30  ? 112 ALA A O   1 
ATOM   801  C CB  . ALA A 1 118 ? 2.572   8.966   8.714   1.00 71.64  ? 112 ALA A CB  1 
ATOM   802  N N   . LYS A 1 119 ? 1.172   10.887  6.634   1.00 79.19  ? 113 LYS A N   1 
ATOM   803  C CA  . LYS A 1 119 ? 0.838   11.209  5.249   1.00 75.63  ? 113 LYS A CA  1 
ATOM   804  C C   . LYS A 1 119 ? 1.344   12.595  4.863   1.00 80.44  ? 113 LYS A C   1 
ATOM   805  O O   . LYS A 1 119 ? 1.701   12.839  3.710   1.00 81.91  ? 113 LYS A O   1 
ATOM   806  C CB  . LYS A 1 119 ? -0.675  11.122  5.030   1.00 76.95  ? 113 LYS A CB  1 
ATOM   807  C CG  . LYS A 1 119 ? -1.119  11.442  3.608   1.00 77.20  ? 113 LYS A CG  1 
ATOM   808  C CD  . LYS A 1 119 ? -2.635  11.481  3.490   1.00 83.25  ? 113 LYS A CD  1 
ATOM   809  C CE  . LYS A 1 119 ? -3.067  11.855  2.079   1.00 86.26  ? 113 LYS A CE  1 
ATOM   810  N NZ  . LYS A 1 119 ? -4.548  11.929  1.947   1.00 84.55  ? 113 LYS A NZ  1 
ATOM   811  N N   . GLU A 1 120 ? 1.378   13.497  5.837   1.00 83.10  ? 114 GLU A N   1 
ATOM   812  C CA  . GLU A 1 120 ? 1.848   14.857  5.610   1.00 83.86  ? 114 GLU A CA  1 
ATOM   813  C C   . GLU A 1 120 ? 3.355   14.869  5.373   1.00 81.88  ? 114 GLU A C   1 
ATOM   814  O O   . GLU A 1 120 ? 3.864   15.652  4.570   1.00 80.65  ? 114 GLU A O   1 
ATOM   815  C CB  . GLU A 1 120 ? 1.486   15.752  6.798   1.00 84.31  ? 114 GLU A CB  1 
ATOM   816  C CG  . GLU A 1 120 ? 1.294   17.220  6.451   1.00 86.57  ? 114 GLU A CG  1 
ATOM   817  C CD  . GLU A 1 120 ? 0.900   18.055  7.655   1.00 89.23  ? 114 GLU A CD  1 
ATOM   818  O OE1 . GLU A 1 120 ? 0.443   19.202  7.466   1.00 89.28  ? 114 GLU A OE1 1 
ATOM   819  O OE2 . GLU A 1 120 ? 1.051   17.563  8.794   1.00 88.84  ? 114 GLU A OE2 1 
ATOM   820  N N   . ILE A 1 121 ? 4.061   13.985  6.071   1.00 82.89  ? 115 ILE A N   1 
ATOM   821  C CA  . ILE A 1 121 ? 5.512   13.899  5.958   1.00 86.27  ? 115 ILE A CA  1 
ATOM   822  C C   . ILE A 1 121 ? 5.928   13.053  4.754   1.00 87.23  ? 115 ILE A C   1 
ATOM   823  O O   . ILE A 1 121 ? 6.870   13.391  4.039   1.00 87.81  ? 115 ILE A O   1 
ATOM   824  C CB  . ILE A 1 121 ? 6.139   13.308  7.238   1.00 84.71  ? 115 ILE A CB  1 
ATOM   825  C CG1 . ILE A 1 121 ? 5.676   14.091  8.468   1.00 84.83  ? 115 ILE A CG1 1 
ATOM   826  C CG2 . ILE A 1 121 ? 7.658   13.307  7.144   1.00 84.54  ? 115 ILE A CG2 1 
ATOM   827  C CD1 . ILE A 1 121 ? 6.185   13.533  9.778   1.00 85.23  ? 115 ILE A CD1 1 
ATOM   828  N N   . ALA A 1 122 ? 5.213   11.954  4.532   1.00 84.88  ? 116 ALA A N   1 
ATOM   829  C CA  . ALA A 1 122 ? 5.539   11.032  3.451   1.00 82.81  ? 116 ALA A CA  1 
ATOM   830  C C   . ALA A 1 122 ? 5.291   11.652  2.077   1.00 79.67  ? 116 ALA A C   1 
ATOM   831  O O   . ALA A 1 122 ? 5.968   11.318  1.107   1.00 82.52  ? 116 ALA A O   1 
ATOM   832  C CB  . ALA A 1 122 ? 4.744   9.745   3.599   1.00 78.39  ? 116 ALA A CB  1 
ATOM   833  N N   . LEU A 1 123 ? 4.325   12.563  2.000   1.00 79.89  ? 117 LEU A N   1 
ATOM   834  C CA  . LEU A 1 123 ? 3.984   13.212  0.737   1.00 82.73  ? 117 LEU A CA  1 
ATOM   835  C C   . LEU A 1 123 ? 5.061   14.215  0.324   1.00 83.66  ? 117 LEU A C   1 
ATOM   836  O O   . LEU A 1 123 ? 5.042   14.747  -0.787  1.00 84.01  ? 117 LEU A O   1 
ATOM   837  C CB  . LEU A 1 123 ? 2.626   13.911  0.847   1.00 82.83  ? 117 LEU A CB  1 
ATOM   838  C CG  . LEU A 1 123 ? 1.880   14.213  -0.454  1.00 83.97  ? 117 LEU A CG  1 
ATOM   839  C CD1 . LEU A 1 123 ? 0.703   13.264  -0.633  1.00 87.20  ? 117 LEU A CD1 1 
ATOM   840  C CD2 . LEU A 1 123 ? 1.421   15.663  -0.486  1.00 86.47  ? 117 LEU A CD2 1 
ATOM   841  N N   . SER A 1 124 ? 6.004   14.461  1.227   1.00 82.32  ? 118 SER A N   1 
ATOM   842  C CA  . SER A 1 124 ? 7.061   15.433  0.990   1.00 81.53  ? 118 SER A CA  1 
ATOM   843  C C   . SER A 1 124 ? 8.296   14.790  0.371   1.00 84.71  ? 118 SER A C   1 
ATOM   844  O O   . SER A 1 124 ? 9.270   15.472  0.060   1.00 87.73  ? 118 SER A O   1 
ATOM   845  C CB  . SER A 1 124 ? 7.438   16.128  2.299   1.00 84.33  ? 118 SER A CB  1 
ATOM   846  O OG  . SER A 1 124 ? 8.062   15.222  3.191   1.00 87.00  ? 118 SER A OG  1 
ATOM   847  N N   . TYR A 1 125 ? 8.252   13.474  0.190   1.00 85.85  ? 119 TYR A N   1 
ATOM   848  C CA  . TYR A 1 125 ? 9.393   12.740  -0.348  1.00 86.38  ? 119 TYR A CA  1 
ATOM   849  C C   . TYR A 1 125 ? 9.105   12.195  -1.744  1.00 84.51  ? 119 TYR A C   1 
ATOM   850  O O   . TYR A 1 125 ? 7.966   12.224  -2.209  1.00 85.67  ? 119 TYR A O   1 
ATOM   851  C CB  . TYR A 1 125 ? 9.782   11.600  0.599   1.00 86.29  ? 119 TYR A CB  1 
ATOM   852  C CG  . TYR A 1 125 ? 10.320  12.076  1.932   1.00 90.81  ? 119 TYR A CG  1 
ATOM   853  C CD1 . TYR A 1 125 ? 11.305  13.055  1.996   1.00 93.27  ? 119 TYR A CD1 1 
ATOM   854  C CD2 . TYR A 1 125 ? 9.833   11.556  3.126   1.00 91.12  ? 119 TYR A CD2 1 
ATOM   855  C CE1 . TYR A 1 125 ? 11.798  13.496  3.210   1.00 98.02  ? 119 TYR A CE1 1 
ATOM   856  C CE2 . TYR A 1 125 ? 10.319  11.992  4.347   1.00 95.12  ? 119 TYR A CE2 1 
ATOM   857  C CZ  . TYR A 1 125 ? 11.302  12.963  4.383   1.00 100.49 ? 119 TYR A CZ  1 
ATOM   858  O OH  . TYR A 1 125 ? 11.789  13.403  5.594   1.00 99.93  ? 119 TYR A OH  1 
ATOM   859  N N   . SER A 1 126 ? 10.148  11.703  -2.408  1.00 81.87  ? 120 SER A N   1 
ATOM   860  C CA  . SER A 1 126 ? 10.035  11.201  -3.775  1.00 77.11  ? 120 SER A CA  1 
ATOM   861  C C   . SER A 1 126 ? 9.163   9.955   -3.859  1.00 77.52  ? 120 SER A C   1 
ATOM   862  O O   . SER A 1 126 ? 9.013   9.226   -2.879  1.00 79.19  ? 120 SER A O   1 
ATOM   863  C CB  . SER A 1 126 ? 11.420  10.892  -4.342  1.00 77.13  ? 120 SER A CB  1 
ATOM   864  O OG  . SER A 1 126 ? 11.999  9.787   -3.670  1.00 76.97  ? 120 SER A OG  1 
ATOM   865  N N   . ALA A 1 127 ? 8.601   9.712   -5.037  1.00 76.23  ? 121 ALA A N   1 
ATOM   866  C CA  . ALA A 1 127 ? 7.752   8.548   -5.265  1.00 73.85  ? 121 ALA A CA  1 
ATOM   867  C C   . ALA A 1 127 ? 8.550   7.251   -5.171  1.00 77.64  ? 121 ALA A C   1 
ATOM   868  O O   . ALA A 1 127 ? 8.010   6.205   -4.813  1.00 75.11  ? 121 ALA A O   1 
ATOM   869  C CB  . ALA A 1 127 ? 7.071   8.649   -6.617  1.00 75.29  ? 121 ALA A CB  1 
ATOM   870  N N   . GLY A 1 128 ? 9.837   7.329   -5.496  1.00 78.63  ? 122 GLY A N   1 
ATOM   871  C CA  . GLY A 1 128 ? 10.708  6.168   -5.457  1.00 73.79  ? 122 GLY A CA  1 
ATOM   872  C C   . GLY A 1 128 ? 11.020  5.722   -4.042  1.00 73.79  ? 122 GLY A C   1 
ATOM   873  O O   . GLY A 1 128 ? 11.080  4.527   -3.756  1.00 73.53  ? 122 GLY A O   1 
ATOM   874  N N   . ALA A 1 129 ? 11.216  6.693   -3.156  1.00 72.41  ? 123 ALA A N   1 
ATOM   875  C CA  . ALA A 1 129 ? 11.546  6.408   -1.766  1.00 73.52  ? 123 ALA A CA  1 
ATOM   876  C C   . ALA A 1 129 ? 10.357  5.813   -1.025  1.00 73.10  ? 123 ALA A C   1 
ATOM   877  O O   . ALA A 1 129 ? 10.517  4.928   -0.189  1.00 74.02  ? 123 ALA A O   1 
ATOM   878  C CB  . ALA A 1 129 ? 12.023  7.670   -1.071  1.00 78.58  ? 123 ALA A CB  1 
ATOM   879  N N   . LEU A 1 130 ? 9.165   6.307   -1.342  1.00 74.33  ? 124 LEU A N   1 
ATOM   880  C CA  . LEU A 1 130 ? 7.940   5.870   -0.680  1.00 70.07  ? 124 LEU A CA  1 
ATOM   881  C C   . LEU A 1 130 ? 7.615   4.407   -0.964  1.00 69.79  ? 124 LEU A C   1 
ATOM   882  O O   . LEU A 1 130 ? 7.335   3.638   -0.044  1.00 70.28  ? 124 LEU A O   1 
ATOM   883  C CB  . LEU A 1 130 ? 6.770   6.755   -1.107  1.00 66.78  ? 124 LEU A CB  1 
ATOM   884  C CG  . LEU A 1 130 ? 6.868   8.216   -0.673  1.00 68.33  ? 124 LEU A CG  1 
ATOM   885  C CD1 . LEU A 1 130 ? 5.682   9.011   -1.195  1.00 74.24  ? 124 LEU A CD1 1 
ATOM   886  C CD2 . LEU A 1 130 ? 6.954   8.303   0.839   1.00 72.87  ? 124 LEU A CD2 1 
ATOM   887  N N   . ALA A 1 131 ? 7.650   4.030   -2.239  1.00 69.05  ? 125 ALA A N   1 
ATOM   888  C CA  . ALA A 1 131 ? 7.352   2.660   -2.642  1.00 67.90  ? 125 ALA A CA  1 
ATOM   889  C C   . ALA A 1 131 ? 8.342   1.678   -2.025  1.00 74.46  ? 125 ALA A C   1 
ATOM   890  O O   . ALA A 1 131 ? 7.978   0.558   -1.670  1.00 73.25  ? 125 ALA A O   1 
ATOM   891  C CB  . ALA A 1 131 ? 7.360   2.538   -4.153  1.00 68.95  ? 125 ALA A CB  1 
ATOM   892  N N   . SER A 1 132 ? 9.594   2.109   -1.902  1.00 76.13  ? 126 SER A N   1 
ATOM   893  C CA  . SER A 1 132 ? 10.633  1.297   -1.280  1.00 72.21  ? 126 SER A CA  1 
ATOM   894  C C   . SER A 1 132 ? 10.506  1.318   0.243   1.00 70.85  ? 126 SER A C   1 
ATOM   895  O O   . SER A 1 132 ? 10.851  0.347   0.916   1.00 71.17  ? 126 SER A O   1 
ATOM   896  C CB  . SER A 1 132 ? 12.018  1.786   -1.704  1.00 74.80  ? 126 SER A CB  1 
ATOM   897  O OG  . SER A 1 132 ? 12.167  3.170   -1.441  1.00 79.14  ? 126 SER A OG  1 
ATOM   898  N N   . CYS A 1 133 ? 10.013  2.431   0.779   1.00 68.69  ? 127 CYS A N   1 
ATOM   899  C CA  . CYS A 1 133 ? 9.777   2.549   2.215   1.00 67.00  ? 127 CYS A CA  1 
ATOM   900  C C   . CYS A 1 133 ? 8.733   1.537   2.662   1.00 68.50  ? 127 CYS A C   1 
ATOM   901  O O   . CYS A 1 133 ? 8.811   0.990   3.764   1.00 68.46  ? 127 CYS A O   1 
ATOM   902  C CB  . CYS A 1 133 ? 9.329   3.968   2.578   1.00 68.05  ? 127 CYS A CB  1 
ATOM   903  S SG  . CYS A 1 133 ? 8.914   4.204   4.325   1.00 66.64  ? 127 CYS A SG  1 
ATOM   904  N N   . MET A 1 134 ? 7.756   1.295   1.794   1.00 72.09  ? 128 MET A N   1 
ATOM   905  C CA  . MET A 1 134 ? 6.720   0.296   2.045   1.00 72.62  ? 128 MET A CA  1 
ATOM   906  C C   . MET A 1 134 ? 7.320   -1.105  2.111   1.00 72.70  ? 128 MET A C   1 
ATOM   907  O O   . MET A 1 134 ? 6.823   -1.972  2.827   1.00 73.44  ? 128 MET A O   1 
ATOM   908  C CB  . MET A 1 134 ? 5.639   0.357   0.963   1.00 75.30  ? 128 MET A CB  1 
ATOM   909  C CG  . MET A 1 134 ? 4.880   1.673   0.913   1.00 68.63  ? 128 MET A CG  1 
ATOM   910  S SD  . MET A 1 134 ? 3.523   1.650   -0.271  1.00 75.82  ? 128 MET A SD  1 
ATOM   911  C CE  . MET A 1 134 ? 2.583   0.256   0.337   1.00 66.39  ? 128 MET A CE  1 
ATOM   912  N N   . GLY A 1 135 ? 8.395   -1.315  1.359   1.00 71.03  ? 129 GLY A N   1 
ATOM   913  C CA  . GLY A 1 135 ? 9.101   -2.582  1.382   1.00 70.69  ? 129 GLY A CA  1 
ATOM   914  C C   . GLY A 1 135 ? 9.758   -2.833  2.725   1.00 69.83  ? 129 GLY A C   1 
ATOM   915  O O   . GLY A 1 135 ? 9.873   -3.977  3.164   1.00 70.01  ? 129 GLY A O   1 
ATOM   916  N N   . LEU A 1 136 ? 10.183  -1.759  3.381   1.00 67.58  ? 130 LEU A N   1 
ATOM   917  C CA  . LEU A 1 136 ? 10.833  -1.866  4.682   1.00 68.32  ? 130 LEU A CA  1 
ATOM   918  C C   . LEU A 1 136 ? 9.844   -2.290  5.760   1.00 71.13  ? 130 LEU A C   1 
ATOM   919  O O   . LEU A 1 136 ? 10.163  -3.108  6.624   1.00 72.61  ? 130 LEU A O   1 
ATOM   920  C CB  . LEU A 1 136 ? 11.486  -0.538  5.070   1.00 70.36  ? 130 LEU A CB  1 
ATOM   921  C CG  . LEU A 1 136 ? 12.627  -0.040  4.182   1.00 69.38  ? 130 LEU A CG  1 
ATOM   922  C CD1 . LEU A 1 136 ? 13.157  1.295   4.686   1.00 66.97  ? 130 LEU A CD1 1 
ATOM   923  C CD2 . LEU A 1 136 ? 13.738  -1.072  4.117   1.00 72.91  ? 130 LEU A CD2 1 
ATOM   924  N N   . ILE A 1 137 ? 8.640   -1.730  5.700   1.00 73.03  ? 131 ILE A N   1 
ATOM   925  C CA  . ILE A 1 137 ? 7.619   -2.001  6.704   1.00 72.20  ? 131 ILE A CA  1 
ATOM   926  C C   . ILE A 1 137 ? 7.037   -3.405  6.555   1.00 75.31  ? 131 ILE A C   1 
ATOM   927  O O   . ILE A 1 137 ? 6.617   -4.016  7.538   1.00 74.98  ? 131 ILE A O   1 
ATOM   928  C CB  . ILE A 1 137 ? 6.477   -0.966  6.632   1.00 68.66  ? 131 ILE A CB  1 
ATOM   929  C CG1 . ILE A 1 137 ? 7.048   0.452   6.636   1.00 69.59  ? 131 ILE A CG1 1 
ATOM   930  C CG2 . ILE A 1 137 ? 5.502   -1.153  7.785   1.00 73.10  ? 131 ILE A CG2 1 
ATOM   931  C CD1 . ILE A 1 137 ? 6.008   1.527   6.844   1.00 70.83  ? 131 ILE A CD1 1 
ATOM   932  N N   . TYR A 1 138 ? 7.026   -3.922  5.330   1.00 78.30  ? 132 TYR A N   1 
ATOM   933  C CA  . TYR A 1 138 ? 6.427   -5.228  5.069   1.00 77.46  ? 132 TYR A CA  1 
ATOM   934  C C   . TYR A 1 138 ? 7.174   -6.340  5.804   1.00 81.03  ? 132 TYR A C   1 
ATOM   935  O O   . TYR A 1 138 ? 6.585   -7.366  6.150   1.00 80.07  ? 132 TYR A O   1 
ATOM   936  C CB  . TYR A 1 138 ? 6.389   -5.517  3.565   1.00 75.97  ? 132 TYR A CB  1 
ATOM   937  C CG  . TYR A 1 138 ? 5.412   -6.609  3.181   1.00 76.68  ? 132 TYR A CG  1 
ATOM   938  C CD1 . TYR A 1 138 ? 4.097   -6.307  2.855   1.00 73.40  ? 132 TYR A CD1 1 
ATOM   939  C CD2 . TYR A 1 138 ? 5.804   -7.940  3.149   1.00 81.46  ? 132 TYR A CD2 1 
ATOM   940  C CE1 . TYR A 1 138 ? 3.200   -7.302  2.506   1.00 74.79  ? 132 TYR A CE1 1 
ATOM   941  C CE2 . TYR A 1 138 ? 4.915   -8.941  2.801   1.00 79.45  ? 132 TYR A CE2 1 
ATOM   942  C CZ  . TYR A 1 138 ? 3.615   -8.617  2.484   1.00 75.22  ? 132 TYR A CZ  1 
ATOM   943  O OH  . TYR A 1 138 ? 2.732   -9.614  2.136   1.00 78.45  ? 132 TYR A OH  1 
ATOM   944  N N   . ASN A 1 139 ? 8.464   -6.135  6.048   1.00 81.26  ? 133 ASN A N   1 
ATOM   945  C CA  . ASN A 1 139 ? 9.249   -7.101  6.805   1.00 82.98  ? 133 ASN A CA  1 
ATOM   946  C C   . ASN A 1 139 ? 8.834   -7.138  8.271   1.00 84.39  ? 133 ASN A C   1 
ATOM   947  O O   . ASN A 1 139 ? 9.012   -8.150  8.951   1.00 84.75  ? 133 ASN A O   1 
ATOM   948  C CB  . ASN A 1 139 ? 10.743  -6.791  6.696   1.00 80.85  ? 133 ASN A CB  1 
ATOM   949  C CG  . ASN A 1 139 ? 11.275  -6.980  5.291   1.00 87.19  ? 133 ASN A CG  1 
ATOM   950  O OD1 . ASN A 1 139 ? 11.293  -6.045  4.493   1.00 88.83  ? 133 ASN A OD1 1 
ATOM   951  N ND2 . ASN A 1 139 ? 11.711  -8.197  4.981   1.00 87.39  ? 133 ASN A ND2 1 
ATOM   952  N N   . ARG A 1 140 ? 8.285   -6.028  8.755   1.00 83.16  ? 134 ARG A N   1 
ATOM   953  C CA  . ARG A 1 140 ? 7.842   -5.924  10.142  1.00 83.93  ? 134 ARG A CA  1 
ATOM   954  C C   . ARG A 1 140 ? 6.514   -5.177  10.242  1.00 83.77  ? 134 ARG A C   1 
ATOM   955  O O   . ARG A 1 140 ? 6.492   -3.956  10.407  1.00 83.57  ? 134 ARG A O   1 
ATOM   956  C CB  . ARG A 1 140 ? 8.908   -5.225  10.990  1.00 82.75  ? 134 ARG A CB  1 
ATOM   957  C CG  . ARG A 1 140 ? 10.205  -6.007  11.129  1.00 88.56  ? 134 ARG A CG  1 
ATOM   958  C CD  . ARG A 1 140 ? 11.282  -5.187  11.815  1.00 91.94  ? 134 ARG A CD  1 
ATOM   959  N NE  . ARG A 1 140 ? 10.878  -4.738  13.145  1.00 90.31  ? 134 ARG A NE  1 
ATOM   960  C CZ  . ARG A 1 140 ? 11.612  -3.942  13.917  1.00 86.43  ? 134 ARG A CZ  1 
ATOM   961  N NH1 . ARG A 1 140 ? 11.168  -3.580  15.114  1.00 84.26  ? 134 ARG A NH1 1 
ATOM   962  N NH2 . ARG A 1 140 ? 12.790  -3.507  13.488  1.00 84.84  ? 134 ARG A NH2 1 
ATOM   963  N N   . MET A 1 141 ? 5.409   -5.909  10.143  1.00 82.33  ? 135 MET A N   1 
ATOM   964  C CA  . MET A 1 141 ? 4.082   -5.295  10.160  1.00 80.64  ? 135 MET A CA  1 
ATOM   965  C C   . MET A 1 141 ? 3.661   -4.842  11.559  1.00 86.64  ? 135 MET A C   1 
ATOM   966  O O   . MET A 1 141 ? 2.534   -4.384  11.757  1.00 91.03  ? 135 MET A O   1 
ATOM   967  C CB  . MET A 1 141 ? 3.037   -6.260  9.591   1.00 78.17  ? 135 MET A CB  1 
ATOM   968  C CG  . MET A 1 141 ? 2.983   -6.308  8.069   1.00 73.15  ? 135 MET A CG  1 
ATOM   969  S SD  . MET A 1 141 ? 2.662   -4.695  7.323   1.00 66.65  ? 135 MET A SD  1 
ATOM   970  C CE  . MET A 1 141 ? 2.293   -5.160  5.634   1.00 63.02  ? 135 MET A CE  1 
ATOM   971  N N   . GLY A 1 142 ? 4.569   -4.963  12.524  1.00 85.46  ? 136 GLY A N   1 
ATOM   972  C CA  . GLY A 1 142 ? 4.282   -4.569  13.891  1.00 85.70  ? 136 GLY A CA  1 
ATOM   973  C C   . GLY A 1 142 ? 5.127   -3.405  14.380  1.00 85.59  ? 136 GLY A C   1 
ATOM   974  O O   . GLY A 1 142 ? 4.846   -2.829  15.432  1.00 87.87  ? 136 GLY A O   1 
ATOM   975  N N   . ALA A 1 143 ? 6.161   -3.061  13.616  1.00 83.90  ? 137 ALA A N   1 
ATOM   976  C CA  . ALA A 1 143 ? 7.065   -1.971  13.981  1.00 83.45  ? 137 ALA A CA  1 
ATOM   977  C C   . ALA A 1 143 ? 6.335   -0.634  14.023  1.00 81.31  ? 137 ALA A C   1 
ATOM   978  O O   . ALA A 1 143 ? 6.504   0.150   14.956  1.00 82.43  ? 137 ALA A O   1 
ATOM   979  C CB  . ALA A 1 143 ? 8.231   -1.905  13.007  1.00 85.81  ? 137 ALA A CB  1 
ATOM   980  N N   . VAL A 1 144 ? 5.521   -0.384  13.004  1.00 77.86  ? 138 VAL A N   1 
ATOM   981  C CA  . VAL A 1 144 ? 4.732   0.836   12.936  1.00 78.18  ? 138 VAL A CA  1 
ATOM   982  C C   . VAL A 1 144 ? 3.247   0.494   13.037  1.00 79.13  ? 138 VAL A C   1 
ATOM   983  O O   . VAL A 1 144 ? 2.841   -0.642  12.782  1.00 79.77  ? 138 VAL A O   1 
ATOM   984  C CB  . VAL A 1 144 ? 5.012   1.620   11.633  1.00 77.41  ? 138 VAL A CB  1 
ATOM   985  C CG1 . VAL A 1 144 ? 4.215   1.041   10.474  1.00 75.80  ? 138 VAL A CG1 1 
ATOM   986  C CG2 . VAL A 1 144 ? 4.696   3.097   11.819  1.00 79.45  ? 138 VAL A CG2 1 
ATOM   987  N N   . THR A 1 145 ? 2.441   1.476   13.425  1.00 76.17  ? 139 THR A N   1 
ATOM   988  C CA  . THR A 1 145 ? 1.009   1.271   13.571  1.00 73.41  ? 139 THR A CA  1 
ATOM   989  C C   . THR A 1 145 ? 0.309   1.331   12.215  1.00 75.71  ? 139 THR A C   1 
ATOM   990  O O   . THR A 1 145 ? 0.852   1.867   11.249  1.00 74.17  ? 139 THR A O   1 
ATOM   991  C CB  . THR A 1 145 ? 0.395   2.312   14.524  1.00 72.94  ? 139 THR A CB  1 
ATOM   992  O OG1 . THR A 1 145 ? -1.014  2.081   14.652  1.00 76.97  ? 139 THR A OG1 1 
ATOM   993  C CG2 . THR A 1 145 ? 0.632   3.708   13.996  1.00 69.70  ? 139 THR A CG2 1 
ATOM   994  N N   . THR A 1 146 ? -0.897  0.773   12.156  1.00 75.00  ? 140 THR A N   1 
ATOM   995  C CA  . THR A 1 146 ? -1.656  0.650   10.913  1.00 65.71  ? 140 THR A CA  1 
ATOM   996  C C   . THR A 1 146 ? -2.016  1.999   10.288  1.00 67.81  ? 140 THR A C   1 
ATOM   997  O O   . THR A 1 146 ? -1.906  2.175   9.072   1.00 67.31  ? 140 THR A O   1 
ATOM   998  C CB  . THR A 1 146 ? -2.947  -0.164  11.146  1.00 65.08  ? 140 THR A CB  1 
ATOM   999  O OG1 . THR A 1 146 ? -2.618  -1.555  11.236  1.00 61.24  ? 140 THR A OG1 1 
ATOM   1000 C CG2 . THR A 1 146 ? -3.937  0.034   10.011  1.00 69.73  ? 140 THR A CG2 1 
ATOM   1001 N N   . GLU A 1 147 ? -2.440  2.945   11.122  1.00 69.13  ? 141 GLU A N   1 
ATOM   1002 C CA  . GLU A 1 147 ? -2.836  4.271   10.651  1.00 68.09  ? 141 GLU A CA  1 
ATOM   1003 C C   . GLU A 1 147 ? -1.729  4.943   9.841   1.00 71.76  ? 141 GLU A C   1 
ATOM   1004 O O   . GLU A 1 147 ? -1.996  5.579   8.821   1.00 72.95  ? 141 GLU A O   1 
ATOM   1005 C CB  . GLU A 1 147 ? -3.232  5.161   11.832  1.00 70.49  ? 141 GLU A CB  1 
ATOM   1006 C CG  . GLU A 1 147 ? -4.630  4.902   12.389  1.00 74.53  ? 141 GLU A CG  1 
ATOM   1007 C CD  . GLU A 1 147 ? -4.729  3.622   13.203  1.00 72.71  ? 141 GLU A CD  1 
ATOM   1008 O OE1 . GLU A 1 147 ? -3.690  2.968   13.434  1.00 69.83  ? 141 GLU A OE1 1 
ATOM   1009 O OE2 . GLU A 1 147 ? -5.854  3.273   13.621  1.00 74.68  ? 141 GLU A OE2 1 
ATOM   1010 N N   . VAL A 1 148 ? -0.489  4.792   10.297  1.00 72.58  ? 142 VAL A N   1 
ATOM   1011 C CA  . VAL A 1 148 ? 0.662   5.357   9.604   1.00 69.81  ? 142 VAL A CA  1 
ATOM   1012 C C   . VAL A 1 148 ? 0.884   4.668   8.263   1.00 68.97  ? 142 VAL A C   1 
ATOM   1013 O O   . VAL A 1 148 ? 1.083   5.326   7.240   1.00 71.33  ? 142 VAL A O   1 
ATOM   1014 C CB  . VAL A 1 148 ? 1.947   5.245   10.452  1.00 72.61  ? 142 VAL A CB  1 
ATOM   1015 C CG1 . VAL A 1 148 ? 3.177   5.551   9.610   1.00 72.14  ? 142 VAL A CG1 1 
ATOM   1016 C CG2 . VAL A 1 148 ? 1.875   6.172   11.654  1.00 74.52  ? 142 VAL A CG2 1 
ATOM   1017 N N   . ALA A 1 149 ? 0.843   3.339   8.276   1.00 67.86  ? 143 ALA A N   1 
ATOM   1018 C CA  . ALA A 1 149 ? 1.046   2.547   7.068   1.00 68.55  ? 143 ALA A CA  1 
ATOM   1019 C C   . ALA A 1 149 ? 0.047   2.924   5.976   1.00 67.75  ? 143 ALA A C   1 
ATOM   1020 O O   . ALA A 1 149 ? 0.401   2.978   4.800   1.00 68.86  ? 143 ALA A O   1 
ATOM   1021 C CB  . ALA A 1 149 ? 0.952   1.065   7.386   1.00 66.78  ? 143 ALA A CB  1 
ATOM   1022 N N   . PHE A 1 150 ? -1.197  3.186   6.370   1.00 65.77  ? 144 PHE A N   1 
ATOM   1023 C CA  . PHE A 1 150 ? -2.203  3.672   5.433   1.00 68.42  ? 144 PHE A CA  1 
ATOM   1024 C C   . PHE A 1 150 ? -1.793  5.034   4.874   1.00 68.84  ? 144 PHE A C   1 
ATOM   1025 O O   . PHE A 1 150 ? -1.934  5.296   3.677   1.00 67.09  ? 144 PHE A O   1 
ATOM   1026 C CB  . PHE A 1 150 ? -3.576  3.766   6.103   1.00 69.71  ? 144 PHE A CB  1 
ATOM   1027 C CG  . PHE A 1 150 ? -4.307  2.453   6.188   1.00 67.09  ? 144 PHE A CG  1 
ATOM   1028 C CD1 . PHE A 1 150 ? -4.051  1.439   5.278   1.00 66.30  ? 144 PHE A CD1 1 
ATOM   1029 C CD2 . PHE A 1 150 ? -5.255  2.236   7.175   1.00 68.24  ? 144 PHE A CD2 1 
ATOM   1030 C CE1 . PHE A 1 150 ? -4.723  0.234   5.354   1.00 69.93  ? 144 PHE A CE1 1 
ATOM   1031 C CE2 . PHE A 1 150 ? -5.931  1.033   7.255   1.00 67.28  ? 144 PHE A CE2 1 
ATOM   1032 C CZ  . PHE A 1 150 ? -5.663  0.030   6.345   1.00 69.60  ? 144 PHE A CZ  1 
ATOM   1033 N N   . GLY A 1 151 ? -1.279  5.892   5.749   1.00 69.33  ? 145 GLY A N   1 
ATOM   1034 C CA  . GLY A 1 151 ? -0.813  7.207   5.351   1.00 69.44  ? 145 GLY A CA  1 
ATOM   1035 C C   . GLY A 1 151 ? 0.326   7.125   4.357   1.00 68.49  ? 145 GLY A C   1 
ATOM   1036 O O   . GLY A 1 151 ? 0.468   7.980   3.483   1.00 71.43  ? 145 GLY A O   1 
ATOM   1037 N N   . LEU A 1 152 ? 1.143   6.086   4.494   1.00 67.05  ? 146 LEU A N   1 
ATOM   1038 C CA  . LEU A 1 152 ? 2.236   5.850   3.562   1.00 68.13  ? 146 LEU A CA  1 
ATOM   1039 C C   . LEU A 1 152 ? 1.692   5.383   2.217   1.00 68.36  ? 146 LEU A C   1 
ATOM   1040 O O   . LEU A 1 152 ? 2.167   5.811   1.166   1.00 66.61  ? 146 LEU A O   1 
ATOM   1041 C CB  . LEU A 1 152 ? 3.214   4.820   4.126   1.00 65.88  ? 146 LEU A CB  1 
ATOM   1042 C CG  . LEU A 1 152 ? 4.422   4.516   3.240   1.00 63.63  ? 146 LEU A CG  1 
ATOM   1043 C CD1 . LEU A 1 152 ? 5.142   5.801   2.870   1.00 67.47  ? 146 LEU A CD1 1 
ATOM   1044 C CD2 . LEU A 1 152 ? 5.367   3.560   3.939   1.00 68.68  ? 146 LEU A CD2 1 
ATOM   1045 N N   . VAL A 1 153 ? 0.694   4.505   2.265   1.00 67.06  ? 147 VAL A N   1 
ATOM   1046 C CA  . VAL A 1 153 ? 0.025   4.028   1.059   1.00 63.63  ? 147 VAL A CA  1 
ATOM   1047 C C   . VAL A 1 153 ? -0.650  5.184   0.336   1.00 65.19  ? 147 VAL A C   1 
ATOM   1048 O O   . VAL A 1 153 ? -0.557  5.309   -0.885  1.00 64.73  ? 147 VAL A O   1 
ATOM   1049 C CB  . VAL A 1 153 ? -1.026  2.948   1.380   1.00 63.70  ? 147 VAL A CB  1 
ATOM   1050 C CG1 . VAL A 1 153 ? -1.816  2.583   0.134   1.00 64.18  ? 147 VAL A CG1 1 
ATOM   1051 C CG2 . VAL A 1 153 ? -0.363  1.716   1.972   1.00 65.96  ? 147 VAL A CG2 1 
ATOM   1052 N N   . CYS A 1 154 ? -1.319  6.035   1.107   1.00 66.94  ? 148 CYS A N   1 
ATOM   1053 C CA  . CYS A 1 154 ? -2.029  7.183   0.557   1.00 68.61  ? 148 CYS A CA  1 
ATOM   1054 C C   . CYS A 1 154 ? -1.079  8.188   -0.088  1.00 69.16  ? 148 CYS A C   1 
ATOM   1055 O O   . CYS A 1 154 ? -1.380  8.749   -1.141  1.00 69.34  ? 148 CYS A O   1 
ATOM   1056 C CB  . CYS A 1 154 ? -2.854  7.865   1.648   1.00 70.97  ? 148 CYS A CB  1 
ATOM   1057 S SG  . CYS A 1 154 ? -4.328  6.941   2.131   1.00 80.90  ? 148 CYS A SG  1 
ATOM   1058 N N   . ALA A 1 155 ? 0.068   8.406   0.546   1.00 70.59  ? 149 ALA A N   1 
ATOM   1059 C CA  . ALA A 1 155 ? 1.069   9.327   0.022   1.00 71.18  ? 149 ALA A CA  1 
ATOM   1060 C C   . ALA A 1 155 ? 1.792   8.721   -1.174  1.00 72.89  ? 149 ALA A C   1 
ATOM   1061 O O   . ALA A 1 155 ? 2.132   9.423   -2.127  1.00 77.00  ? 149 ALA A O   1 
ATOM   1062 C CB  . ALA A 1 155 ? 2.062   9.701   1.107   1.00 73.52  ? 149 ALA A CB  1 
ATOM   1063 N N   . THR A 1 156 ? 2.021   7.414   -1.118  1.00 71.17  ? 150 THR A N   1 
ATOM   1064 C CA  . THR A 1 156 ? 2.672   6.701   -2.209  1.00 66.96  ? 150 THR A CA  1 
ATOM   1065 C C   . THR A 1 156 ? 1.799   6.704   -3.459  1.00 72.96  ? 150 THR A C   1 
ATOM   1066 O O   . THR A 1 156 ? 2.262   7.050   -4.547  1.00 73.84  ? 150 THR A O   1 
ATOM   1067 C CB  . THR A 1 156 ? 2.990   5.242   -1.824  1.00 63.34  ? 150 THR A CB  1 
ATOM   1068 O OG1 . THR A 1 156 ? 3.767   5.223   -0.621  1.00 68.06  ? 150 THR A OG1 1 
ATOM   1069 C CG2 . THR A 1 156 ? 3.757   4.546   -2.935  1.00 60.87  ? 150 THR A CG2 1 
ATOM   1070 N N   . CYS A 1 157 ? 0.534   6.324   -3.292  1.00 72.26  ? 151 CYS A N   1 
ATOM   1071 C CA  . CYS A 1 157 ? -0.396  6.225   -4.411  1.00 69.66  ? 151 CYS A CA  1 
ATOM   1072 C C   . CYS A 1 157 ? -0.619  7.565   -5.098  1.00 75.59  ? 151 CYS A C   1 
ATOM   1073 O O   . CYS A 1 157 ? -0.699  7.634   -6.323  1.00 82.39  ? 151 CYS A O   1 
ATOM   1074 C CB  . CYS A 1 157 ? -1.738  5.656   -3.945  1.00 66.36  ? 151 CYS A CB  1 
ATOM   1075 S SG  . CYS A 1 157 ? -1.703  3.904   -3.512  1.00 64.45  ? 151 CYS A SG  1 
ATOM   1076 N N   . GLU A 1 158 ? -0.717  8.630   -4.309  1.00 75.51  ? 152 GLU A N   1 
ATOM   1077 C CA  . GLU A 1 158 ? -0.993  9.954   -4.853  1.00 81.13  ? 152 GLU A CA  1 
ATOM   1078 C C   . GLU A 1 158 ? 0.153   10.474  -5.715  1.00 85.09  ? 152 GLU A C   1 
ATOM   1079 O O   . GLU A 1 158 ? -0.077  11.031  -6.788  1.00 89.74  ? 152 GLU A O   1 
ATOM   1080 C CB  . GLU A 1 158 ? -1.281  10.947  -3.726  1.00 81.23  ? 152 GLU A CB  1 
ATOM   1081 C CG  . GLU A 1 158 ? -1.516  12.369  -4.210  1.00 86.38  ? 152 GLU A CG  1 
ATOM   1082 C CD  . GLU A 1 158 ? -1.773  13.337  -3.074  1.00 89.67  ? 152 GLU A CD  1 
ATOM   1083 O OE1 . GLU A 1 158 ? -2.383  12.922  -2.066  1.00 90.41  ? 152 GLU A OE1 1 
ATOM   1084 O OE2 . GLU A 1 158 ? -1.359  14.509  -3.188  1.00 89.54  ? 152 GLU A OE2 1 
ATOM   1085 N N   . GLN A 1 159 ? 1.384   10.285  -5.248  1.00 80.87  ? 153 GLN A N   1 
ATOM   1086 C CA  . GLN A 1 159 ? 2.554   10.812  -5.946  1.00 80.67  ? 153 GLN A CA  1 
ATOM   1087 C C   . GLN A 1 159 ? 2.836   10.099  -7.267  1.00 81.88  ? 153 GLN A C   1 
ATOM   1088 O O   . GLN A 1 159 ? 3.309   10.718  -8.219  1.00 84.97  ? 153 GLN A O   1 
ATOM   1089 C CB  . GLN A 1 159 ? 3.786   10.740  -5.048  1.00 79.46  ? 153 GLN A CB  1 
ATOM   1090 C CG  . GLN A 1 159 ? 3.821   11.814  -3.979  1.00 77.77  ? 153 GLN A CG  1 
ATOM   1091 C CD  . GLN A 1 159 ? 5.205   12.404  -3.796  1.00 79.25  ? 153 GLN A CD  1 
ATOM   1092 O OE1 . GLN A 1 159 ? 5.385   13.622  -3.847  1.00 84.59  ? 153 GLN A OE1 1 
ATOM   1093 N NE2 . GLN A 1 159 ? 6.193   11.544  -3.580  1.00 79.36  ? 153 GLN A NE2 1 
ATOM   1094 N N   . ILE A 1 160 ? 2.552   8.803   -7.326  1.00 79.46  ? 154 ILE A N   1 
ATOM   1095 C CA  . ILE A 1 160 ? 2.751   8.059   -8.563  1.00 80.50  ? 154 ILE A CA  1 
ATOM   1096 C C   . ILE A 1 160 ? 1.573   8.264   -9.512  1.00 83.00  ? 154 ILE A C   1 
ATOM   1097 O O   . ILE A 1 160 ? 1.673   7.991   -10.709 1.00 86.77  ? 154 ILE A O   1 
ATOM   1098 C CB  . ILE A 1 160 ? 2.951   6.551   -8.302  1.00 78.87  ? 154 ILE A CB  1 
ATOM   1099 C CG1 . ILE A 1 160 ? 1.672   5.910   -7.764  1.00 84.25  ? 154 ILE A CG1 1 
ATOM   1100 C CG2 . ILE A 1 160 ? 4.112   6.329   -7.343  1.00 77.83  ? 154 ILE A CG2 1 
ATOM   1101 C CD1 . ILE A 1 160 ? 1.811   4.426   -7.494  1.00 82.04  ? 154 ILE A CD1 1 
ATOM   1102 N N   . ALA A 1 161 ? 0.458   8.751   -8.975  1.00 83.92  ? 155 ALA A N   1 
ATOM   1103 C CA  . ALA A 1 161 ? -0.705  9.080   -9.793  1.00 84.21  ? 155 ALA A CA  1 
ATOM   1104 C C   . ALA A 1 161 ? -0.756  10.580  -10.057 1.00 86.45  ? 155 ALA A C   1 
ATOM   1105 O O   . ALA A 1 161 ? -1.772  11.110  -10.508 1.00 87.47  ? 155 ALA A O   1 
ATOM   1106 C CB  . ALA A 1 161 ? -1.988  8.614   -9.119  1.00 81.17  ? 155 ALA A CB  1 
ATOM   1107 N N   . ASP A 1 162 ? 0.351   11.258  -9.771  1.00 86.44  ? 156 ASP A N   1 
ATOM   1108 C CA  . ASP A 1 162 ? 0.451   12.695  -9.983  1.00 86.61  ? 156 ASP A CA  1 
ATOM   1109 C C   . ASP A 1 162 ? 1.441   12.999  -11.105 1.00 89.00  ? 156 ASP A C   1 
ATOM   1110 O O   . ASP A 1 162 ? 1.774   14.157  -11.361 1.00 90.12  ? 156 ASP A O   1 
ATOM   1111 C CB  . ASP A 1 162 ? 0.874   13.400  -8.690  1.00 86.80  ? 156 ASP A CB  1 
ATOM   1112 C CG  . ASP A 1 162 ? 0.629   14.895  -8.730  1.00 88.74  ? 156 ASP A CG  1 
ATOM   1113 O OD1 . ASP A 1 162 ? -0.251  15.333  -9.503  1.00 86.53  ? 156 ASP A OD1 1 
ATOM   1114 O OD2 . ASP A 1 162 ? 1.312   15.631  -7.988  1.00 93.13  ? 156 ASP A OD2 1 
ATOM   1115 N N   . SER A 1 163 ? 1.907   11.949  -11.775 1.00 89.60  ? 157 SER A N   1 
ATOM   1116 C CA  . SER A 1 163 ? 2.848   12.105  -12.877 1.00 91.53  ? 157 SER A CA  1 
ATOM   1117 C C   . SER A 1 163 ? 2.188   12.790  -14.070 1.00 94.24  ? 157 SER A C   1 
ATOM   1118 O O   . SER A 1 163 ? 2.753   13.713  -14.652 1.00 92.59  ? 157 SER A O   1 
ATOM   1119 C CB  . SER A 1 163 ? 3.418   10.749  -13.301 1.00 88.18  ? 157 SER A CB  1 
ATOM   1120 O OG  . SER A 1 163 ? 2.421   9.922   -13.879 1.00 86.99  ? 157 SER A OG  1 
ATOM   1121 N N   . GLN A 1 164 ? 0.989   12.340  -14.424 1.00 97.70  ? 158 GLN A N   1 
ATOM   1122 C CA  . GLN A 1 164 ? 0.267   12.921  -15.552 1.00 98.91  ? 158 GLN A CA  1 
ATOM   1123 C C   . GLN A 1 164 ? -0.481  14.181  -15.132 1.00 99.07  ? 158 GLN A C   1 
ATOM   1124 O O   . GLN A 1 164 ? -0.038  14.914  -14.248 1.00 98.63  ? 158 GLN A O   1 
ATOM   1125 C CB  . GLN A 1 164 ? -0.708  11.904  -16.155 1.00 95.45  ? 158 GLN A CB  1 
ATOM   1126 C CG  . GLN A 1 164 ? -2.146  12.032  -15.665 1.00 98.68  ? 158 GLN A CG  1 
ATOM   1127 C CD  . GLN A 1 164 ? -2.332  11.547  -14.241 1.00 98.75  ? 158 GLN A CD  1 
ATOM   1128 O OE1 . GLN A 1 164 ? -1.424  10.970  -13.642 1.00 98.67  ? 158 GLN A OE1 1 
ATOM   1129 N NE2 . GLN A 1 164 ? -3.520  11.775  -13.692 1.00 94.48  ? 158 GLN A NE2 1 
HETATM 1130 O O   . HOH B 2 .   ? 5.373   17.348  -1.796  1.00 72.71  ? 201 HOH A O   1 
HETATM 1131 O O   . HOH B 2 .   ? -14.160 10.226  12.414  1.00 65.73  ? 202 HOH A O   1 
# 
loop_
_pdbx_poly_seq_scheme.asym_id 
_pdbx_poly_seq_scheme.entity_id 
_pdbx_poly_seq_scheme.seq_id 
_pdbx_poly_seq_scheme.mon_id 
_pdbx_poly_seq_scheme.ndb_seq_num 
_pdbx_poly_seq_scheme.pdb_seq_num 
_pdbx_poly_seq_scheme.auth_seq_num 
_pdbx_poly_seq_scheme.pdb_mon_id 
_pdbx_poly_seq_scheme.auth_mon_id 
_pdbx_poly_seq_scheme.pdb_strand_id 
_pdbx_poly_seq_scheme.pdb_ins_code 
_pdbx_poly_seq_scheme.hetero 
A 1 1   MET 1   -5  ?   ?   ?   A . n 
A 1 2   HIS 2   -4  ?   ?   ?   A . n 
A 1 3   HIS 3   -3  ?   ?   ?   A . n 
A 1 4   HIS 4   -2  ?   ?   ?   A . n 
A 1 5   HIS 5   -1  ?   ?   ?   A . n 
A 1 6   HIS 6   0   ?   ?   ?   A . n 
A 1 7   HIS 7   1   ?   ?   ?   A . n 
A 1 8   SER 8   2   2   SER SER A . n 
A 1 9   LEU 9   3   3   LEU LEU A . n 
A 1 10  LEU 10  4   4   LEU LEU A . n 
A 1 11  THR 11  5   5   THR THR A . n 
A 1 12  GLU 12  6   6   GLU GLU A . n 
A 1 13  VAL 13  7   7   VAL VAL A . n 
A 1 14  GLU 14  8   8   GLU GLU A . n 
A 1 15  THR 15  9   9   THR THR A . n 
A 1 16  TYR 16  10  10  TYR TYR A . n 
A 1 17  VAL 17  11  11  VAL VAL A . n 
A 1 18  LEU 18  12  12  LEU LEU A . n 
A 1 19  SER 19  13  13  SER SER A . n 
A 1 20  ILE 20  14  14  ILE ILE A . n 
A 1 21  VAL 21  15  15  VAL VAL A . n 
A 1 22  PRO 22  16  16  PRO PRO A . n 
A 1 23  SER 23  17  17  SER SER A . n 
A 1 24  GLY 24  18  18  GLY GLY A . n 
A 1 25  PRO 25  19  19  PRO PRO A . n 
A 1 26  LEU 26  20  20  LEU LEU A . n 
A 1 27  LYS 27  21  21  LYS LYS A . n 
A 1 28  ALA 28  22  22  ALA ALA A . n 
A 1 29  GLU 29  23  23  GLU GLU A . n 
A 1 30  ILE 30  24  24  ILE ILE A . n 
A 1 31  ALA 31  25  25  ALA ALA A . n 
A 1 32  GLN 32  26  26  GLN GLN A . n 
A 1 33  ARG 33  27  27  ARG ARG A . n 
A 1 34  LEU 34  28  28  LEU LEU A . n 
A 1 35  GLU 35  29  29  GLU GLU A . n 
A 1 36  ASP 36  30  30  ASP ASP A . n 
A 1 37  VAL 37  31  31  VAL VAL A . n 
A 1 38  PHE 38  32  32  PHE PHE A . n 
A 1 39  ALA 39  33  33  ALA ALA A . n 
A 1 40  GLY 40  34  34  GLY GLY A . n 
A 1 41  LYS 41  35  35  LYS LYS A . n 
A 1 42  ASN 42  36  36  ASN ASN A . n 
A 1 43  THR 43  37  37  THR THR A . n 
A 1 44  ASP 44  38  38  ASP ASP A . n 
A 1 45  LEU 45  39  39  LEU LEU A . n 
A 1 46  GLU 46  40  40  GLU GLU A . n 
A 1 47  VAL 47  41  41  VAL VAL A . n 
A 1 48  LEU 48  42  42  LEU LEU A . n 
A 1 49  MET 49  43  43  MET MET A . n 
A 1 50  GLU 50  44  44  GLU GLU A . n 
A 1 51  TRP 51  45  45  TRP TRP A . n 
A 1 52  LEU 52  46  46  LEU LEU A . n 
A 1 53  LYS 53  47  47  LYS LYS A . n 
A 1 54  THR 54  48  48  THR THR A . n 
A 1 55  ARG 55  49  49  ARG ARG A . n 
A 1 56  PRO 56  50  50  PRO PRO A . n 
A 1 57  ILE 57  51  51  ILE ILE A . n 
A 1 58  LEU 58  52  52  LEU LEU A . n 
A 1 59  SER 59  53  53  SER SER A . n 
A 1 60  PRO 60  54  54  PRO PRO A . n 
A 1 61  LEU 61  55  55  LEU LEU A . n 
A 1 62  THR 62  56  56  THR THR A . n 
A 1 63  LYS 63  57  57  LYS LYS A . n 
A 1 64  GLY 64  58  58  GLY GLY A . n 
A 1 65  ILE 65  59  59  ILE ILE A . n 
A 1 66  LEU 66  60  60  LEU LEU A . n 
A 1 67  GLY 67  61  61  GLY GLY A . n 
A 1 68  PHE 68  62  62  PHE PHE A . n 
A 1 69  VAL 69  63  63  VAL VAL A . n 
A 1 70  PHE 70  64  64  PHE PHE A . n 
A 1 71  THR 71  65  65  THR THR A . n 
A 1 72  LEU 72  66  66  LEU LEU A . n 
A 1 73  THR 73  67  67  THR THR A . n 
A 1 74  VAL 74  68  68  VAL VAL A . n 
A 1 75  PRO 75  69  69  PRO PRO A . n 
A 1 76  SER 76  70  70  SER SER A . n 
A 1 77  GLU 77  71  ?   ?   ?   A . n 
A 1 78  ARG 78  72  ?   ?   ?   A . n 
A 1 79  GLY 79  73  ?   ?   ?   A . n 
A 1 80  LEU 80  74  ?   ?   ?   A . n 
A 1 81  GLN 81  75  ?   ?   ?   A . n 
A 1 82  ARG 82  76  ?   ?   ?   A . n 
A 1 83  ARG 83  77  77  ARG ARG A . n 
A 1 84  ARG 84  78  78  ARG ARG A . n 
A 1 85  PHE 85  79  79  PHE PHE A . n 
A 1 86  VAL 86  80  80  VAL VAL A . n 
A 1 87  GLN 87  81  81  GLN GLN A . n 
A 1 88  ASN 88  82  82  ASN ASN A . n 
A 1 89  ALA 89  83  83  ALA ALA A . n 
A 1 90  LEU 90  84  84  LEU LEU A . n 
A 1 91  ASN 91  85  85  ASN ASN A . n 
A 1 92  GLY 92  86  ?   ?   ?   A . n 
A 1 93  ASN 93  87  ?   ?   ?   A . n 
A 1 94  ARG 94  88  ?   ?   ?   A . n 
A 1 95  ASP 95  89  89  ASP ASP A . n 
A 1 96  PRO 96  90  90  PRO PRO A . n 
A 1 97  ASN 97  91  91  ASN ASN A . n 
A 1 98  ASN 98  92  92  ASN ASN A . n 
A 1 99  MET 99  93  93  MET MET A . n 
A 1 100 ASP 100 94  94  ASP ASP A . n 
A 1 101 LYS 101 95  95  LYS LYS A . n 
A 1 102 ALA 102 96  96  ALA ALA A . n 
A 1 103 VAL 103 97  97  VAL VAL A . n 
A 1 104 LYS 104 98  98  LYS LYS A . n 
A 1 105 LEU 105 99  99  LEU LEU A . n 
A 1 106 TYR 106 100 100 TYR TYR A . n 
A 1 107 SER 107 101 101 SER SER A . n 
A 1 108 LYS 108 102 102 LYS LYS A . n 
A 1 109 LEU 109 103 103 LEU LEU A . n 
A 1 110 LYS 110 104 104 LYS LYS A . n 
A 1 111 SER 111 105 105 SER SER A . n 
A 1 112 GLU 112 106 106 GLU GLU A . n 
A 1 113 ILE 113 107 107 ILE ILE A . n 
A 1 114 THR 114 108 108 THR THR A . n 
A 1 115 PHE 115 109 109 PHE PHE A . n 
A 1 116 HIS 116 110 110 HIS HIS A . n 
A 1 117 GLY 117 111 111 GLY GLY A . n 
A 1 118 ALA 118 112 112 ALA ALA A . n 
A 1 119 LYS 119 113 113 LYS LYS A . n 
A 1 120 GLU 120 114 114 GLU GLU A . n 
A 1 121 ILE 121 115 115 ILE ILE A . n 
A 1 122 ALA 122 116 116 ALA ALA A . n 
A 1 123 LEU 123 117 117 LEU LEU A . n 
A 1 124 SER 124 118 118 SER SER A . n 
A 1 125 TYR 125 119 119 TYR TYR A . n 
A 1 126 SER 126 120 120 SER SER A . n 
A 1 127 ALA 127 121 121 ALA ALA A . n 
A 1 128 GLY 128 122 122 GLY GLY A . n 
A 1 129 ALA 129 123 123 ALA ALA A . n 
A 1 130 LEU 130 124 124 LEU LEU A . n 
A 1 131 ALA 131 125 125 ALA ALA A . n 
A 1 132 SER 132 126 126 SER SER A . n 
A 1 133 CYS 133 127 127 CYS CYS A . n 
A 1 134 MET 134 128 128 MET MET A . n 
A 1 135 GLY 135 129 129 GLY GLY A . n 
A 1 136 LEU 136 130 130 LEU LEU A . n 
A 1 137 ILE 137 131 131 ILE ILE A . n 
A 1 138 TYR 138 132 132 TYR TYR A . n 
A 1 139 ASN 139 133 133 ASN ASN A . n 
A 1 140 ARG 140 134 134 ARG ARG A . n 
A 1 141 MET 141 135 135 MET MET A . n 
A 1 142 GLY 142 136 136 GLY GLY A . n 
A 1 143 ALA 143 137 137 ALA ALA A . n 
A 1 144 VAL 144 138 138 VAL VAL A . n 
A 1 145 THR 145 139 139 THR THR A . n 
A 1 146 THR 146 140 140 THR THR A . n 
A 1 147 GLU 147 141 141 GLU GLU A . n 
A 1 148 VAL 148 142 142 VAL VAL A . n 
A 1 149 ALA 149 143 143 ALA ALA A . n 
A 1 150 PHE 150 144 144 PHE PHE A . n 
A 1 151 GLY 151 145 145 GLY GLY A . n 
A 1 152 LEU 152 146 146 LEU LEU A . n 
A 1 153 VAL 153 147 147 VAL VAL A . n 
A 1 154 CYS 154 148 148 CYS CYS A . n 
A 1 155 ALA 155 149 149 ALA ALA A . n 
A 1 156 THR 156 150 150 THR THR A . n 
A 1 157 CYS 157 151 151 CYS CYS A . n 
A 1 158 GLU 158 152 152 GLU GLU A . n 
A 1 159 GLN 159 153 153 GLN GLN A . n 
A 1 160 ILE 160 154 154 ILE ILE A . n 
A 1 161 ALA 161 155 155 ALA ALA A . n 
A 1 162 ASP 162 156 156 ASP ASP A . n 
A 1 163 SER 163 157 157 SER SER A . n 
A 1 164 GLN 164 158 158 GLN GLN A . n 
A 1 165 HIS 165 159 ?   ?   ?   A . n 
A 1 166 ARG 166 160 ?   ?   ?   A . n 
A 1 167 SER 167 161 ?   ?   ?   A . n 
A 1 168 HIS 168 162 ?   ?   ?   A . n 
A 1 169 ARG 169 163 ?   ?   ?   A . n 
A 1 170 GLN 170 164 ?   ?   ?   A . n 
A 1 171 MET 171 165 ?   ?   ?   A . n 
# 
loop_
_pdbx_nonpoly_scheme.asym_id 
_pdbx_nonpoly_scheme.entity_id 
_pdbx_nonpoly_scheme.mon_id 
_pdbx_nonpoly_scheme.ndb_seq_num 
_pdbx_nonpoly_scheme.pdb_seq_num 
_pdbx_nonpoly_scheme.auth_seq_num 
_pdbx_nonpoly_scheme.pdb_mon_id 
_pdbx_nonpoly_scheme.auth_mon_id 
_pdbx_nonpoly_scheme.pdb_strand_id 
_pdbx_nonpoly_scheme.pdb_ins_code 
B 2 HOH 1 201 2 HOH HOH A . 
B 2 HOH 2 202 1 HOH HOH A . 
# 
_pdbx_struct_assembly.id                   1 
_pdbx_struct_assembly.details              author_and_software_defined_assembly 
_pdbx_struct_assembly.method_details       PISA 
_pdbx_struct_assembly.oligomeric_details   monomeric 
_pdbx_struct_assembly.oligomeric_count     1 
# 
_pdbx_struct_assembly_gen.assembly_id       1 
_pdbx_struct_assembly_gen.oper_expression   1 
_pdbx_struct_assembly_gen.asym_id_list      A,B 
# 
_pdbx_struct_oper_list.id                   1 
_pdbx_struct_oper_list.type                 'identity operation' 
_pdbx_struct_oper_list.name                 1_555 
_pdbx_struct_oper_list.symmetry_operation   x,y,z 
_pdbx_struct_oper_list.matrix[1][1]         1.0000000000 
_pdbx_struct_oper_list.matrix[1][2]         0.0000000000 
_pdbx_struct_oper_list.matrix[1][3]         0.0000000000 
_pdbx_struct_oper_list.vector[1]            0.0000000000 
_pdbx_struct_oper_list.matrix[2][1]         0.0000000000 
_pdbx_struct_oper_list.matrix[2][2]         1.0000000000 
_pdbx_struct_oper_list.matrix[2][3]         0.0000000000 
_pdbx_struct_oper_list.vector[2]            0.0000000000 
_pdbx_struct_oper_list.matrix[3][1]         0.0000000000 
_pdbx_struct_oper_list.matrix[3][2]         0.0000000000 
_pdbx_struct_oper_list.matrix[3][3]         1.0000000000 
_pdbx_struct_oper_list.vector[3]            0.0000000000 
# 
loop_
_pdbx_audit_revision_history.ordinal 
_pdbx_audit_revision_history.data_content_type 
_pdbx_audit_revision_history.major_revision 
_pdbx_audit_revision_history.minor_revision 
_pdbx_audit_revision_history.revision_date 
1 'Structure model' 1 0 2017-04-19 
2 'Structure model' 1 1 2017-09-27 
3 'Structure model' 1 2 2017-12-20 
4 'Structure model' 1 3 2019-12-04 
5 'Structure model' 1 4 2023-10-04 
# 
_pdbx_audit_revision_details.ordinal             1 
_pdbx_audit_revision_details.revision_ordinal    1 
_pdbx_audit_revision_details.data_content_type   'Structure model' 
_pdbx_audit_revision_details.provider            repository 
_pdbx_audit_revision_details.type                'Initial release' 
_pdbx_audit_revision_details.description         ? 
_pdbx_audit_revision_details.details             ? 
# 
loop_
_pdbx_audit_revision_group.ordinal 
_pdbx_audit_revision_group.revision_ordinal 
_pdbx_audit_revision_group.data_content_type 
_pdbx_audit_revision_group.group 
1 2 'Structure model' 'Author supporting evidence' 
2 3 'Structure model' 'Database references'        
3 4 'Structure model' 'Author supporting evidence' 
4 5 'Structure model' 'Data collection'            
5 5 'Structure model' 'Database references'        
6 5 'Structure model' 'Refinement description'     
# 
loop_
_pdbx_audit_revision_category.ordinal 
_pdbx_audit_revision_category.revision_ordinal 
_pdbx_audit_revision_category.data_content_type 
_pdbx_audit_revision_category.category 
1 2 'Structure model' pdbx_audit_support            
2 3 'Structure model' citation                      
3 3 'Structure model' citation_author               
4 4 'Structure model' pdbx_audit_support            
5 5 'Structure model' chem_comp_atom                
6 5 'Structure model' chem_comp_bond                
7 5 'Structure model' citation                      
8 5 'Structure model' database_2                    
9 5 'Structure model' pdbx_initial_refinement_model 
# 
loop_
_pdbx_audit_revision_item.ordinal 
_pdbx_audit_revision_item.revision_ordinal 
_pdbx_audit_revision_item.data_content_type 
_pdbx_audit_revision_item.item 
1  2 'Structure model' '_pdbx_audit_support.funding_organization' 
2  3 'Structure model' '_citation.journal_abbrev'                 
3  3 'Structure model' '_citation.journal_id_CSD'                 
4  3 'Structure model' '_citation.journal_id_ISSN'                
5  3 'Structure model' '_citation.journal_volume'                 
6  3 'Structure model' '_citation.page_first'                     
7  3 'Structure model' '_citation.page_last'                      
8  3 'Structure model' '_citation.pdbx_database_id_DOI'           
9  3 'Structure model' '_citation.pdbx_database_id_PubMed'        
10 3 'Structure model' '_citation.title'                          
11 3 'Structure model' '_citation.year'                           
12 3 'Structure model' '_citation_author.name'                    
13 5 'Structure model' '_citation.country'                        
14 5 'Structure model' '_database_2.pdbx_DOI'                     
15 5 'Structure model' '_database_2.pdbx_database_accession'      
# 
loop_
_software.citation_id 
_software.classification 
_software.compiler_name 
_software.compiler_version 
_software.contact_author 
_software.contact_author_email 
_software.date 
_software.description 
_software.dependencies 
_software.hardware 
_software.language 
_software.location 
_software.mods 
_software.name 
_software.os 
_software.os_version 
_software.type 
_software.version 
_software.pdbx_ordinal 
? refinement       ? ? ? ? ? ? ? ? ? ? ? PHENIX ? ? ? 1.9_1692 1 
? 'data reduction' ? ? ? ? ? ? ? ? ? ? ? d*TREK ? ? ? .        2 
? 'data scaling'   ? ? ? ? ? ? ? ? ? ? ? d*TREK ? ? ? .        3 
? phasing          ? ? ? ? ? ? ? ? ? ? ? PHENIX ? ? ? .        4 
# 
loop_
_pdbx_validate_torsion.id 
_pdbx_validate_torsion.PDB_model_num 
_pdbx_validate_torsion.auth_comp_id 
_pdbx_validate_torsion.auth_asym_id 
_pdbx_validate_torsion.auth_seq_id 
_pdbx_validate_torsion.PDB_ins_code 
_pdbx_validate_torsion.label_alt_id 
_pdbx_validate_torsion.phi 
_pdbx_validate_torsion.psi 
1 1 ASP A 38 ? ? -64.11  94.02  
2 1 THR A 67 ? ? -86.94  -75.51 
3 1 VAL A 68 ? ? -29.24  125.99 
4 1 PRO A 90 ? ? -114.74 -95.04 
# 
loop_
_pdbx_unobs_or_zero_occ_residues.id 
_pdbx_unobs_or_zero_occ_residues.PDB_model_num 
_pdbx_unobs_or_zero_occ_residues.polymer_flag 
_pdbx_unobs_or_zero_occ_residues.occupancy_flag 
_pdbx_unobs_or_zero_occ_residues.auth_asym_id 
_pdbx_unobs_or_zero_occ_residues.auth_comp_id 
_pdbx_unobs_or_zero_occ_residues.auth_seq_id 
_pdbx_unobs_or_zero_occ_residues.PDB_ins_code 
_pdbx_unobs_or_zero_occ_residues.label_asym_id 
_pdbx_unobs_or_zero_occ_residues.label_comp_id 
_pdbx_unobs_or_zero_occ_residues.label_seq_id 
1  1 Y 1 A MET -5  ? A MET 1   
2  1 Y 1 A HIS -4  ? A HIS 2   
3  1 Y 1 A HIS -3  ? A HIS 3   
4  1 Y 1 A HIS -2  ? A HIS 4   
5  1 Y 1 A HIS -1  ? A HIS 5   
6  1 Y 1 A HIS 0   ? A HIS 6   
7  1 Y 1 A HIS 1   ? A HIS 7   
8  1 Y 1 A GLU 71  ? A GLU 77  
9  1 Y 1 A ARG 72  ? A ARG 78  
10 1 Y 1 A GLY 73  ? A GLY 79  
11 1 Y 1 A LEU 74  ? A LEU 80  
12 1 Y 1 A GLN 75  ? A GLN 81  
13 1 Y 1 A ARG 76  ? A ARG 82  
14 1 Y 1 A GLY 86  ? A GLY 92  
15 1 Y 1 A ASN 87  ? A ASN 93  
16 1 Y 1 A ARG 88  ? A ARG 94  
17 1 Y 1 A HIS 159 ? A HIS 165 
18 1 Y 1 A ARG 160 ? A ARG 166 
19 1 Y 1 A SER 161 ? A SER 167 
20 1 Y 1 A HIS 162 ? A HIS 168 
21 1 Y 1 A ARG 163 ? A ARG 169 
22 1 Y 1 A GLN 164 ? A GLN 170 
23 1 Y 1 A MET 165 ? A MET 171 
# 
loop_
_chem_comp_atom.comp_id 
_chem_comp_atom.atom_id 
_chem_comp_atom.type_symbol 
_chem_comp_atom.pdbx_aromatic_flag 
_chem_comp_atom.pdbx_stereo_config 
_chem_comp_atom.pdbx_ordinal 
ALA N    N N N 1   
ALA CA   C N S 2   
ALA C    C N N 3   
ALA O    O N N 4   
ALA CB   C N N 5   
ALA OXT  O N N 6   
ALA H    H N N 7   
ALA H2   H N N 8   
ALA HA   H N N 9   
ALA HB1  H N N 10  
ALA HB2  H N N 11  
ALA HB3  H N N 12  
ALA HXT  H N N 13  
ARG N    N N N 14  
ARG CA   C N S 15  
ARG C    C N N 16  
ARG O    O N N 17  
ARG CB   C N N 18  
ARG CG   C N N 19  
ARG CD   C N N 20  
ARG NE   N N N 21  
ARG CZ   C N N 22  
ARG NH1  N N N 23  
ARG NH2  N N N 24  
ARG OXT  O N N 25  
ARG H    H N N 26  
ARG H2   H N N 27  
ARG HA   H N N 28  
ARG HB2  H N N 29  
ARG HB3  H N N 30  
ARG HG2  H N N 31  
ARG HG3  H N N 32  
ARG HD2  H N N 33  
ARG HD3  H N N 34  
ARG HE   H N N 35  
ARG HH11 H N N 36  
ARG HH12 H N N 37  
ARG HH21 H N N 38  
ARG HH22 H N N 39  
ARG HXT  H N N 40  
ASN N    N N N 41  
ASN CA   C N S 42  
ASN C    C N N 43  
ASN O    O N N 44  
ASN CB   C N N 45  
ASN CG   C N N 46  
ASN OD1  O N N 47  
ASN ND2  N N N 48  
ASN OXT  O N N 49  
ASN H    H N N 50  
ASN H2   H N N 51  
ASN HA   H N N 52  
ASN HB2  H N N 53  
ASN HB3  H N N 54  
ASN HD21 H N N 55  
ASN HD22 H N N 56  
ASN HXT  H N N 57  
ASP N    N N N 58  
ASP CA   C N S 59  
ASP C    C N N 60  
ASP O    O N N 61  
ASP CB   C N N 62  
ASP CG   C N N 63  
ASP OD1  O N N 64  
ASP OD2  O N N 65  
ASP OXT  O N N 66  
ASP H    H N N 67  
ASP H2   H N N 68  
ASP HA   H N N 69  
ASP HB2  H N N 70  
ASP HB3  H N N 71  
ASP HD2  H N N 72  
ASP HXT  H N N 73  
CYS N    N N N 74  
CYS CA   C N R 75  
CYS C    C N N 76  
CYS O    O N N 77  
CYS CB   C N N 78  
CYS SG   S N N 79  
CYS OXT  O N N 80  
CYS H    H N N 81  
CYS H2   H N N 82  
CYS HA   H N N 83  
CYS HB2  H N N 84  
CYS HB3  H N N 85  
CYS HG   H N N 86  
CYS HXT  H N N 87  
GLN N    N N N 88  
GLN CA   C N S 89  
GLN C    C N N 90  
GLN O    O N N 91  
GLN CB   C N N 92  
GLN CG   C N N 93  
GLN CD   C N N 94  
GLN OE1  O N N 95  
GLN NE2  N N N 96  
GLN OXT  O N N 97  
GLN H    H N N 98  
GLN H2   H N N 99  
GLN HA   H N N 100 
GLN HB2  H N N 101 
GLN HB3  H N N 102 
GLN HG2  H N N 103 
GLN HG3  H N N 104 
GLN HE21 H N N 105 
GLN HE22 H N N 106 
GLN HXT  H N N 107 
GLU N    N N N 108 
GLU CA   C N S 109 
GLU C    C N N 110 
GLU O    O N N 111 
GLU CB   C N N 112 
GLU CG   C N N 113 
GLU CD   C N N 114 
GLU OE1  O N N 115 
GLU OE2  O N N 116 
GLU OXT  O N N 117 
GLU H    H N N 118 
GLU H2   H N N 119 
GLU HA   H N N 120 
GLU HB2  H N N 121 
GLU HB3  H N N 122 
GLU HG2  H N N 123 
GLU HG3  H N N 124 
GLU HE2  H N N 125 
GLU HXT  H N N 126 
GLY N    N N N 127 
GLY CA   C N N 128 
GLY C    C N N 129 
GLY O    O N N 130 
GLY OXT  O N N 131 
GLY H    H N N 132 
GLY H2   H N N 133 
GLY HA2  H N N 134 
GLY HA3  H N N 135 
GLY HXT  H N N 136 
HIS N    N N N 137 
HIS CA   C N S 138 
HIS C    C N N 139 
HIS O    O N N 140 
HIS CB   C N N 141 
HIS CG   C Y N 142 
HIS ND1  N Y N 143 
HIS CD2  C Y N 144 
HIS CE1  C Y N 145 
HIS NE2  N Y N 146 
HIS OXT  O N N 147 
HIS H    H N N 148 
HIS H2   H N N 149 
HIS HA   H N N 150 
HIS HB2  H N N 151 
HIS HB3  H N N 152 
HIS HD1  H N N 153 
HIS HD2  H N N 154 
HIS HE1  H N N 155 
HIS HE2  H N N 156 
HIS HXT  H N N 157 
HOH O    O N N 158 
HOH H1   H N N 159 
HOH H2   H N N 160 
ILE N    N N N 161 
ILE CA   C N S 162 
ILE C    C N N 163 
ILE O    O N N 164 
ILE CB   C N S 165 
ILE CG1  C N N 166 
ILE CG2  C N N 167 
ILE CD1  C N N 168 
ILE OXT  O N N 169 
ILE H    H N N 170 
ILE H2   H N N 171 
ILE HA   H N N 172 
ILE HB   H N N 173 
ILE HG12 H N N 174 
ILE HG13 H N N 175 
ILE HG21 H N N 176 
ILE HG22 H N N 177 
ILE HG23 H N N 178 
ILE HD11 H N N 179 
ILE HD12 H N N 180 
ILE HD13 H N N 181 
ILE HXT  H N N 182 
LEU N    N N N 183 
LEU CA   C N S 184 
LEU C    C N N 185 
LEU O    O N N 186 
LEU CB   C N N 187 
LEU CG   C N N 188 
LEU CD1  C N N 189 
LEU CD2  C N N 190 
LEU OXT  O N N 191 
LEU H    H N N 192 
LEU H2   H N N 193 
LEU HA   H N N 194 
LEU HB2  H N N 195 
LEU HB3  H N N 196 
LEU HG   H N N 197 
LEU HD11 H N N 198 
LEU HD12 H N N 199 
LEU HD13 H N N 200 
LEU HD21 H N N 201 
LEU HD22 H N N 202 
LEU HD23 H N N 203 
LEU HXT  H N N 204 
LYS N    N N N 205 
LYS CA   C N S 206 
LYS C    C N N 207 
LYS O    O N N 208 
LYS CB   C N N 209 
LYS CG   C N N 210 
LYS CD   C N N 211 
LYS CE   C N N 212 
LYS NZ   N N N 213 
LYS OXT  O N N 214 
LYS H    H N N 215 
LYS H2   H N N 216 
LYS HA   H N N 217 
LYS HB2  H N N 218 
LYS HB3  H N N 219 
LYS HG2  H N N 220 
LYS HG3  H N N 221 
LYS HD2  H N N 222 
LYS HD3  H N N 223 
LYS HE2  H N N 224 
LYS HE3  H N N 225 
LYS HZ1  H N N 226 
LYS HZ2  H N N 227 
LYS HZ3  H N N 228 
LYS HXT  H N N 229 
MET N    N N N 230 
MET CA   C N S 231 
MET C    C N N 232 
MET O    O N N 233 
MET CB   C N N 234 
MET CG   C N N 235 
MET SD   S N N 236 
MET CE   C N N 237 
MET OXT  O N N 238 
MET H    H N N 239 
MET H2   H N N 240 
MET HA   H N N 241 
MET HB2  H N N 242 
MET HB3  H N N 243 
MET HG2  H N N 244 
MET HG3  H N N 245 
MET HE1  H N N 246 
MET HE2  H N N 247 
MET HE3  H N N 248 
MET HXT  H N N 249 
PHE N    N N N 250 
PHE CA   C N S 251 
PHE C    C N N 252 
PHE O    O N N 253 
PHE CB   C N N 254 
PHE CG   C Y N 255 
PHE CD1  C Y N 256 
PHE CD2  C Y N 257 
PHE CE1  C Y N 258 
PHE CE2  C Y N 259 
PHE CZ   C Y N 260 
PHE OXT  O N N 261 
PHE H    H N N 262 
PHE H2   H N N 263 
PHE HA   H N N 264 
PHE HB2  H N N 265 
PHE HB3  H N N 266 
PHE HD1  H N N 267 
PHE HD2  H N N 268 
PHE HE1  H N N 269 
PHE HE2  H N N 270 
PHE HZ   H N N 271 
PHE HXT  H N N 272 
PRO N    N N N 273 
PRO CA   C N S 274 
PRO C    C N N 275 
PRO O    O N N 276 
PRO CB   C N N 277 
PRO CG   C N N 278 
PRO CD   C N N 279 
PRO OXT  O N N 280 
PRO H    H N N 281 
PRO HA   H N N 282 
PRO HB2  H N N 283 
PRO HB3  H N N 284 
PRO HG2  H N N 285 
PRO HG3  H N N 286 
PRO HD2  H N N 287 
PRO HD3  H N N 288 
PRO HXT  H N N 289 
SER N    N N N 290 
SER CA   C N S 291 
SER C    C N N 292 
SER O    O N N 293 
SER CB   C N N 294 
SER OG   O N N 295 
SER OXT  O N N 296 
SER H    H N N 297 
SER H2   H N N 298 
SER HA   H N N 299 
SER HB2  H N N 300 
SER HB3  H N N 301 
SER HG   H N N 302 
SER HXT  H N N 303 
THR N    N N N 304 
THR CA   C N S 305 
THR C    C N N 306 
THR O    O N N 307 
THR CB   C N R 308 
THR OG1  O N N 309 
THR CG2  C N N 310 
THR OXT  O N N 311 
THR H    H N N 312 
THR H2   H N N 313 
THR HA   H N N 314 
THR HB   H N N 315 
THR HG1  H N N 316 
THR HG21 H N N 317 
THR HG22 H N N 318 
THR HG23 H N N 319 
THR HXT  H N N 320 
TRP N    N N N 321 
TRP CA   C N S 322 
TRP C    C N N 323 
TRP O    O N N 324 
TRP CB   C N N 325 
TRP CG   C Y N 326 
TRP CD1  C Y N 327 
TRP CD2  C Y N 328 
TRP NE1  N Y N 329 
TRP CE2  C Y N 330 
TRP CE3  C Y N 331 
TRP CZ2  C Y N 332 
TRP CZ3  C Y N 333 
TRP CH2  C Y N 334 
TRP OXT  O N N 335 
TRP H    H N N 336 
TRP H2   H N N 337 
TRP HA   H N N 338 
TRP HB2  H N N 339 
TRP HB3  H N N 340 
TRP HD1  H N N 341 
TRP HE1  H N N 342 
TRP HE3  H N N 343 
TRP HZ2  H N N 344 
TRP HZ3  H N N 345 
TRP HH2  H N N 346 
TRP HXT  H N N 347 
TYR N    N N N 348 
TYR CA   C N S 349 
TYR C    C N N 350 
TYR O    O N N 351 
TYR CB   C N N 352 
TYR CG   C Y N 353 
TYR CD1  C Y N 354 
TYR CD2  C Y N 355 
TYR CE1  C Y N 356 
TYR CE2  C Y N 357 
TYR CZ   C Y N 358 
TYR OH   O N N 359 
TYR OXT  O N N 360 
TYR H    H N N 361 
TYR H2   H N N 362 
TYR HA   H N N 363 
TYR HB2  H N N 364 
TYR HB3  H N N 365 
TYR HD1  H N N 366 
TYR HD2  H N N 367 
TYR HE1  H N N 368 
TYR HE2  H N N 369 
TYR HH   H N N 370 
TYR HXT  H N N 371 
VAL N    N N N 372 
VAL CA   C N S 373 
VAL C    C N N 374 
VAL O    O N N 375 
VAL CB   C N N 376 
VAL CG1  C N N 377 
VAL CG2  C N N 378 
VAL OXT  O N N 379 
VAL H    H N N 380 
VAL H2   H N N 381 
VAL HA   H N N 382 
VAL HB   H N N 383 
VAL HG11 H N N 384 
VAL HG12 H N N 385 
VAL HG13 H N N 386 
VAL HG21 H N N 387 
VAL HG22 H N N 388 
VAL HG23 H N N 389 
VAL HXT  H N N 390 
# 
loop_
_chem_comp_bond.comp_id 
_chem_comp_bond.atom_id_1 
_chem_comp_bond.atom_id_2 
_chem_comp_bond.value_order 
_chem_comp_bond.pdbx_aromatic_flag 
_chem_comp_bond.pdbx_stereo_config 
_chem_comp_bond.pdbx_ordinal 
ALA N   CA   sing N N 1   
ALA N   H    sing N N 2   
ALA N   H2   sing N N 3   
ALA CA  C    sing N N 4   
ALA CA  CB   sing N N 5   
ALA CA  HA   sing N N 6   
ALA C   O    doub N N 7   
ALA C   OXT  sing N N 8   
ALA CB  HB1  sing N N 9   
ALA CB  HB2  sing N N 10  
ALA CB  HB3  sing N N 11  
ALA OXT HXT  sing N N 12  
ARG N   CA   sing N N 13  
ARG N   H    sing N N 14  
ARG N   H2   sing N N 15  
ARG CA  C    sing N N 16  
ARG CA  CB   sing N N 17  
ARG CA  HA   sing N N 18  
ARG C   O    doub N N 19  
ARG C   OXT  sing N N 20  
ARG CB  CG   sing N N 21  
ARG CB  HB2  sing N N 22  
ARG CB  HB3  sing N N 23  
ARG CG  CD   sing N N 24  
ARG CG  HG2  sing N N 25  
ARG CG  HG3  sing N N 26  
ARG CD  NE   sing N N 27  
ARG CD  HD2  sing N N 28  
ARG CD  HD3  sing N N 29  
ARG NE  CZ   sing N N 30  
ARG NE  HE   sing N N 31  
ARG CZ  NH1  sing N N 32  
ARG CZ  NH2  doub N N 33  
ARG NH1 HH11 sing N N 34  
ARG NH1 HH12 sing N N 35  
ARG NH2 HH21 sing N N 36  
ARG NH2 HH22 sing N N 37  
ARG OXT HXT  sing N N 38  
ASN N   CA   sing N N 39  
ASN N   H    sing N N 40  
ASN N   H2   sing N N 41  
ASN CA  C    sing N N 42  
ASN CA  CB   sing N N 43  
ASN CA  HA   sing N N 44  
ASN C   O    doub N N 45  
ASN C   OXT  sing N N 46  
ASN CB  CG   sing N N 47  
ASN CB  HB2  sing N N 48  
ASN CB  HB3  sing N N 49  
ASN CG  OD1  doub N N 50  
ASN CG  ND2  sing N N 51  
ASN ND2 HD21 sing N N 52  
ASN ND2 HD22 sing N N 53  
ASN OXT HXT  sing N N 54  
ASP N   CA   sing N N 55  
ASP N   H    sing N N 56  
ASP N   H2   sing N N 57  
ASP CA  C    sing N N 58  
ASP CA  CB   sing N N 59  
ASP CA  HA   sing N N 60  
ASP C   O    doub N N 61  
ASP C   OXT  sing N N 62  
ASP CB  CG   sing N N 63  
ASP CB  HB2  sing N N 64  
ASP CB  HB3  sing N N 65  
ASP CG  OD1  doub N N 66  
ASP CG  OD2  sing N N 67  
ASP OD2 HD2  sing N N 68  
ASP OXT HXT  sing N N 69  
CYS N   CA   sing N N 70  
CYS N   H    sing N N 71  
CYS N   H2   sing N N 72  
CYS CA  C    sing N N 73  
CYS CA  CB   sing N N 74  
CYS CA  HA   sing N N 75  
CYS C   O    doub N N 76  
CYS C   OXT  sing N N 77  
CYS CB  SG   sing N N 78  
CYS CB  HB2  sing N N 79  
CYS CB  HB3  sing N N 80  
CYS SG  HG   sing N N 81  
CYS OXT HXT  sing N N 82  
GLN N   CA   sing N N 83  
GLN N   H    sing N N 84  
GLN N   H2   sing N N 85  
GLN CA  C    sing N N 86  
GLN CA  CB   sing N N 87  
GLN CA  HA   sing N N 88  
GLN C   O    doub N N 89  
GLN C   OXT  sing N N 90  
GLN CB  CG   sing N N 91  
GLN CB  HB2  sing N N 92  
GLN CB  HB3  sing N N 93  
GLN CG  CD   sing N N 94  
GLN CG  HG2  sing N N 95  
GLN CG  HG3  sing N N 96  
GLN CD  OE1  doub N N 97  
GLN CD  NE2  sing N N 98  
GLN NE2 HE21 sing N N 99  
GLN NE2 HE22 sing N N 100 
GLN OXT HXT  sing N N 101 
GLU N   CA   sing N N 102 
GLU N   H    sing N N 103 
GLU N   H2   sing N N 104 
GLU CA  C    sing N N 105 
GLU CA  CB   sing N N 106 
GLU CA  HA   sing N N 107 
GLU C   O    doub N N 108 
GLU C   OXT  sing N N 109 
GLU CB  CG   sing N N 110 
GLU CB  HB2  sing N N 111 
GLU CB  HB3  sing N N 112 
GLU CG  CD   sing N N 113 
GLU CG  HG2  sing N N 114 
GLU CG  HG3  sing N N 115 
GLU CD  OE1  doub N N 116 
GLU CD  OE2  sing N N 117 
GLU OE2 HE2  sing N N 118 
GLU OXT HXT  sing N N 119 
GLY N   CA   sing N N 120 
GLY N   H    sing N N 121 
GLY N   H2   sing N N 122 
GLY CA  C    sing N N 123 
GLY CA  HA2  sing N N 124 
GLY CA  HA3  sing N N 125 
GLY C   O    doub N N 126 
GLY C   OXT  sing N N 127 
GLY OXT HXT  sing N N 128 
HIS N   CA   sing N N 129 
HIS N   H    sing N N 130 
HIS N   H2   sing N N 131 
HIS CA  C    sing N N 132 
HIS CA  CB   sing N N 133 
HIS CA  HA   sing N N 134 
HIS C   O    doub N N 135 
HIS C   OXT  sing N N 136 
HIS CB  CG   sing N N 137 
HIS CB  HB2  sing N N 138 
HIS CB  HB3  sing N N 139 
HIS CG  ND1  sing Y N 140 
HIS CG  CD2  doub Y N 141 
HIS ND1 CE1  doub Y N 142 
HIS ND1 HD1  sing N N 143 
HIS CD2 NE2  sing Y N 144 
HIS CD2 HD2  sing N N 145 
HIS CE1 NE2  sing Y N 146 
HIS CE1 HE1  sing N N 147 
HIS NE2 HE2  sing N N 148 
HIS OXT HXT  sing N N 149 
HOH O   H1   sing N N 150 
HOH O   H2   sing N N 151 
ILE N   CA   sing N N 152 
ILE N   H    sing N N 153 
ILE N   H2   sing N N 154 
ILE CA  C    sing N N 155 
ILE CA  CB   sing N N 156 
ILE CA  HA   sing N N 157 
ILE C   O    doub N N 158 
ILE C   OXT  sing N N 159 
ILE CB  CG1  sing N N 160 
ILE CB  CG2  sing N N 161 
ILE CB  HB   sing N N 162 
ILE CG1 CD1  sing N N 163 
ILE CG1 HG12 sing N N 164 
ILE CG1 HG13 sing N N 165 
ILE CG2 HG21 sing N N 166 
ILE CG2 HG22 sing N N 167 
ILE CG2 HG23 sing N N 168 
ILE CD1 HD11 sing N N 169 
ILE CD1 HD12 sing N N 170 
ILE CD1 HD13 sing N N 171 
ILE OXT HXT  sing N N 172 
LEU N   CA   sing N N 173 
LEU N   H    sing N N 174 
LEU N   H2   sing N N 175 
LEU CA  C    sing N N 176 
LEU CA  CB   sing N N 177 
LEU CA  HA   sing N N 178 
LEU C   O    doub N N 179 
LEU C   OXT  sing N N 180 
LEU CB  CG   sing N N 181 
LEU CB  HB2  sing N N 182 
LEU CB  HB3  sing N N 183 
LEU CG  CD1  sing N N 184 
LEU CG  CD2  sing N N 185 
LEU CG  HG   sing N N 186 
LEU CD1 HD11 sing N N 187 
LEU CD1 HD12 sing N N 188 
LEU CD1 HD13 sing N N 189 
LEU CD2 HD21 sing N N 190 
LEU CD2 HD22 sing N N 191 
LEU CD2 HD23 sing N N 192 
LEU OXT HXT  sing N N 193 
LYS N   CA   sing N N 194 
LYS N   H    sing N N 195 
LYS N   H2   sing N N 196 
LYS CA  C    sing N N 197 
LYS CA  CB   sing N N 198 
LYS CA  HA   sing N N 199 
LYS C   O    doub N N 200 
LYS C   OXT  sing N N 201 
LYS CB  CG   sing N N 202 
LYS CB  HB2  sing N N 203 
LYS CB  HB3  sing N N 204 
LYS CG  CD   sing N N 205 
LYS CG  HG2  sing N N 206 
LYS CG  HG3  sing N N 207 
LYS CD  CE   sing N N 208 
LYS CD  HD2  sing N N 209 
LYS CD  HD3  sing N N 210 
LYS CE  NZ   sing N N 211 
LYS CE  HE2  sing N N 212 
LYS CE  HE3  sing N N 213 
LYS NZ  HZ1  sing N N 214 
LYS NZ  HZ2  sing N N 215 
LYS NZ  HZ3  sing N N 216 
LYS OXT HXT  sing N N 217 
MET N   CA   sing N N 218 
MET N   H    sing N N 219 
MET N   H2   sing N N 220 
MET CA  C    sing N N 221 
MET CA  CB   sing N N 222 
MET CA  HA   sing N N 223 
MET C   O    doub N N 224 
MET C   OXT  sing N N 225 
MET CB  CG   sing N N 226 
MET CB  HB2  sing N N 227 
MET CB  HB3  sing N N 228 
MET CG  SD   sing N N 229 
MET CG  HG2  sing N N 230 
MET CG  HG3  sing N N 231 
MET SD  CE   sing N N 232 
MET CE  HE1  sing N N 233 
MET CE  HE2  sing N N 234 
MET CE  HE3  sing N N 235 
MET OXT HXT  sing N N 236 
PHE N   CA   sing N N 237 
PHE N   H    sing N N 238 
PHE N   H2   sing N N 239 
PHE CA  C    sing N N 240 
PHE CA  CB   sing N N 241 
PHE CA  HA   sing N N 242 
PHE C   O    doub N N 243 
PHE C   OXT  sing N N 244 
PHE CB  CG   sing N N 245 
PHE CB  HB2  sing N N 246 
PHE CB  HB3  sing N N 247 
PHE CG  CD1  doub Y N 248 
PHE CG  CD2  sing Y N 249 
PHE CD1 CE1  sing Y N 250 
PHE CD1 HD1  sing N N 251 
PHE CD2 CE2  doub Y N 252 
PHE CD2 HD2  sing N N 253 
PHE CE1 CZ   doub Y N 254 
PHE CE1 HE1  sing N N 255 
PHE CE2 CZ   sing Y N 256 
PHE CE2 HE2  sing N N 257 
PHE CZ  HZ   sing N N 258 
PHE OXT HXT  sing N N 259 
PRO N   CA   sing N N 260 
PRO N   CD   sing N N 261 
PRO N   H    sing N N 262 
PRO CA  C    sing N N 263 
PRO CA  CB   sing N N 264 
PRO CA  HA   sing N N 265 
PRO C   O    doub N N 266 
PRO C   OXT  sing N N 267 
PRO CB  CG   sing N N 268 
PRO CB  HB2  sing N N 269 
PRO CB  HB3  sing N N 270 
PRO CG  CD   sing N N 271 
PRO CG  HG2  sing N N 272 
PRO CG  HG3  sing N N 273 
PRO CD  HD2  sing N N 274 
PRO CD  HD3  sing N N 275 
PRO OXT HXT  sing N N 276 
SER N   CA   sing N N 277 
SER N   H    sing N N 278 
SER N   H2   sing N N 279 
SER CA  C    sing N N 280 
SER CA  CB   sing N N 281 
SER CA  HA   sing N N 282 
SER C   O    doub N N 283 
SER C   OXT  sing N N 284 
SER CB  OG   sing N N 285 
SER CB  HB2  sing N N 286 
SER CB  HB3  sing N N 287 
SER OG  HG   sing N N 288 
SER OXT HXT  sing N N 289 
THR N   CA   sing N N 290 
THR N   H    sing N N 291 
THR N   H2   sing N N 292 
THR CA  C    sing N N 293 
THR CA  CB   sing N N 294 
THR CA  HA   sing N N 295 
THR C   O    doub N N 296 
THR C   OXT  sing N N 297 
THR CB  OG1  sing N N 298 
THR CB  CG2  sing N N 299 
THR CB  HB   sing N N 300 
THR OG1 HG1  sing N N 301 
THR CG2 HG21 sing N N 302 
THR CG2 HG22 sing N N 303 
THR CG2 HG23 sing N N 304 
THR OXT HXT  sing N N 305 
TRP N   CA   sing N N 306 
TRP N   H    sing N N 307 
TRP N   H2   sing N N 308 
TRP CA  C    sing N N 309 
TRP CA  CB   sing N N 310 
TRP CA  HA   sing N N 311 
TRP C   O    doub N N 312 
TRP C   OXT  sing N N 313 
TRP CB  CG   sing N N 314 
TRP CB  HB2  sing N N 315 
TRP CB  HB3  sing N N 316 
TRP CG  CD1  doub Y N 317 
TRP CG  CD2  sing Y N 318 
TRP CD1 NE1  sing Y N 319 
TRP CD1 HD1  sing N N 320 
TRP CD2 CE2  doub Y N 321 
TRP CD2 CE3  sing Y N 322 
TRP NE1 CE2  sing Y N 323 
TRP NE1 HE1  sing N N 324 
TRP CE2 CZ2  sing Y N 325 
TRP CE3 CZ3  doub Y N 326 
TRP CE3 HE3  sing N N 327 
TRP CZ2 CH2  doub Y N 328 
TRP CZ2 HZ2  sing N N 329 
TRP CZ3 CH2  sing Y N 330 
TRP CZ3 HZ3  sing N N 331 
TRP CH2 HH2  sing N N 332 
TRP OXT HXT  sing N N 333 
TYR N   CA   sing N N 334 
TYR N   H    sing N N 335 
TYR N   H2   sing N N 336 
TYR CA  C    sing N N 337 
TYR CA  CB   sing N N 338 
TYR CA  HA   sing N N 339 
TYR C   O    doub N N 340 
TYR C   OXT  sing N N 341 
TYR CB  CG   sing N N 342 
TYR CB  HB2  sing N N 343 
TYR CB  HB3  sing N N 344 
TYR CG  CD1  doub Y N 345 
TYR CG  CD2  sing Y N 346 
TYR CD1 CE1  sing Y N 347 
TYR CD1 HD1  sing N N 348 
TYR CD2 CE2  doub Y N 349 
TYR CD2 HD2  sing N N 350 
TYR CE1 CZ   doub Y N 351 
TYR CE1 HE1  sing N N 352 
TYR CE2 CZ   sing Y N 353 
TYR CE2 HE2  sing N N 354 
TYR CZ  OH   sing N N 355 
TYR OH  HH   sing N N 356 
TYR OXT HXT  sing N N 357 
VAL N   CA   sing N N 358 
VAL N   H    sing N N 359 
VAL N   H2   sing N N 360 
VAL CA  C    sing N N 361 
VAL CA  CB   sing N N 362 
VAL CA  HA   sing N N 363 
VAL C   O    doub N N 364 
VAL C   OXT  sing N N 365 
VAL CB  CG1  sing N N 366 
VAL CB  CG2  sing N N 367 
VAL CB  HB   sing N N 368 
VAL CG1 HG11 sing N N 369 
VAL CG1 HG12 sing N N 370 
VAL CG1 HG13 sing N N 371 
VAL CG2 HG21 sing N N 372 
VAL CG2 HG22 sing N N 373 
VAL CG2 HG23 sing N N 374 
VAL OXT HXT  sing N N 375 
# 
loop_
_pdbx_audit_support.funding_organization 
_pdbx_audit_support.country 
_pdbx_audit_support.grant_number 
_pdbx_audit_support.ordinal 
'National Institutes of Health/National Cancer Institute (NIH/NCI)' 'United States' CA16059 1 
'Center for Biologics Evaluation and Research (CBER)/FDA'           'United States' ?       2 
# 
_pdbx_entity_nonpoly.entity_id   2 
_pdbx_entity_nonpoly.name        water 
_pdbx_entity_nonpoly.comp_id     HOH 
# 
_pdbx_initial_refinement_model.id               1 
_pdbx_initial_refinement_model.entity_id_list   ? 
_pdbx_initial_refinement_model.type             'experimental model' 
_pdbx_initial_refinement_model.source_name      PDB 
_pdbx_initial_refinement_model.accession_code   1EA3 
_pdbx_initial_refinement_model.details          ? 
# 
_pdbx_struct_assembly_auth_evidence.id                     1 
_pdbx_struct_assembly_auth_evidence.assembly_id            1 
_pdbx_struct_assembly_auth_evidence.experimental_support   'gel filtration' 
_pdbx_struct_assembly_auth_evidence.details                ? 
# 
